data_5KLE
# 
_entry.id   5KLE 
# 
_audit_conform.dict_name       mmcif_pdbx.dic 
_audit_conform.dict_version    5.397 
_audit_conform.dict_location   http://mmcif.pdb.org/dictionaries/ascii/mmcif_pdbx.dic 
# 
loop_
_database_2.database_id 
_database_2.database_code 
_database_2.pdbx_database_accession 
_database_2.pdbx_DOI 
PDB   5KLE         pdb_00005kle 10.2210/pdb5kle/pdb 
WWPDB D_1000222418 ?            ?                   
# 
loop_
_pdbx_audit_revision_history.ordinal 
_pdbx_audit_revision_history.data_content_type 
_pdbx_audit_revision_history.major_revision 
_pdbx_audit_revision_history.minor_revision 
_pdbx_audit_revision_history.revision_date 
1 'Structure model' 1 0 2016-09-21 
2 'Structure model' 1 1 2016-11-16 
3 'Structure model' 1 2 2018-01-17 
4 'Structure model' 1 3 2019-04-17 
5 'Structure model' 1 4 2020-01-01 
6 'Structure model' 2 0 2020-07-29 
7 'Structure model' 2 1 2023-09-27 
8 'Structure model' 2 2 2024-10-23 
# 
loop_
_pdbx_audit_revision_details.ordinal 
_pdbx_audit_revision_details.revision_ordinal 
_pdbx_audit_revision_details.data_content_type 
_pdbx_audit_revision_details.provider 
_pdbx_audit_revision_details.type 
_pdbx_audit_revision_details.description 
_pdbx_audit_revision_details.details 
1 1 'Structure model' repository 'Initial release' ?                          ? 
2 6 'Structure model' repository Remediation       'Carbohydrate remediation' ? 
# 
loop_
_pdbx_audit_revision_group.ordinal 
_pdbx_audit_revision_group.revision_ordinal 
_pdbx_audit_revision_group.data_content_type 
_pdbx_audit_revision_group.group 
1  2 'Structure model' 'Database references'        
2  3 'Structure model' 'Author supporting evidence' 
3  3 'Structure model' 'Database references'        
4  3 'Structure model' 'Derived calculations'       
5  4 'Structure model' 'Author supporting evidence' 
6  4 'Structure model' 'Data collection'            
7  5 'Structure model' 'Author supporting evidence' 
8  6 'Structure model' 'Atomic model'               
9  6 'Structure model' 'Data collection'            
10 6 'Structure model' 'Derived calculations'       
11 6 'Structure model' 'Non-polymer description'    
12 6 'Structure model' 'Structure summary'          
13 7 'Structure model' 'Data collection'            
14 7 'Structure model' 'Database references'        
15 7 'Structure model' 'Refinement description'     
16 7 'Structure model' 'Structure summary'          
17 8 'Structure model' 'Structure summary'          
# 
loop_
_pdbx_audit_revision_category.ordinal 
_pdbx_audit_revision_category.revision_ordinal 
_pdbx_audit_revision_category.data_content_type 
_pdbx_audit_revision_category.category 
1  3 'Structure model' citation                      
2  3 'Structure model' pdbx_audit_support            
3  3 'Structure model' pdbx_struct_oper_list         
4  4 'Structure model' pdbx_audit_support            
5  5 'Structure model' pdbx_audit_support            
6  6 'Structure model' atom_site                     
7  6 'Structure model' chem_comp                     
8  6 'Structure model' entity                        
9  6 'Structure model' entity_name_com               
10 6 'Structure model' pdbx_branch_scheme            
11 6 'Structure model' pdbx_chem_comp_identifier     
12 6 'Structure model' pdbx_entity_branch            
13 6 'Structure model' pdbx_entity_branch_descriptor 
14 6 'Structure model' pdbx_entity_branch_link       
15 6 'Structure model' pdbx_entity_branch_list       
16 6 'Structure model' pdbx_entity_nonpoly           
17 6 'Structure model' pdbx_molecule_features        
18 6 'Structure model' pdbx_nonpoly_scheme           
19 6 'Structure model' pdbx_struct_special_symmetry  
20 6 'Structure model' struct_conn                   
21 6 'Structure model' struct_conn_type              
22 6 'Structure model' struct_site                   
23 6 'Structure model' struct_site_gen               
24 7 'Structure model' chem_comp                     
25 7 'Structure model' chem_comp_atom                
26 7 'Structure model' chem_comp_bond                
27 7 'Structure model' database_2                    
28 7 'Structure model' pdbx_initial_refinement_model 
29 8 'Structure model' pdbx_entry_details            
30 8 'Structure model' pdbx_modification_feature     
# 
loop_
_pdbx_audit_revision_item.ordinal 
_pdbx_audit_revision_item.revision_ordinal 
_pdbx_audit_revision_item.data_content_type 
_pdbx_audit_revision_item.item 
1  3 'Structure model' '_citation.journal_id_CSD'                    
2  3 'Structure model' '_pdbx_audit_support.funding_organization'    
3  3 'Structure model' '_pdbx_struct_oper_list.symmetry_operation'   
4  4 'Structure model' '_pdbx_audit_support.funding_organization'    
5  5 'Structure model' '_pdbx_audit_support.funding_organization'    
6  6 'Structure model' '_atom_site.B_iso_or_equiv'                   
7  6 'Structure model' '_atom_site.Cartn_x'                          
8  6 'Structure model' '_atom_site.Cartn_y'                          
9  6 'Structure model' '_atom_site.Cartn_z'                          
10 6 'Structure model' '_atom_site.auth_asym_id'                     
11 6 'Structure model' '_atom_site.auth_atom_id'                     
12 6 'Structure model' '_atom_site.auth_comp_id'                     
13 6 'Structure model' '_atom_site.auth_seq_id'                      
14 6 'Structure model' '_atom_site.label_atom_id'                    
15 6 'Structure model' '_atom_site.label_comp_id'                    
16 6 'Structure model' '_atom_site.type_symbol'                      
17 6 'Structure model' '_chem_comp.formula'                          
18 6 'Structure model' '_chem_comp.formula_weight'                   
19 6 'Structure model' '_chem_comp.id'                               
20 6 'Structure model' '_chem_comp.name'                             
21 6 'Structure model' '_chem_comp.type'                             
22 6 'Structure model' '_entity.formula_weight'                      
23 6 'Structure model' '_entity.pdbx_description'                    
24 6 'Structure model' '_entity.type'                                
25 6 'Structure model' '_pdbx_struct_special_symmetry.auth_asym_id'  
26 6 'Structure model' '_pdbx_struct_special_symmetry.auth_comp_id'  
27 6 'Structure model' '_pdbx_struct_special_symmetry.auth_seq_id'   
28 6 'Structure model' '_pdbx_struct_special_symmetry.label_comp_id' 
29 7 'Structure model' '_chem_comp.pdbx_synonyms'                    
30 7 'Structure model' '_database_2.pdbx_DOI'                        
31 7 'Structure model' '_database_2.pdbx_database_accession'         
# 
_pdbx_database_status.status_code                     REL 
_pdbx_database_status.status_code_sf                  REL 
_pdbx_database_status.status_code_mr                  ? 
_pdbx_database_status.entry_id                        5KLE 
_pdbx_database_status.recvd_initial_deposition_date   2016-06-24 
_pdbx_database_status.SG_entry                        N 
_pdbx_database_status.deposit_site                    RCSB 
_pdbx_database_status.process_site                    RCSB 
_pdbx_database_status.status_code_cs                  ? 
_pdbx_database_status.methods_development_category    ? 
_pdbx_database_status.pdb_format_compatible           Y 
_pdbx_database_status.status_code_nmr_data            ? 
# 
loop_
_pdbx_database_related.db_name 
_pdbx_database_related.details 
_pdbx_database_related.db_id 
_pdbx_database_related.content_type 
PDB . 5KLC unspecified 
PDB . 5KLF unspecified 
# 
loop_
_audit_author.name 
_audit_author.pdbx_ordinal 
'Liberato, M.V.' 1 
'Campos, B.M.'   2 
'Zeri, A.C.M.'   3 
'Squina, F.M.'   4 
# 
_citation.abstract                  ? 
_citation.abstract_id_CAS           ? 
_citation.book_id_ISBN              ? 
_citation.book_publisher            ? 
_citation.book_publisher_city       ? 
_citation.book_title                ? 
_citation.coordinate_linkage        ? 
_citation.country                   US 
_citation.database_id_Medline       ? 
_citation.details                   ? 
_citation.id                        primary 
_citation.journal_abbrev            J.Biol.Chem. 
_citation.journal_id_ASTM           JBCHA3 
_citation.journal_id_CSD            0071 
_citation.journal_id_ISSN           1083-351X 
_citation.journal_full              ? 
_citation.journal_issue             ? 
_citation.journal_volume            291 
_citation.language                  ? 
_citation.page_first                23734 
_citation.page_last                 23743 
_citation.title                     
;A Novel Carbohydrate-binding Module from Sugar Cane Soil Metagenome Featuring Unique Structural and Carbohydrate Affinity Properties.
;
_citation.year                      2016 
_citation.database_id_CSD           ? 
_citation.pdbx_database_id_DOI      10.1074/jbc.M116.744383 
_citation.pdbx_database_id_PubMed   27621314 
_citation.unpublished_flag          ? 
# 
loop_
_citation_author.citation_id 
_citation_author.name 
_citation_author.ordinal 
_citation_author.identifier_ORCID 
primary 'Campos, B.M.'     1  ? 
primary 'Liberato, M.V.'   2  ? 
primary 'Alvarez, T.M.'    3  ? 
primary 'Zanphorlin, L.M.' 4  ? 
primary 'Ematsu, G.C.'     5  ? 
primary 'Barud, H.'        6  ? 
primary 'Polikarpov, I.'   7  ? 
primary 'Ruller, R.'       8  ? 
primary 'Gilbert, H.J.'    9  ? 
primary 'Zeri, A.C.'       10 ? 
primary 'Squina, F.M.'     11 ? 
# 
loop_
_entity.id 
_entity.type 
_entity.src_method 
_entity.pdbx_description 
_entity.formula_weight 
_entity.pdbx_number_of_molecules 
_entity.pdbx_ec 
_entity.pdbx_mutation 
_entity.pdbx_fragment 
_entity.details 
1 polymer  man 'Carbohydrate binding module E1' 10011.957 1   ? ? ? ? 
2 branched man 
'beta-D-glucopyranose-(1-4)-beta-D-glucopyranose-(1-4)-beta-D-glucopyranose-(1-4)-beta-D-glucopyranose-(1-4)-beta-D-glucopyranose' 
828.719   1   ? ? ? ? 
3 water    nat water 18.015    182 ? ? ? ? 
# 
_entity_name_com.entity_id   2 
_entity_name_com.name        beta-cellopentaose 
# 
_entity_poly.entity_id                      1 
_entity_poly.type                           'polypeptide(L)' 
_entity_poly.nstd_linkage                   no 
_entity_poly.nstd_monomer                   no 
_entity_poly.pdbx_seq_one_letter_code       
;GSHMSASCGSGNFNKTAAKGVEFSAVAGDCIKYNKSSGTLQIGSWTGVASSYNITSGPQGITNTGNGWTTVANAANGDLY
IKIVSASRSFNVKFDNW
;
_entity_poly.pdbx_seq_one_letter_code_can   
;GSHMSASCGSGNFNKTAAKGVEFSAVAGDCIKYNKSSGTLQIGSWTGVASSYNITSGPQGITNTGNGWTTVANAANGDLY
IKIVSASRSFNVKFDNW
;
_entity_poly.pdbx_strand_id                 A 
_entity_poly.pdbx_target_identifier         ? 
# 
_pdbx_entity_nonpoly.entity_id   3 
_pdbx_entity_nonpoly.name        water 
_pdbx_entity_nonpoly.comp_id     HOH 
# 
loop_
_entity_poly_seq.entity_id 
_entity_poly_seq.num 
_entity_poly_seq.mon_id 
_entity_poly_seq.hetero 
1 1  GLY n 
1 2  SER n 
1 3  HIS n 
1 4  MET n 
1 5  SER n 
1 6  ALA n 
1 7  SER n 
1 8  CYS n 
1 9  GLY n 
1 10 SER n 
1 11 GLY n 
1 12 ASN n 
1 13 PHE n 
1 14 ASN n 
1 15 LYS n 
1 16 THR n 
1 17 ALA n 
1 18 ALA n 
1 19 LYS n 
1 20 GLY n 
1 21 VAL n 
1 22 GLU n 
1 23 PHE n 
1 24 SER n 
1 25 ALA n 
1 26 VAL n 
1 27 ALA n 
1 28 GLY n 
1 29 ASP n 
1 30 CYS n 
1 31 ILE n 
1 32 LYS n 
1 33 TYR n 
1 34 ASN n 
1 35 LYS n 
1 36 SER n 
1 37 SER n 
1 38 GLY n 
1 39 THR n 
1 40 LEU n 
1 41 GLN n 
1 42 ILE n 
1 43 GLY n 
1 44 SER n 
1 45 TRP n 
1 46 THR n 
1 47 GLY n 
1 48 VAL n 
1 49 ALA n 
1 50 SER n 
1 51 SER n 
1 52 TYR n 
1 53 ASN n 
1 54 ILE n 
1 55 THR n 
1 56 SER n 
1 57 GLY n 
1 58 PRO n 
1 59 GLN n 
1 60 GLY n 
1 61 ILE n 
1 62 THR n 
1 63 ASN n 
1 64 THR n 
1 65 GLY n 
1 66 ASN n 
1 67 GLY n 
1 68 TRP n 
1 69 THR n 
1 70 THR n 
1 71 VAL n 
1 72 ALA n 
1 73 ASN n 
1 74 ALA n 
1 75 ALA n 
1 76 ASN n 
1 77 GLY n 
1 78 ASP n 
1 79 LEU n 
1 80 TYR n 
1 81 ILE n 
1 82 LYS n 
1 83 ILE n 
1 84 VAL n 
1 85 SER n 
1 86 ALA n 
1 87 SER n 
1 88 ARG n 
1 89 SER n 
1 90 PHE n 
1 91 ASN n 
1 92 VAL n 
1 93 LYS n 
1 94 PHE n 
1 95 ASP n 
1 96 ASN n 
1 97 TRP n 
# 
_entity_src_gen.entity_id                          1 
_entity_src_gen.pdbx_src_id                        1 
_entity_src_gen.pdbx_alt_source_flag               sample 
_entity_src_gen.pdbx_seq_type                      'Biological sequence' 
_entity_src_gen.pdbx_beg_seq_num                   1 
_entity_src_gen.pdbx_end_seq_num                   97 
_entity_src_gen.gene_src_common_name               ? 
_entity_src_gen.gene_src_genus                     ? 
_entity_src_gen.pdbx_gene_src_gene                 ? 
_entity_src_gen.gene_src_species                   ? 
_entity_src_gen.gene_src_strain                    ? 
_entity_src_gen.gene_src_tissue                    ? 
_entity_src_gen.gene_src_tissue_fraction           ? 
_entity_src_gen.gene_src_details                   ? 
_entity_src_gen.pdbx_gene_src_fragment             ? 
_entity_src_gen.pdbx_gene_src_scientific_name      'uncultured bacterium' 
_entity_src_gen.pdbx_gene_src_ncbi_taxonomy_id     77133 
_entity_src_gen.pdbx_gene_src_variant              ? 
_entity_src_gen.pdbx_gene_src_cell_line            ? 
_entity_src_gen.pdbx_gene_src_atcc                 ? 
_entity_src_gen.pdbx_gene_src_organ                ? 
_entity_src_gen.pdbx_gene_src_organelle            ? 
_entity_src_gen.pdbx_gene_src_cell                 ? 
_entity_src_gen.pdbx_gene_src_cellular_location    ? 
_entity_src_gen.host_org_common_name               ? 
_entity_src_gen.pdbx_host_org_scientific_name      'Escherichia coli' 
_entity_src_gen.pdbx_host_org_ncbi_taxonomy_id     562 
_entity_src_gen.host_org_genus                     ? 
_entity_src_gen.pdbx_host_org_gene                 ? 
_entity_src_gen.pdbx_host_org_organ                ? 
_entity_src_gen.host_org_species                   ? 
_entity_src_gen.pdbx_host_org_tissue               ? 
_entity_src_gen.pdbx_host_org_tissue_fraction      ? 
_entity_src_gen.pdbx_host_org_strain               ? 
_entity_src_gen.pdbx_host_org_variant              ? 
_entity_src_gen.pdbx_host_org_cell_line            ? 
_entity_src_gen.pdbx_host_org_atcc                 ? 
_entity_src_gen.pdbx_host_org_culture_collection   ? 
_entity_src_gen.pdbx_host_org_cell                 ? 
_entity_src_gen.pdbx_host_org_organelle            ? 
_entity_src_gen.pdbx_host_org_cellular_location    ? 
_entity_src_gen.pdbx_host_org_vector_type          ? 
_entity_src_gen.pdbx_host_org_vector               ? 
_entity_src_gen.host_org_details                   ? 
_entity_src_gen.expression_system_id               ? 
_entity_src_gen.plasmid_name                       ? 
_entity_src_gen.plasmid_details                    ? 
_entity_src_gen.pdbx_description                   ? 
# 
_pdbx_entity_branch.entity_id   2 
_pdbx_entity_branch.type        oligosaccharide 
# 
loop_
_pdbx_entity_branch_descriptor.ordinal 
_pdbx_entity_branch_descriptor.entity_id 
_pdbx_entity_branch_descriptor.descriptor 
_pdbx_entity_branch_descriptor.type 
_pdbx_entity_branch_descriptor.program 
_pdbx_entity_branch_descriptor.program_version 
1 2 DGlcpb1-4DGlcpb1-4DGlcpb1-4DGlcpb1-4DGlcpb1-ROH                                              'Glycam Condensed Sequence' GMML 
1.0   
2 2 'WURCS=2.0/1,5,4/[a2122h-1b_1-5]/1-1-1-1-1/a4-b1_b4-c1_c4-d1_d4-e1'                          WURCS                       
PDB2Glycan 1.1.0 
3 2 '[][b-D-Glcp]{[(4+1)][b-D-Glcp]{[(4+1)][b-D-Glcp]{[(4+1)][b-D-Glcp]{[(4+1)][b-D-Glcp]{}}}}}' LINUCS                      
PDB-CARE   ?     
# 
loop_
_pdbx_entity_branch_link.link_id 
_pdbx_entity_branch_link.entity_id 
_pdbx_entity_branch_link.entity_branch_list_num_1 
_pdbx_entity_branch_link.comp_id_1 
_pdbx_entity_branch_link.atom_id_1 
_pdbx_entity_branch_link.leaving_atom_id_1 
_pdbx_entity_branch_link.entity_branch_list_num_2 
_pdbx_entity_branch_link.comp_id_2 
_pdbx_entity_branch_link.atom_id_2 
_pdbx_entity_branch_link.leaving_atom_id_2 
_pdbx_entity_branch_link.value_order 
_pdbx_entity_branch_link.details 
1 2 2 BGC C1 O1 1 BGC O4 HO4 sing ? 
2 2 3 BGC C1 O1 2 BGC O4 HO4 sing ? 
3 2 4 BGC C1 O1 3 BGC O4 HO4 sing ? 
4 2 5 BGC C1 O1 4 BGC O4 HO4 sing ? 
# 
loop_
_chem_comp.id 
_chem_comp.type 
_chem_comp.mon_nstd_flag 
_chem_comp.name 
_chem_comp.pdbx_synonyms 
_chem_comp.formula 
_chem_comp.formula_weight 
ALA 'L-peptide linking'          y ALANINE              ?                                    'C3 H7 N O2'     89.093  
ARG 'L-peptide linking'          y ARGININE             ?                                    'C6 H15 N4 O2 1' 175.209 
ASN 'L-peptide linking'          y ASPARAGINE           ?                                    'C4 H8 N2 O3'    132.118 
ASP 'L-peptide linking'          y 'ASPARTIC ACID'      ?                                    'C4 H7 N O4'     133.103 
BGC 'D-saccharide, beta linking' . beta-D-glucopyranose 'beta-D-glucose; D-glucose; glucose' 'C6 H12 O6'      180.156 
CYS 'L-peptide linking'          y CYSTEINE             ?                                    'C3 H7 N O2 S'   121.158 
GLN 'L-peptide linking'          y GLUTAMINE            ?                                    'C5 H10 N2 O3'   146.144 
GLU 'L-peptide linking'          y 'GLUTAMIC ACID'      ?                                    'C5 H9 N O4'     147.129 
GLY 'peptide linking'            y GLYCINE              ?                                    'C2 H5 N O2'     75.067  
HIS 'L-peptide linking'          y HISTIDINE            ?                                    'C6 H10 N3 O2 1' 156.162 
HOH non-polymer                  . WATER                ?                                    'H2 O'           18.015  
ILE 'L-peptide linking'          y ISOLEUCINE           ?                                    'C6 H13 N O2'    131.173 
LEU 'L-peptide linking'          y LEUCINE              ?                                    'C6 H13 N O2'    131.173 
LYS 'L-peptide linking'          y LYSINE               ?                                    'C6 H15 N2 O2 1' 147.195 
MET 'L-peptide linking'          y METHIONINE           ?                                    'C5 H11 N O2 S'  149.211 
PHE 'L-peptide linking'          y PHENYLALANINE        ?                                    'C9 H11 N O2'    165.189 
PRO 'L-peptide linking'          y PROLINE              ?                                    'C5 H9 N O2'     115.130 
SER 'L-peptide linking'          y SERINE               ?                                    'C3 H7 N O3'     105.093 
THR 'L-peptide linking'          y THREONINE            ?                                    'C4 H9 N O3'     119.119 
TRP 'L-peptide linking'          y TRYPTOPHAN           ?                                    'C11 H12 N2 O2'  204.225 
TYR 'L-peptide linking'          y TYROSINE             ?                                    'C9 H11 N O3'    181.189 
VAL 'L-peptide linking'          y VALINE               ?                                    'C5 H11 N O2'    117.146 
# 
loop_
_pdbx_chem_comp_identifier.comp_id 
_pdbx_chem_comp_identifier.type 
_pdbx_chem_comp_identifier.program 
_pdbx_chem_comp_identifier.program_version 
_pdbx_chem_comp_identifier.identifier 
BGC 'CONDENSED IUPAC CARBOHYDRATE SYMBOL' GMML     1.0 DGlcpb            
BGC 'COMMON NAME'                         GMML     1.0 b-D-glucopyranose 
BGC 'IUPAC CARBOHYDRATE SYMBOL'           PDB-CARE 1.0 b-D-Glcp          
BGC 'SNFG CARBOHYDRATE SYMBOL'            GMML     1.0 Glc               
# 
loop_
_pdbx_poly_seq_scheme.asym_id 
_pdbx_poly_seq_scheme.entity_id 
_pdbx_poly_seq_scheme.seq_id 
_pdbx_poly_seq_scheme.mon_id 
_pdbx_poly_seq_scheme.ndb_seq_num 
_pdbx_poly_seq_scheme.pdb_seq_num 
_pdbx_poly_seq_scheme.auth_seq_num 
_pdbx_poly_seq_scheme.pdb_mon_id 
_pdbx_poly_seq_scheme.auth_mon_id 
_pdbx_poly_seq_scheme.pdb_strand_id 
_pdbx_poly_seq_scheme.pdb_ins_code 
_pdbx_poly_seq_scheme.hetero 
A 1 1  GLY 1  331 ?   ?   ?   A . n 
A 1 2  SER 2  332 ?   ?   ?   A . n 
A 1 3  HIS 3  333 333 HIS HIS A . n 
A 1 4  MET 4  334 334 MET MET A . n 
A 1 5  SER 5  335 335 SER SER A . n 
A 1 6  ALA 6  336 336 ALA ALA A . n 
A 1 7  SER 7  337 337 SER SER A . n 
A 1 8  CYS 8  338 338 CYS CYS A . n 
A 1 9  GLY 9  339 339 GLY GLY A . n 
A 1 10 SER 10 340 340 SER SER A . n 
A 1 11 GLY 11 341 341 GLY GLY A . n 
A 1 12 ASN 12 342 342 ASN ASN A . n 
A 1 13 PHE 13 343 343 PHE PHE A . n 
A 1 14 ASN 14 344 344 ASN ASN A . n 
A 1 15 LYS 15 345 345 LYS LYS A . n 
A 1 16 THR 16 346 346 THR THR A . n 
A 1 17 ALA 17 347 347 ALA ALA A . n 
A 1 18 ALA 18 348 348 ALA ALA A . n 
A 1 19 LYS 19 349 349 LYS LYS A . n 
A 1 20 GLY 20 350 350 GLY GLY A . n 
A 1 21 VAL 21 351 351 VAL VAL A . n 
A 1 22 GLU 22 352 352 GLU GLU A . n 
A 1 23 PHE 23 353 353 PHE PHE A . n 
A 1 24 SER 24 354 354 SER SER A . n 
A 1 25 ALA 25 355 355 ALA ALA A . n 
A 1 26 VAL 26 356 356 VAL VAL A . n 
A 1 27 ALA 27 357 357 ALA ALA A . n 
A 1 28 GLY 28 358 358 GLY GLY A . n 
A 1 29 ASP 29 359 359 ASP ASP A . n 
A 1 30 CYS 30 360 360 CYS CYS A . n 
A 1 31 ILE 31 361 361 ILE ILE A . n 
A 1 32 LYS 32 362 362 LYS LYS A . n 
A 1 33 TYR 33 363 363 TYR TYR A . n 
A 1 34 ASN 34 364 364 ASN ASN A . n 
A 1 35 LYS 35 365 365 LYS LYS A . n 
A 1 36 SER 36 366 366 SER SER A . n 
A 1 37 SER 37 367 367 SER SER A . n 
A 1 38 GLY 38 368 368 GLY GLY A . n 
A 1 39 THR 39 369 369 THR THR A . n 
A 1 40 LEU 40 370 370 LEU LEU A . n 
A 1 41 GLN 41 371 371 GLN GLN A . n 
A 1 42 ILE 42 372 372 ILE ILE A . n 
A 1 43 GLY 43 373 373 GLY GLY A . n 
A 1 44 SER 44 374 374 SER SER A . n 
A 1 45 TRP 45 375 375 TRP TRP A . n 
A 1 46 THR 46 376 376 THR THR A . n 
A 1 47 GLY 47 377 377 GLY GLY A . n 
A 1 48 VAL 48 378 378 VAL VAL A . n 
A 1 49 ALA 49 379 379 ALA ALA A . n 
A 1 50 SER 50 380 380 SER SER A . n 
A 1 51 SER 51 381 381 SER SER A . n 
A 1 52 TYR 52 382 382 TYR TYR A . n 
A 1 53 ASN 53 383 383 ASN ASN A . n 
A 1 54 ILE 54 384 384 ILE ILE A . n 
A 1 55 THR 55 385 385 THR THR A . n 
A 1 56 SER 56 386 386 SER SER A . n 
A 1 57 GLY 57 387 387 GLY GLY A . n 
A 1 58 PRO 58 388 388 PRO PRO A . n 
A 1 59 GLN 59 389 389 GLN GLN A . n 
A 1 60 GLY 60 390 390 GLY GLY A . n 
A 1 61 ILE 61 391 391 ILE ILE A . n 
A 1 62 THR 62 392 392 THR THR A . n 
A 1 63 ASN 63 393 393 ASN ASN A . n 
A 1 64 THR 64 394 394 THR THR A . n 
A 1 65 GLY 65 395 395 GLY GLY A . n 
A 1 66 ASN 66 396 396 ASN ASN A . n 
A 1 67 GLY 67 397 397 GLY GLY A . n 
A 1 68 TRP 68 398 398 TRP TRP A . n 
A 1 69 THR 69 399 399 THR THR A . n 
A 1 70 THR 70 400 400 THR THR A . n 
A 1 71 VAL 71 401 401 VAL VAL A . n 
A 1 72 ALA 72 402 402 ALA ALA A . n 
A 1 73 ASN 73 403 403 ASN ASN A . n 
A 1 74 ALA 74 404 404 ALA ALA A . n 
A 1 75 ALA 75 405 405 ALA ALA A . n 
A 1 76 ASN 76 406 406 ASN ASN A . n 
A 1 77 GLY 77 407 407 GLY GLY A . n 
A 1 78 ASP 78 408 408 ASP ASP A . n 
A 1 79 LEU 79 409 409 LEU LEU A . n 
A 1 80 TYR 80 410 410 TYR TYR A . n 
A 1 81 ILE 81 411 411 ILE ILE A . n 
A 1 82 LYS 82 412 412 LYS LYS A . n 
A 1 83 ILE 83 413 413 ILE ILE A . n 
A 1 84 VAL 84 414 414 VAL VAL A . n 
A 1 85 SER 85 415 415 SER SER A . n 
A 1 86 ALA 86 416 416 ALA ALA A . n 
A 1 87 SER 87 417 417 SER SER A . n 
A 1 88 ARG 88 418 418 ARG ARG A . n 
A 1 89 SER 89 419 419 SER SER A . n 
A 1 90 PHE 90 420 420 PHE PHE A . n 
A 1 91 ASN 91 421 421 ASN ASN A . n 
A 1 92 VAL 92 422 422 VAL VAL A . n 
A 1 93 LYS 93 423 423 LYS LYS A . n 
A 1 94 PHE 94 424 424 PHE PHE A . n 
A 1 95 ASP 95 425 425 ASP ASP A . n 
A 1 96 ASN 96 426 426 ASN ASN A . n 
A 1 97 TRP 97 427 427 TRP TRP A . n 
# 
loop_
_pdbx_branch_scheme.asym_id 
_pdbx_branch_scheme.entity_id 
_pdbx_branch_scheme.mon_id 
_pdbx_branch_scheme.num 
_pdbx_branch_scheme.pdb_asym_id 
_pdbx_branch_scheme.pdb_mon_id 
_pdbx_branch_scheme.pdb_seq_num 
_pdbx_branch_scheme.auth_asym_id 
_pdbx_branch_scheme.auth_mon_id 
_pdbx_branch_scheme.auth_seq_num 
_pdbx_branch_scheme.hetero 
B 2 BGC 1 B BGC 1 B CE5 1 n 
B 2 BGC 2 B BGC 2 B CE5 1 n 
B 2 BGC 3 B BGC 3 B CE5 1 n 
B 2 BGC 4 B BGC 4 B CE5 1 n 
B 2 BGC 5 B BGC 5 B CE5 1 n 
# 
loop_
_pdbx_nonpoly_scheme.asym_id 
_pdbx_nonpoly_scheme.entity_id 
_pdbx_nonpoly_scheme.mon_id 
_pdbx_nonpoly_scheme.ndb_seq_num 
_pdbx_nonpoly_scheme.pdb_seq_num 
_pdbx_nonpoly_scheme.auth_seq_num 
_pdbx_nonpoly_scheme.pdb_mon_id 
_pdbx_nonpoly_scheme.auth_mon_id 
_pdbx_nonpoly_scheme.pdb_strand_id 
_pdbx_nonpoly_scheme.pdb_ins_code 
C 3 HOH 1   601 135 HOH HOH A . 
C 3 HOH 2   602 55  HOH HOH A . 
C 3 HOH 3   603 110 HOH HOH A . 
C 3 HOH 4   604 167 HOH HOH A . 
C 3 HOH 5   605 27  HOH HOH A . 
C 3 HOH 6   606 122 HOH HOH A . 
C 3 HOH 7   607 142 HOH HOH A . 
C 3 HOH 8   608 5   HOH HOH A . 
C 3 HOH 9   609 109 HOH HOH A . 
C 3 HOH 10  610 73  HOH HOH A . 
C 3 HOH 11  611 132 HOH HOH A . 
C 3 HOH 12  612 28  HOH HOH A . 
C 3 HOH 13  613 15  HOH HOH A . 
C 3 HOH 14  614 153 HOH HOH A . 
C 3 HOH 15  615 1   HOH HOH A . 
C 3 HOH 16  616 31  HOH HOH A . 
C 3 HOH 17  617 88  HOH HOH A . 
C 3 HOH 18  618 128 HOH HOH A . 
C 3 HOH 19  619 152 HOH HOH A . 
C 3 HOH 20  620 158 HOH HOH A . 
C 3 HOH 21  621 61  HOH HOH A . 
C 3 HOH 22  622 164 HOH HOH A . 
C 3 HOH 23  623 29  HOH HOH A . 
C 3 HOH 24  624 170 HOH HOH A . 
C 3 HOH 25  625 100 HOH HOH A . 
C 3 HOH 26  626 79  HOH HOH A . 
C 3 HOH 27  627 106 HOH HOH A . 
C 3 HOH 28  628 94  HOH HOH A . 
C 3 HOH 29  629 20  HOH HOH A . 
C 3 HOH 30  630 51  HOH HOH A . 
C 3 HOH 31  631 7   HOH HOH A . 
C 3 HOH 32  632 37  HOH HOH A . 
C 3 HOH 33  633 101 HOH HOH A . 
C 3 HOH 34  634 118 HOH HOH A . 
C 3 HOH 35  635 64  HOH HOH A . 
C 3 HOH 36  636 80  HOH HOH A . 
C 3 HOH 37  637 161 HOH HOH A . 
C 3 HOH 38  638 2   HOH HOH A . 
C 3 HOH 39  639 39  HOH HOH A . 
C 3 HOH 40  640 155 HOH HOH A . 
C 3 HOH 41  641 90  HOH HOH A . 
C 3 HOH 42  642 4   HOH HOH A . 
C 3 HOH 43  643 44  HOH HOH A . 
C 3 HOH 44  644 12  HOH HOH A . 
C 3 HOH 45  645 84  HOH HOH A . 
C 3 HOH 46  646 57  HOH HOH A . 
C 3 HOH 47  647 25  HOH HOH A . 
C 3 HOH 48  648 40  HOH HOH A . 
C 3 HOH 49  649 127 HOH HOH A . 
C 3 HOH 50  650 60  HOH HOH A . 
C 3 HOH 51  651 172 HOH HOH A . 
C 3 HOH 52  652 103 HOH HOH A . 
C 3 HOH 53  653 63  HOH HOH A . 
C 3 HOH 54  654 107 HOH HOH A . 
C 3 HOH 55  655 123 HOH HOH A . 
C 3 HOH 56  656 6   HOH HOH A . 
C 3 HOH 57  657 149 HOH HOH A . 
C 3 HOH 58  658 30  HOH HOH A . 
C 3 HOH 59  659 86  HOH HOH A . 
C 3 HOH 60  660 76  HOH HOH A . 
C 3 HOH 61  661 34  HOH HOH A . 
C 3 HOH 62  662 47  HOH HOH A . 
C 3 HOH 63  663 54  HOH HOH A . 
C 3 HOH 64  664 42  HOH HOH A . 
C 3 HOH 65  665 147 HOH HOH A . 
C 3 HOH 66  666 17  HOH HOH A . 
C 3 HOH 67  667 82  HOH HOH A . 
C 3 HOH 68  668 70  HOH HOH A . 
C 3 HOH 69  669 9   HOH HOH A . 
C 3 HOH 70  670 62  HOH HOH A . 
C 3 HOH 71  671 11  HOH HOH A . 
C 3 HOH 72  672 19  HOH HOH A . 
C 3 HOH 73  673 165 HOH HOH A . 
C 3 HOH 74  674 13  HOH HOH A . 
C 3 HOH 75  675 18  HOH HOH A . 
C 3 HOH 76  676 75  HOH HOH A . 
C 3 HOH 77  677 45  HOH HOH A . 
C 3 HOH 78  678 14  HOH HOH A . 
C 3 HOH 79  679 21  HOH HOH A . 
C 3 HOH 80  680 148 HOH HOH A . 
C 3 HOH 81  681 8   HOH HOH A . 
C 3 HOH 82  682 74  HOH HOH A . 
C 3 HOH 83  683 41  HOH HOH A . 
C 3 HOH 84  684 157 HOH HOH A . 
C 3 HOH 85  685 131 HOH HOH A . 
C 3 HOH 86  686 130 HOH HOH A . 
C 3 HOH 87  687 23  HOH HOH A . 
C 3 HOH 88  688 105 HOH HOH A . 
C 3 HOH 89  689 50  HOH HOH A . 
C 3 HOH 90  690 26  HOH HOH A . 
C 3 HOH 91  691 140 HOH HOH A . 
C 3 HOH 92  692 35  HOH HOH A . 
C 3 HOH 93  693 134 HOH HOH A . 
C 3 HOH 94  694 49  HOH HOH A . 
C 3 HOH 95  695 16  HOH HOH A . 
C 3 HOH 96  696 83  HOH HOH A . 
C 3 HOH 97  697 24  HOH HOH A . 
C 3 HOH 98  698 108 HOH HOH A . 
C 3 HOH 99  699 171 HOH HOH A . 
C 3 HOH 100 700 117 HOH HOH A . 
C 3 HOH 101 701 58  HOH HOH A . 
C 3 HOH 102 702 78  HOH HOH A . 
C 3 HOH 103 703 125 HOH HOH A . 
C 3 HOH 104 704 56  HOH HOH A . 
C 3 HOH 105 705 99  HOH HOH A . 
C 3 HOH 106 706 38  HOH HOH A . 
C 3 HOH 107 707 168 HOH HOH A . 
C 3 HOH 108 708 71  HOH HOH A . 
C 3 HOH 109 709 10  HOH HOH A . 
C 3 HOH 110 710 89  HOH HOH A . 
C 3 HOH 111 711 32  HOH HOH A . 
C 3 HOH 112 712 3   HOH HOH A . 
C 3 HOH 113 713 52  HOH HOH A . 
C 3 HOH 114 714 98  HOH HOH A . 
C 3 HOH 115 715 115 HOH HOH A . 
C 3 HOH 116 716 154 HOH HOH A . 
C 3 HOH 117 717 116 HOH HOH A . 
C 3 HOH 118 718 160 HOH HOH A . 
C 3 HOH 119 719 97  HOH HOH A . 
C 3 HOH 120 720 48  HOH HOH A . 
C 3 HOH 121 721 91  HOH HOH A . 
C 3 HOH 122 722 169 HOH HOH A . 
C 3 HOH 123 723 33  HOH HOH A . 
C 3 HOH 124 724 22  HOH HOH A . 
C 3 HOH 125 725 143 HOH HOH A . 
C 3 HOH 126 726 159 HOH HOH A . 
C 3 HOH 127 727 133 HOH HOH A . 
C 3 HOH 128 728 69  HOH HOH A . 
C 3 HOH 129 729 53  HOH HOH A . 
C 3 HOH 130 730 166 HOH HOH A . 
C 3 HOH 131 731 144 HOH HOH A . 
C 3 HOH 132 732 139 HOH HOH A . 
C 3 HOH 133 733 85  HOH HOH A . 
C 3 HOH 134 734 137 HOH HOH A . 
C 3 HOH 135 735 156 HOH HOH A . 
C 3 HOH 136 736 120 HOH HOH A . 
C 3 HOH 137 737 119 HOH HOH A . 
C 3 HOH 138 738 104 HOH HOH A . 
C 3 HOH 139 739 46  HOH HOH A . 
C 3 HOH 140 740 68  HOH HOH A . 
C 3 HOH 141 741 138 HOH HOH A . 
C 3 HOH 142 742 151 HOH HOH A . 
C 3 HOH 143 743 162 HOH HOH A . 
C 3 HOH 144 744 126 HOH HOH A . 
C 3 HOH 145 745 141 HOH HOH A . 
C 3 HOH 146 746 175 HOH HOH A . 
C 3 HOH 147 747 145 HOH HOH A . 
C 3 HOH 148 748 72  HOH HOH A . 
C 3 HOH 149 749 129 HOH HOH A . 
C 3 HOH 150 750 182 HOH HOH A . 
C 3 HOH 151 751 181 HOH HOH A . 
C 3 HOH 152 752 124 HOH HOH A . 
C 3 HOH 153 753 77  HOH HOH A . 
C 3 HOH 154 754 178 HOH HOH A . 
C 3 HOH 155 755 36  HOH HOH A . 
C 3 HOH 156 756 114 HOH HOH A . 
C 3 HOH 157 757 67  HOH HOH A . 
C 3 HOH 158 758 113 HOH HOH A . 
C 3 HOH 159 759 112 HOH HOH A . 
C 3 HOH 160 760 59  HOH HOH A . 
C 3 HOH 161 761 66  HOH HOH A . 
C 3 HOH 162 762 111 HOH HOH A . 
C 3 HOH 163 763 121 HOH HOH A . 
C 3 HOH 164 764 163 HOH HOH A . 
C 3 HOH 165 765 136 HOH HOH A . 
C 3 HOH 166 766 177 HOH HOH A . 
C 3 HOH 167 767 173 HOH HOH A . 
C 3 HOH 168 768 81  HOH HOH A . 
C 3 HOH 169 769 180 HOH HOH A . 
C 3 HOH 170 770 65  HOH HOH A . 
C 3 HOH 171 771 96  HOH HOH A . 
C 3 HOH 172 772 43  HOH HOH A . 
C 3 HOH 173 773 87  HOH HOH A . 
C 3 HOH 174 774 179 HOH HOH A . 
C 3 HOH 175 775 150 HOH HOH A . 
C 3 HOH 176 776 102 HOH HOH A . 
C 3 HOH 177 777 146 HOH HOH A . 
C 3 HOH 178 778 95  HOH HOH A . 
C 3 HOH 179 779 92  HOH HOH A . 
C 3 HOH 180 780 176 HOH HOH A . 
C 3 HOH 181 781 174 HOH HOH A . 
C 3 HOH 182 782 93  HOH HOH A . 
# 
loop_
_software.citation_id 
_software.classification 
_software.compiler_name 
_software.compiler_version 
_software.contact_author 
_software.contact_author_email 
_software.date 
_software.description 
_software.dependencies 
_software.hardware 
_software.language 
_software.location 
_software.mods 
_software.name 
_software.os 
_software.os_version 
_software.type 
_software.version 
_software.pdbx_ordinal 
? refinement        ? ? ? ? ? ? ? ? ? ? ? PHENIX      ? ? ? '(1.10.1_2155)' 1 
? 'data scaling'    ? ? ? ? ? ? ? ? ? ? ? Aimless     ? ? ? 0.5.21          2 
? phasing           ? ? ? ? ? ? ? ? ? ? ? PHASER      ? ? ? 2.6.1           3 
? 'data extraction' ? ? ? ? ? ? ? ? ? ? ? PDB_EXTRACT ? ? ? 3.20            4 
# 
_cell.length_a           88.812 
_cell.length_b           88.812 
_cell.length_c           88.812 
_cell.angle_alpha        90.000 
_cell.angle_beta         90.000 
_cell.angle_gamma        90.000 
_cell.entry_id           5KLE 
_cell.Z_PDB              24 
_cell.pdbx_unique_axis   ? 
# 
_symmetry.space_group_name_H-M             'I 21 3' 
_symmetry.entry_id                         5KLE 
_symmetry.Int_Tables_number                199 
_symmetry.pdbx_full_space_group_name_H-M   ? 
_symmetry.cell_setting                     ? 
# 
_exptl.absorpt_coefficient_mu     ? 
_exptl.absorpt_correction_T_max   ? 
_exptl.absorpt_correction_T_min   ? 
_exptl.absorpt_correction_type    ? 
_exptl.absorpt_process_details    ? 
_exptl.entry_id                   5KLE 
_exptl.crystals_number            1 
_exptl.details                    ? 
_exptl.method                     'X-RAY DIFFRACTION' 
_exptl.method_details             ? 
# 
_exptl_crystal.colour                      ? 
_exptl_crystal.density_diffrn              ? 
_exptl_crystal.density_Matthews            2.96 
_exptl_crystal.density_method              ? 
_exptl_crystal.density_percent_sol         58.42 
_exptl_crystal.description                 ? 
_exptl_crystal.F_000                       ? 
_exptl_crystal.id                          1 
_exptl_crystal.preparation                 ? 
_exptl_crystal.size_max                    ? 
_exptl_crystal.size_mid                    ? 
_exptl_crystal.size_min                    ? 
_exptl_crystal.size_rad                    ? 
_exptl_crystal.colour_lustre               ? 
_exptl_crystal.colour_modifier             ? 
_exptl_crystal.colour_primary              ? 
_exptl_crystal.density_meas                ? 
_exptl_crystal.density_meas_esd            ? 
_exptl_crystal.density_meas_gt             ? 
_exptl_crystal.density_meas_lt             ? 
_exptl_crystal.density_meas_temp           ? 
_exptl_crystal.density_meas_temp_esd       ? 
_exptl_crystal.density_meas_temp_gt        ? 
_exptl_crystal.density_meas_temp_lt        ? 
_exptl_crystal.pdbx_crystal_image_url      ? 
_exptl_crystal.pdbx_crystal_image_format   ? 
_exptl_crystal.pdbx_mosaicity              ? 
_exptl_crystal.pdbx_mosaicity_esd          ? 
# 
_exptl_crystal_grow.apparatus       ? 
_exptl_crystal_grow.atmosphere      ? 
_exptl_crystal_grow.crystal_id      1 
_exptl_crystal_grow.details         ? 
_exptl_crystal_grow.method          'VAPOR DIFFUSION, HANGING DROP' 
_exptl_crystal_grow.method_ref      ? 
_exptl_crystal_grow.pH              ? 
_exptl_crystal_grow.pressure        ? 
_exptl_crystal_grow.pressure_esd    ? 
_exptl_crystal_grow.seeding         ? 
_exptl_crystal_grow.seeding_ref     ? 
_exptl_crystal_grow.temp            291 
_exptl_crystal_grow.temp_details    ? 
_exptl_crystal_grow.temp_esd        ? 
_exptl_crystal_grow.time            ? 
_exptl_crystal_grow.pdbx_details    '4 M sodium formate' 
_exptl_crystal_grow.pdbx_pH_range   ? 
# 
_diffrn.ambient_environment    ? 
_diffrn.ambient_temp           100 
_diffrn.ambient_temp_details   ? 
_diffrn.ambient_temp_esd       ? 
_diffrn.crystal_id             1 
_diffrn.crystal_support        ? 
_diffrn.crystal_treatment      ? 
_diffrn.details                ? 
_diffrn.id                     1 
_diffrn.ambient_pressure       ? 
_diffrn.ambient_pressure_esd   ? 
_diffrn.ambient_pressure_gt    ? 
_diffrn.ambient_pressure_lt    ? 
_diffrn.ambient_temp_gt        ? 
_diffrn.ambient_temp_lt        ? 
# 
_diffrn_detector.details                      ? 
_diffrn_detector.detector                     CCD 
_diffrn_detector.diffrn_id                    1 
_diffrn_detector.type                         'MARMOSAIC 225 mm CCD' 
_diffrn_detector.area_resol_mean              ? 
_diffrn_detector.dtime                        ? 
_diffrn_detector.pdbx_frames_total            ? 
_diffrn_detector.pdbx_collection_time_total   ? 
_diffrn_detector.pdbx_collection_date         2014-06-13 
# 
_diffrn_radiation.collimation                      ? 
_diffrn_radiation.diffrn_id                        1 
_diffrn_radiation.filter_edge                      ? 
_diffrn_radiation.inhomogeneity                    ? 
_diffrn_radiation.monochromator                    ? 
_diffrn_radiation.polarisn_norm                    ? 
_diffrn_radiation.polarisn_ratio                   ? 
_diffrn_radiation.probe                            ? 
_diffrn_radiation.type                             ? 
_diffrn_radiation.xray_symbol                      ? 
_diffrn_radiation.wavelength_id                    1 
_diffrn_radiation.pdbx_monochromatic_or_laue_m_l   M 
_diffrn_radiation.pdbx_wavelength_list             ? 
_diffrn_radiation.pdbx_wavelength                  ? 
_diffrn_radiation.pdbx_diffrn_protocol             'SINGLE WAVELENGTH' 
_diffrn_radiation.pdbx_analyzer                    ? 
_diffrn_radiation.pdbx_scattering_type             x-ray 
# 
_diffrn_radiation_wavelength.id           1 
_diffrn_radiation_wavelength.wavelength   0.96 
_diffrn_radiation_wavelength.wt           1.0 
# 
_diffrn_source.current                     ? 
_diffrn_source.details                     ? 
_diffrn_source.diffrn_id                   1 
_diffrn_source.power                       ? 
_diffrn_source.size                        ? 
_diffrn_source.source                      SYNCHROTRON 
_diffrn_source.target                      ? 
_diffrn_source.type                        'LNLS BEAMLINE W01B-MX2' 
_diffrn_source.voltage                     ? 
_diffrn_source.take-off_angle              ? 
_diffrn_source.pdbx_wavelength_list        0.96 
_diffrn_source.pdbx_wavelength             ? 
_diffrn_source.pdbx_synchrotron_beamline   W01B-MX2 
_diffrn_source.pdbx_synchrotron_site       LNLS 
# 
_reflns.d_resolution_high            1.500 
_reflns.d_resolution_low             44.410 
_reflns.pdbx_number_measured_all     114680 
_reflns.number_obs                   18747 
_reflns.pdbx_scaling_rejects         1 
_reflns.pdbx_Rmerge_I_obs            0.077 
_reflns.pdbx_netI_over_sigmaI        17.900 
_reflns.pdbx_redundancy              6.100 
_reflns.percent_possible_obs         99.500 
_reflns.pdbx_Rrim_I_all              0.085 
_reflns.pdbx_Rpim_I_all              0.034 
_reflns.pdbx_CC_half                 0.999 
_reflns.pdbx_diffrn_id               1 
_reflns.pdbx_ordinal                 1 
_reflns.entry_id                     5KLE 
_reflns.observed_criterion_sigma_I   ? 
_reflns.observed_criterion_sigma_F   ? 
_reflns.number_all                   ? 
_reflns.pdbx_Rsym_value              ? 
_reflns.B_iso_Wilson_estimate        ? 
# 
loop_
_reflns_shell.pdbx_diffrn_id 
_reflns_shell.pdbx_ordinal 
_reflns_shell.d_res_high 
_reflns_shell.d_res_low 
_reflns_shell.number_measured_obs 
_reflns_shell.number_measured_all 
_reflns_shell.number_unique_obs 
_reflns_shell.pdbx_rejects 
_reflns_shell.Rmerge_I_obs 
_reflns_shell.meanI_over_sigI_obs 
_reflns_shell.pdbx_Rsym_value 
_reflns_shell.pdbx_chi_squared 
_reflns_shell.pdbx_redundancy 
_reflns_shell.percent_possible_obs 
_reflns_shell.pdbx_netI_over_sigmaI_obs 
_reflns_shell.number_possible 
_reflns_shell.number_unique_all 
_reflns_shell.Rmerge_F_all 
_reflns_shell.Rmerge_F_obs 
_reflns_shell.Rmerge_I_all 
_reflns_shell.meanI_over_sigI_all 
_reflns_shell.percent_possible_all 
_reflns_shell.pdbx_Rrim_I_all 
_reflns_shell.pdbx_Rpim_I_all 
_reflns_shell.pdbx_CC_half 
1 1 1.500 1.530  ? 4749 ? 0 0.844 ? ? ? 5.600 ? 2.200  ? 852 ? ? ? ? 90.700 0.930 0.386 0.704 
1 2 8.220 44.410 ? 705  ? 0 0.022 ? ? ? 5.300 ? 58.000 ? 132 ? ? ? ? 98.000 0.025 0.011 0.999 
# 
_refine.entry_id                                 5KLE 
_refine.pdbx_refine_id                           'X-RAY DIFFRACTION' 
_refine.ls_d_res_high                            1.5000 
_refine.ls_d_res_low                             36.2570 
_refine.pdbx_ls_sigma_F                          1.340 
_refine.pdbx_data_cutoff_high_absF               ? 
_refine.pdbx_data_cutoff_low_absF                ? 
_refine.ls_percent_reflns_obs                    99.4900 
_refine.ls_number_reflns_obs                     18746 
_refine.ls_number_reflns_all                     ? 
_refine.pdbx_ls_cross_valid_method               'FREE R-VALUE' 
_refine.ls_matrix_type                           ? 
_refine.pdbx_R_Free_selection_details            ? 
_refine.details                                  ? 
_refine.ls_R_factor_all                          ? 
_refine.ls_R_factor_obs                          0.1564 
_refine.ls_R_factor_R_work                       0.1550 
_refine.ls_wR_factor_R_work                      ? 
_refine.ls_R_factor_R_free                       0.1829 
_refine.ls_wR_factor_R_free                      ? 
_refine.ls_percent_reflns_R_free                 4.9300 
_refine.ls_number_reflns_R_free                  925 
_refine.ls_number_reflns_R_work                  17821 
_refine.ls_R_factor_R_free_error                 ? 
_refine.B_iso_mean                               17.2661 
_refine.solvent_model_param_bsol                 ? 
_refine.solvent_model_param_ksol                 ? 
_refine.pdbx_isotropic_thermal_model             ? 
_refine.aniso_B[1][1]                            ? 
_refine.aniso_B[2][2]                            ? 
_refine.aniso_B[3][3]                            ? 
_refine.aniso_B[1][2]                            ? 
_refine.aniso_B[1][3]                            ? 
_refine.aniso_B[2][3]                            ? 
_refine.correlation_coeff_Fo_to_Fc               ? 
_refine.correlation_coeff_Fo_to_Fc_free          ? 
_refine.overall_SU_R_Cruickshank_DPI             ? 
_refine.pdbx_overall_SU_R_free_Cruickshank_DPI   ? 
_refine.pdbx_overall_SU_R_Blow_DPI               ? 
_refine.pdbx_overall_SU_R_free_Blow_DPI          ? 
_refine.overall_SU_R_free                        ? 
_refine.pdbx_overall_ESU_R                       ? 
_refine.pdbx_overall_ESU_R_Free                  ? 
_refine.overall_SU_ML                            0.1200 
_refine.overall_SU_B                             ? 
_refine.solvent_model_details                    'FLAT BULK SOLVENT MODEL' 
_refine.pdbx_solvent_vdw_probe_radii             1.1100 
_refine.pdbx_solvent_ion_probe_radii             ? 
_refine.pdbx_solvent_shrinkage_radii             0.9000 
_refine.ls_number_parameters                     ? 
_refine.ls_number_restraints                     ? 
_refine.pdbx_starting_model                      5KLF 
_refine.pdbx_method_to_determine_struct          'MOLECULAR REPLACEMENT' 
_refine.pdbx_stereochemistry_target_values       ML 
_refine.pdbx_stereochem_target_val_spec_case     ? 
_refine.overall_FOM_work_R_set                   ? 
_refine.B_iso_max                                54.610 
_refine.B_iso_min                                7.460 
_refine.pdbx_overall_phase_error                 17.9600 
_refine.occupancy_max                            ? 
_refine.occupancy_min                            ? 
_refine.pdbx_diffrn_id                           1 
_refine.pdbx_TLS_residual_ADP_flag               ? 
_refine.pdbx_ls_sigma_I                          ? 
_refine.pdbx_data_cutoff_high_rms_absF           ? 
_refine.ls_R_factor_R_free_error_details         ? 
# 
_refine_hist.cycle_id                         final 
_refine_hist.pdbx_refine_id                   'X-RAY DIFFRACTION' 
_refine_hist.d_res_high                       1.5000 
_refine_hist.d_res_low                        36.2570 
_refine_hist.pdbx_number_atoms_ligand         56 
_refine_hist.number_atoms_solvent             182 
_refine_hist.number_atoms_total               932 
_refine_hist.pdbx_number_residues_total       95 
_refine_hist.pdbx_B_iso_mean_ligand           20.68 
_refine_hist.pdbx_B_iso_mean_solvent          31.15 
_refine_hist.pdbx_number_atoms_protein        694 
_refine_hist.pdbx_number_atoms_nucleic_acid   0 
# 
loop_
_refine_ls_restr.pdbx_refine_id 
_refine_ls_restr.type 
_refine_ls_restr.number 
_refine_ls_restr.dev_ideal 
_refine_ls_restr.dev_ideal_target 
_refine_ls_restr.weight 
_refine_ls_restr.pdbx_restraint_function 
'X-RAY DIFFRACTION' f_bond_d           792  0.022  ? ? ? 
'X-RAY DIFFRACTION' f_angle_d          1087 1.716  ? ? ? 
'X-RAY DIFFRACTION' f_chiral_restr     109  0.108  ? ? ? 
'X-RAY DIFFRACTION' f_plane_restr      129  0.007  ? ? ? 
'X-RAY DIFFRACTION' f_dihedral_angle_d 251  14.218 ? ? ? 
# 
loop_
_refine_ls_shell.d_res_high 
_refine_ls_shell.d_res_low 
_refine_ls_shell.pdbx_total_number_of_bins_used 
_refine_ls_shell.percent_reflns_obs 
_refine_ls_shell.number_reflns_R_work 
_refine_ls_shell.R_factor_all 
_refine_ls_shell.R_factor_R_work 
_refine_ls_shell.R_factor_R_free 
_refine_ls_shell.percent_reflns_R_free 
_refine_ls_shell.number_reflns_R_free 
_refine_ls_shell.R_factor_R_free_error 
_refine_ls_shell.number_reflns_all 
_refine_ls_shell.number_reflns_obs 
_refine_ls_shell.pdbx_refine_id 
1.4999 1.5790  7 97.0000  2428 . 0.2056 0.2185 . 155 . 2583 . 'X-RAY DIFFRACTION' 
1.5790 1.6779  7 100.0000 2567 . 0.1793 0.2225 . 108 . 2675 . 'X-RAY DIFFRACTION' 
1.6779 1.8075  7 100.0000 2532 . 0.1660 0.1752 . 99  . 2631 . 'X-RAY DIFFRACTION' 
1.8075 1.9893  7 100.0000 2552 . 0.1567 0.1885 . 155 . 2707 . 'X-RAY DIFFRACTION' 
1.9893 2.2772  7 100.0000 2561 . 0.1461 0.1757 . 116 . 2677 . 'X-RAY DIFFRACTION' 
2.2772 2.8688  7 100.0000 2558 . 0.1589 0.1869 . 133 . 2691 . 'X-RAY DIFFRACTION' 
2.8688 36.2679 7 100.0000 2623 . 0.1417 0.1724 . 159 . 2782 . 'X-RAY DIFFRACTION' 
# 
_struct.entry_id                     5KLE 
_struct.title                        
'Structure of CBM_E1, a novel carbohydrate-binding module found by sugar cane soil metagenome, complexed with cellopentaose' 
_struct.pdbx_model_details           ? 
_struct.pdbx_formula_weight          ? 
_struct.pdbx_formula_weight_method   ? 
_struct.pdbx_model_type_details      ? 
_struct.pdbx_CASP_flag               N 
# 
_struct_keywords.entry_id        5KLE 
_struct_keywords.text            'Carbohydrate-binding protein, metagenomics, cellulose, biofuels, SUGAR BINDING PROTEIN' 
_struct_keywords.pdbx_keywords   'SUGAR BINDING PROTEIN' 
# 
loop_
_struct_asym.id 
_struct_asym.pdbx_blank_PDB_chainid_flag 
_struct_asym.pdbx_modified 
_struct_asym.entity_id 
_struct_asym.details 
A N N 1 ? 
B N N 2 ? 
C N N 3 ? 
# 
_struct_ref.id                         1 
_struct_ref.db_name                    UNP 
_struct_ref.db_code                    A0A0R5P8X1_9BACT 
_struct_ref.pdbx_db_accession          A0A0R5P8X1 
_struct_ref.pdbx_db_isoform            ? 
_struct_ref.entity_id                  1 
_struct_ref.pdbx_seq_one_letter_code   
;SASCGSGNFNKTAAKGVEFSAVAGDCIKYNKSSGTLQIGSWTGVASSYNITSGPQGITNTGNGWTTVANAANGDLYIKIV
SASRSFNVKFDNW
;
_struct_ref.pdbx_align_begin           1 
# 
_struct_ref_seq.align_id                      1 
_struct_ref_seq.ref_id                        1 
_struct_ref_seq.pdbx_PDB_id_code              5KLE 
_struct_ref_seq.pdbx_strand_id                A 
_struct_ref_seq.seq_align_beg                 5 
_struct_ref_seq.pdbx_seq_align_beg_ins_code   ? 
_struct_ref_seq.seq_align_end                 97 
_struct_ref_seq.pdbx_seq_align_end_ins_code   ? 
_struct_ref_seq.pdbx_db_accession             A0A0R5P8X1 
_struct_ref_seq.db_align_beg                  1 
_struct_ref_seq.pdbx_db_align_beg_ins_code    ? 
_struct_ref_seq.db_align_end                  93 
_struct_ref_seq.pdbx_db_align_end_ins_code    ? 
_struct_ref_seq.pdbx_auth_seq_align_beg       335 
_struct_ref_seq.pdbx_auth_seq_align_end       427 
# 
loop_
_struct_ref_seq_dif.align_id 
_struct_ref_seq_dif.pdbx_pdb_id_code 
_struct_ref_seq_dif.mon_id 
_struct_ref_seq_dif.pdbx_pdb_strand_id 
_struct_ref_seq_dif.seq_num 
_struct_ref_seq_dif.pdbx_pdb_ins_code 
_struct_ref_seq_dif.pdbx_seq_db_name 
_struct_ref_seq_dif.pdbx_seq_db_accession_code 
_struct_ref_seq_dif.db_mon_id 
_struct_ref_seq_dif.pdbx_seq_db_seq_num 
_struct_ref_seq_dif.details 
_struct_ref_seq_dif.pdbx_auth_seq_num 
_struct_ref_seq_dif.pdbx_ordinal 
1 5KLE GLY A 1 ? UNP A0A0R5P8X1 ? ? 'expression tag' 331 1 
1 5KLE SER A 2 ? UNP A0A0R5P8X1 ? ? 'expression tag' 332 2 
1 5KLE HIS A 3 ? UNP A0A0R5P8X1 ? ? 'expression tag' 333 3 
1 5KLE MET A 4 ? UNP A0A0R5P8X1 ? ? 'expression tag' 334 4 
# 
_pdbx_struct_assembly.id                   1 
_pdbx_struct_assembly.details              author_and_software_defined_assembly 
_pdbx_struct_assembly.method_details       PISA 
_pdbx_struct_assembly.oligomeric_details   monomeric 
_pdbx_struct_assembly.oligomeric_count     1 
# 
_pdbx_struct_assembly_gen.assembly_id       1 
_pdbx_struct_assembly_gen.oper_expression   1 
_pdbx_struct_assembly_gen.asym_id_list      A,B,C 
# 
_pdbx_struct_oper_list.id                   1 
_pdbx_struct_oper_list.type                 'identity operation' 
_pdbx_struct_oper_list.name                 1_555 
_pdbx_struct_oper_list.symmetry_operation   x,y,z 
_pdbx_struct_oper_list.matrix[1][1]         1.0000000000 
_pdbx_struct_oper_list.matrix[1][2]         0.0000000000 
_pdbx_struct_oper_list.matrix[1][3]         0.0000000000 
_pdbx_struct_oper_list.vector[1]            0.0000000000 
_pdbx_struct_oper_list.matrix[2][1]         0.0000000000 
_pdbx_struct_oper_list.matrix[2][2]         1.0000000000 
_pdbx_struct_oper_list.matrix[2][3]         0.0000000000 
_pdbx_struct_oper_list.vector[2]            0.0000000000 
_pdbx_struct_oper_list.matrix[3][1]         0.0000000000 
_pdbx_struct_oper_list.matrix[3][2]         0.0000000000 
_pdbx_struct_oper_list.matrix[3][3]         1.0000000000 
_pdbx_struct_oper_list.vector[3]            0.0000000000 
# 
loop_
_struct_conn.id 
_struct_conn.conn_type_id 
_struct_conn.pdbx_leaving_atom_flag 
_struct_conn.pdbx_PDB_id 
_struct_conn.ptnr1_label_asym_id 
_struct_conn.ptnr1_label_comp_id 
_struct_conn.ptnr1_label_seq_id 
_struct_conn.ptnr1_label_atom_id 
_struct_conn.pdbx_ptnr1_label_alt_id 
_struct_conn.pdbx_ptnr1_PDB_ins_code 
_struct_conn.pdbx_ptnr1_standard_comp_id 
_struct_conn.ptnr1_symmetry 
_struct_conn.ptnr2_label_asym_id 
_struct_conn.ptnr2_label_comp_id 
_struct_conn.ptnr2_label_seq_id 
_struct_conn.ptnr2_label_atom_id 
_struct_conn.pdbx_ptnr2_label_alt_id 
_struct_conn.pdbx_ptnr2_PDB_ins_code 
_struct_conn.ptnr1_auth_asym_id 
_struct_conn.ptnr1_auth_comp_id 
_struct_conn.ptnr1_auth_seq_id 
_struct_conn.ptnr2_auth_asym_id 
_struct_conn.ptnr2_auth_comp_id 
_struct_conn.ptnr2_auth_seq_id 
_struct_conn.ptnr2_symmetry 
_struct_conn.pdbx_ptnr3_label_atom_id 
_struct_conn.pdbx_ptnr3_label_seq_id 
_struct_conn.pdbx_ptnr3_label_comp_id 
_struct_conn.pdbx_ptnr3_label_asym_id 
_struct_conn.pdbx_ptnr3_label_alt_id 
_struct_conn.pdbx_ptnr3_PDB_ins_code 
_struct_conn.details 
_struct_conn.pdbx_dist_value 
_struct_conn.pdbx_value_order 
_struct_conn.pdbx_role 
disulf1 disulf ?    ? A CYS 8 SG ? ? ? 1_555 A CYS 30 SG ? ? A CYS 338 A CYS 360 1_555 ? ? ? ? ? ? ? 2.042 ?    ? 
covale1 covale both ? B BGC . O4 ? ? ? 1_555 B BGC .  C1 ? ? B BGC 1   B BGC 2   1_555 ? ? ? ? ? ? ? 1.387 sing ? 
covale2 covale both ? B BGC . O4 ? ? ? 1_555 B BGC .  C1 ? ? B BGC 2   B BGC 3   1_555 ? ? ? ? ? ? ? 1.406 sing ? 
covale3 covale both ? B BGC . O4 ? ? ? 1_555 B BGC .  C1 ? ? B BGC 3   B BGC 4   1_555 ? ? ? ? ? ? ? 1.399 sing ? 
covale4 covale both ? B BGC . O4 ? ? ? 1_555 B BGC .  C1 ? ? B BGC 4   B BGC 5   1_555 ? ? ? ? ? ? ? 1.341 sing ? 
# 
loop_
_struct_conn_type.id 
_struct_conn_type.criteria 
_struct_conn_type.reference 
disulf ? ? 
covale ? ? 
# 
_pdbx_modification_feature.ordinal                            1 
_pdbx_modification_feature.label_comp_id                      CYS 
_pdbx_modification_feature.label_asym_id                      A 
_pdbx_modification_feature.label_seq_id                       8 
_pdbx_modification_feature.label_alt_id                       ? 
_pdbx_modification_feature.modified_residue_label_comp_id     CYS 
_pdbx_modification_feature.modified_residue_label_asym_id     A 
_pdbx_modification_feature.modified_residue_label_seq_id      30 
_pdbx_modification_feature.modified_residue_label_alt_id      ? 
_pdbx_modification_feature.auth_comp_id                       CYS 
_pdbx_modification_feature.auth_asym_id                       A 
_pdbx_modification_feature.auth_seq_id                        338 
_pdbx_modification_feature.PDB_ins_code                       ? 
_pdbx_modification_feature.symmetry                           1_555 
_pdbx_modification_feature.modified_residue_auth_comp_id      CYS 
_pdbx_modification_feature.modified_residue_auth_asym_id      A 
_pdbx_modification_feature.modified_residue_auth_seq_id       360 
_pdbx_modification_feature.modified_residue_PDB_ins_code      ? 
_pdbx_modification_feature.modified_residue_symmetry          1_555 
_pdbx_modification_feature.comp_id_linking_atom               SG 
_pdbx_modification_feature.modified_residue_id_linking_atom   SG 
_pdbx_modification_feature.modified_residue_id                . 
_pdbx_modification_feature.ref_pcm_id                         . 
_pdbx_modification_feature.ref_comp_id                        . 
_pdbx_modification_feature.type                               None 
_pdbx_modification_feature.category                           'Disulfide bridge' 
# 
loop_
_struct_sheet.id 
_struct_sheet.type 
_struct_sheet.number_strands 
_struct_sheet.details 
AA1 ? 5 ? 
AA2 ? 4 ? 
# 
loop_
_struct_sheet_order.sheet_id 
_struct_sheet_order.range_id_1 
_struct_sheet_order.range_id_2 
_struct_sheet_order.offset 
_struct_sheet_order.sense 
AA1 1 2 ? parallel      
AA1 2 3 ? anti-parallel 
AA1 3 4 ? anti-parallel 
AA1 4 5 ? anti-parallel 
AA2 1 2 ? anti-parallel 
AA2 2 3 ? anti-parallel 
AA2 3 4 ? anti-parallel 
# 
loop_
_struct_sheet_range.sheet_id 
_struct_sheet_range.id 
_struct_sheet_range.beg_label_comp_id 
_struct_sheet_range.beg_label_asym_id 
_struct_sheet_range.beg_label_seq_id 
_struct_sheet_range.pdbx_beg_PDB_ins_code 
_struct_sheet_range.end_label_comp_id 
_struct_sheet_range.end_label_asym_id 
_struct_sheet_range.end_label_seq_id 
_struct_sheet_range.pdbx_end_PDB_ins_code 
_struct_sheet_range.beg_auth_comp_id 
_struct_sheet_range.beg_auth_asym_id 
_struct_sheet_range.beg_auth_seq_id 
_struct_sheet_range.end_auth_comp_id 
_struct_sheet_range.end_auth_asym_id 
_struct_sheet_range.end_auth_seq_id 
AA1 1 LYS A 15 ? THR A 16 ? LYS A 345 THR A 346 
AA1 2 CYS A 30 ? LYS A 35 ? CYS A 360 LYS A 365 
AA1 3 GLY A 77 ? ALA A 86 ? GLY A 407 ALA A 416 
AA1 4 SER A 50 ? ILE A 54 ? SER A 380 ILE A 384 
AA1 5 ILE A 61 ? ASN A 63 ? ILE A 391 ASN A 393 
AA2 1 PHE A 23 ? ALA A 25 ? PHE A 353 ALA A 355 
AA2 2 PHE A 90 ? TRP A 97 ? PHE A 420 TRP A 427 
AA2 3 THR A 39 ? SER A 44 ? THR A 369 SER A 374 
AA2 4 GLY A 67 ? VAL A 71 ? GLY A 397 VAL A 401 
# 
loop_
_pdbx_struct_sheet_hbond.sheet_id 
_pdbx_struct_sheet_hbond.range_id_1 
_pdbx_struct_sheet_hbond.range_id_2 
_pdbx_struct_sheet_hbond.range_1_label_atom_id 
_pdbx_struct_sheet_hbond.range_1_label_comp_id 
_pdbx_struct_sheet_hbond.range_1_label_asym_id 
_pdbx_struct_sheet_hbond.range_1_label_seq_id 
_pdbx_struct_sheet_hbond.range_1_PDB_ins_code 
_pdbx_struct_sheet_hbond.range_1_auth_atom_id 
_pdbx_struct_sheet_hbond.range_1_auth_comp_id 
_pdbx_struct_sheet_hbond.range_1_auth_asym_id 
_pdbx_struct_sheet_hbond.range_1_auth_seq_id 
_pdbx_struct_sheet_hbond.range_2_label_atom_id 
_pdbx_struct_sheet_hbond.range_2_label_comp_id 
_pdbx_struct_sheet_hbond.range_2_label_asym_id 
_pdbx_struct_sheet_hbond.range_2_label_seq_id 
_pdbx_struct_sheet_hbond.range_2_PDB_ins_code 
_pdbx_struct_sheet_hbond.range_2_auth_atom_id 
_pdbx_struct_sheet_hbond.range_2_auth_comp_id 
_pdbx_struct_sheet_hbond.range_2_auth_asym_id 
_pdbx_struct_sheet_hbond.range_2_auth_seq_id 
AA1 1 2 N LYS A 15 ? N LYS A 345 O LYS A 32 ? O LYS A 362 
AA1 2 3 N LYS A 35 ? N LYS A 365 O GLY A 77 ? O GLY A 407 
AA1 3 4 O LYS A 82 ? O LYS A 412 N ASN A 53 ? N ASN A 383 
AA1 4 5 N SER A 50 ? N SER A 380 O ASN A 63 ? O ASN A 393 
AA2 1 2 N ALA A 25 ? N ALA A 355 O PHE A 90 ? O PHE A 420 
AA2 2 3 O LYS A 93 ? O LYS A 423 N GLY A 43 ? N GLY A 373 
AA2 3 4 N ILE A 42 ? N ILE A 372 O THR A 69 ? O THR A 399 
# 
_pdbx_entry_details.entry_id                   5KLE 
_pdbx_entry_details.compound_details           ? 
_pdbx_entry_details.source_details             ? 
_pdbx_entry_details.nonpolymer_details         ? 
_pdbx_entry_details.sequence_details           ? 
_pdbx_entry_details.has_ligand_of_interest     ? 
_pdbx_entry_details.has_protein_modification   Y 
# 
loop_
_pdbx_validate_close_contact.id 
_pdbx_validate_close_contact.PDB_model_num 
_pdbx_validate_close_contact.auth_atom_id_1 
_pdbx_validate_close_contact.auth_asym_id_1 
_pdbx_validate_close_contact.auth_comp_id_1 
_pdbx_validate_close_contact.auth_seq_id_1 
_pdbx_validate_close_contact.PDB_ins_code_1 
_pdbx_validate_close_contact.label_alt_id_1 
_pdbx_validate_close_contact.auth_atom_id_2 
_pdbx_validate_close_contact.auth_asym_id_2 
_pdbx_validate_close_contact.auth_comp_id_2 
_pdbx_validate_close_contact.auth_seq_id_2 
_pdbx_validate_close_contact.PDB_ins_code_2 
_pdbx_validate_close_contact.label_alt_id_2 
_pdbx_validate_close_contact.dist 
1 1 ND2 A ASN 396 ? ? O A HOH 601 ? ? 1.83 
2 1 O   A HOH 673 ? ? O A HOH 746 ? ? 1.99 
3 1 O   A HOH 688 ? ? O A HOH 726 ? ? 2.01 
4 1 O   A HOH 620 ? ? O A HOH 623 ? ? 2.07 
5 1 O   A HOH 707 ? ? O A HOH 750 ? ? 2.10 
6 1 O   A HOH 618 ? ? O A HOH 727 ? ? 2.16 
# 
_pdbx_validate_rmsd_angle.id                         1 
_pdbx_validate_rmsd_angle.PDB_model_num              1 
_pdbx_validate_rmsd_angle.auth_atom_id_1             NE 
_pdbx_validate_rmsd_angle.auth_asym_id_1             A 
_pdbx_validate_rmsd_angle.auth_comp_id_1             ARG 
_pdbx_validate_rmsd_angle.auth_seq_id_1              418 
_pdbx_validate_rmsd_angle.PDB_ins_code_1             ? 
_pdbx_validate_rmsd_angle.label_alt_id_1             ? 
_pdbx_validate_rmsd_angle.auth_atom_id_2             CZ 
_pdbx_validate_rmsd_angle.auth_asym_id_2             A 
_pdbx_validate_rmsd_angle.auth_comp_id_2             ARG 
_pdbx_validate_rmsd_angle.auth_seq_id_2              418 
_pdbx_validate_rmsd_angle.PDB_ins_code_2             ? 
_pdbx_validate_rmsd_angle.label_alt_id_2             ? 
_pdbx_validate_rmsd_angle.auth_atom_id_3             NH2 
_pdbx_validate_rmsd_angle.auth_asym_id_3             A 
_pdbx_validate_rmsd_angle.auth_comp_id_3             ARG 
_pdbx_validate_rmsd_angle.auth_seq_id_3              418 
_pdbx_validate_rmsd_angle.PDB_ins_code_3             ? 
_pdbx_validate_rmsd_angle.label_alt_id_3             ? 
_pdbx_validate_rmsd_angle.angle_value                116.61 
_pdbx_validate_rmsd_angle.angle_target_value         120.30 
_pdbx_validate_rmsd_angle.angle_deviation            -3.69 
_pdbx_validate_rmsd_angle.angle_standard_deviation   0.50 
_pdbx_validate_rmsd_angle.linker_flag                N 
# 
loop_
_pdbx_validate_torsion.id 
_pdbx_validate_torsion.PDB_model_num 
_pdbx_validate_torsion.auth_comp_id 
_pdbx_validate_torsion.auth_asym_id 
_pdbx_validate_torsion.auth_seq_id 
_pdbx_validate_torsion.PDB_ins_code 
_pdbx_validate_torsion.label_alt_id 
_pdbx_validate_torsion.phi 
_pdbx_validate_torsion.psi 
1 1 ASN A 342 ? ? -150.99 23.18  
2 1 ALA A 416 ? ? -179.56 135.17 
# 
_pdbx_molecule_features.prd_id    PRD_900016 
_pdbx_molecule_features.name      beta-cellopentaose 
_pdbx_molecule_features.type      Oligosaccharide 
_pdbx_molecule_features.class     Metabolism 
_pdbx_molecule_features.details   oligosaccharide 
# 
_pdbx_molecule.instance_id   1 
_pdbx_molecule.prd_id        PRD_900016 
_pdbx_molecule.asym_id       B 
# 
loop_
_pdbx_struct_special_symmetry.id 
_pdbx_struct_special_symmetry.PDB_model_num 
_pdbx_struct_special_symmetry.auth_asym_id 
_pdbx_struct_special_symmetry.auth_comp_id 
_pdbx_struct_special_symmetry.auth_seq_id 
_pdbx_struct_special_symmetry.PDB_ins_code 
_pdbx_struct_special_symmetry.label_asym_id 
_pdbx_struct_special_symmetry.label_comp_id 
_pdbx_struct_special_symmetry.label_seq_id 
1 1 B BGC 3   ? B BGC . 
2 1 A HOH 712 ? C HOH . 
3 1 A HOH 764 ? C HOH . 
4 1 A HOH 771 ? C HOH . 
# 
loop_
_pdbx_refine_tls.pdbx_refine_id 
_pdbx_refine_tls.id 
_pdbx_refine_tls.details 
_pdbx_refine_tls.method 
_pdbx_refine_tls.origin_x 
_pdbx_refine_tls.origin_y 
_pdbx_refine_tls.origin_z 
_pdbx_refine_tls.T[1][1] 
_pdbx_refine_tls.T[2][2] 
_pdbx_refine_tls.T[3][3] 
_pdbx_refine_tls.T[1][2] 
_pdbx_refine_tls.T[1][3] 
_pdbx_refine_tls.T[2][3] 
_pdbx_refine_tls.L[1][1] 
_pdbx_refine_tls.L[2][2] 
_pdbx_refine_tls.L[3][3] 
_pdbx_refine_tls.L[1][2] 
_pdbx_refine_tls.L[1][3] 
_pdbx_refine_tls.L[2][3] 
_pdbx_refine_tls.S[1][1] 
_pdbx_refine_tls.S[2][2] 
_pdbx_refine_tls.S[3][3] 
_pdbx_refine_tls.S[1][2] 
_pdbx_refine_tls.S[1][3] 
_pdbx_refine_tls.S[2][3] 
_pdbx_refine_tls.S[2][1] 
_pdbx_refine_tls.S[3][1] 
_pdbx_refine_tls.S[3][2] 
'X-RAY DIFFRACTION' 1 ? refined 15.2657 2.7752  -0.3989 0.1079 0.0864 0.0995 0.0123  -0.0064 0.0126  0.6443 0.0227 0.3243 0.0851  0.3421  0.0761  -0.0084 -0.1442 0.0247  -0.1619 -0.1747 0.0223  0.0113  -0.0653 -0.1060 
'X-RAY DIFFRACTION' 2 ? refined -1.8896 8.2387  0.6439  0.1027 0.1306 0.1145 0.0087  0.0050  -0.0200 3.0109 0.8823 0.7920 0.4930  -0.3817 -0.0557 -0.1087 0.0249  0.0953  -0.0842 0.1865  0.1593  -0.0268 -0.0281 -0.1079 
'X-RAY DIFFRACTION' 3 ? refined 2.0100  4.9422  -6.6468 0.1157 0.1299 0.1025 -0.0102 -0.0070 -0.0073 4.5622 1.6886 0.6230 -1.4954 0.2039  0.0396  -0.1414 -0.0066 0.1150  0.0528  0.1949  -0.0615 -0.0776 -0.1604 0.0312  
'X-RAY DIFFRACTION' 4 ? refined 0.9894  4.2105  6.1444  0.1088 0.1675 0.0875 -0.0102 0.0074  -0.0211 3.4301 0.9338 1.5928 0.5773  -1.0656 -0.3280 0.0380  -0.0967 0.0248  -0.3339 0.0661  0.0451  0.1894  -0.0092 -0.0444 
'X-RAY DIFFRACTION' 5 ? refined -6.9092 -1.7796 5.7008  0.1084 0.1840 0.1040 -0.0009 0.0234  0.0134  1.9687 0.8382 3.5066 0.3801  0.9539  -0.6183 0.0178  -0.0744 0.0363  -0.3568 0.0034  0.1036  0.0916  -0.1275 -0.2574 
'X-RAY DIFFRACTION' 6 ? refined 0.2436  -4.5062 -2.3917 0.0905 0.1126 0.1119 0.0046  -0.0048 0.0001  1.7365 0.6635 2.1243 0.1926  1.1906  -0.3174 0.1102  0.0049  -0.0765 0.0106  -0.1666 -0.0619 0.0247  0.0670  0.0897  
'X-RAY DIFFRACTION' 7 ? refined -7.0764 -6.0709 -2.8243 0.0936 0.1369 0.1130 -0.0152 0.0006  0.0080  2.9579 1.7140 1.5346 -0.6039 0.0186  -0.7212 0.0989  0.0443  -0.1184 -0.1233 -0.1864 0.0532  -0.0085 0.0461  -0.1459 
'X-RAY DIFFRACTION' 8 ? refined 2.7846  -1.7336 4.1249  0.0925 0.1248 0.1028 -0.0049 -0.0092 0.0222  2.0561 1.0669 3.6109 0.1349  0.3610  0.6527  0.1355  0.0937  -0.2248 -0.2458 -0.1251 0.0159  0.0745  0.0683  0.1169  
'X-RAY DIFFRACTION' 9 ? refined -5.5585 1.6919  -2.8889 0.0715 0.1142 0.0847 0.0126  -0.0031 -0.0043 1.6301 0.4399 4.9133 0.4041  -0.9018 -0.5037 0.0383  0.0124  -0.0553 -0.1508 0.1048  0.0757  0.0525  -0.1531 -0.2014  
# 
loop_
_pdbx_refine_tls_group.pdbx_refine_id 
_pdbx_refine_tls_group.id 
_pdbx_refine_tls_group.refine_tls_id 
_pdbx_refine_tls_group.beg_auth_asym_id 
_pdbx_refine_tls_group.beg_auth_seq_id 
_pdbx_refine_tls_group.end_auth_asym_id 
_pdbx_refine_tls_group.end_auth_seq_id 
_pdbx_refine_tls_group.selection_details 
_pdbx_refine_tls_group.beg_label_asym_id 
_pdbx_refine_tls_group.beg_label_seq_id 
_pdbx_refine_tls_group.end_label_asym_id 
_pdbx_refine_tls_group.end_label_seq_id 
_pdbx_refine_tls_group.selection 
'X-RAY DIFFRACTION' 1 1 A 333 A 342 
;chain 'A' and (resid 333 through 342 )
;
? ? ? ? ? 
'X-RAY DIFFRACTION' 2 2 A 343 A 352 
;chain 'A' and (resid 343 through 352 )
;
? ? ? ? ? 
'X-RAY DIFFRACTION' 3 3 A 353 A 359 
;chain 'A' and (resid 353 through 359 )
;
? ? ? ? ? 
'X-RAY DIFFRACTION' 4 4 A 360 A 365 
;chain 'A' and (resid 360 through 365 )
;
? ? ? ? ? 
'X-RAY DIFFRACTION' 5 5 A 366 A 374 
;chain 'A' and (resid 366 through 374 )
;
? ? ? ? ? 
'X-RAY DIFFRACTION' 6 6 A 375 A 390 
;chain 'A' and (resid 375 through 390 )
;
? ? ? ? ? 
'X-RAY DIFFRACTION' 7 7 A 391 A 401 
;chain 'A' and (resid 391 through 401 )
;
? ? ? ? ? 
'X-RAY DIFFRACTION' 8 8 A 402 A 416 
;chain 'A' and (resid 402 through 416 )
;
? ? ? ? ? 
'X-RAY DIFFRACTION' 9 9 A 417 A 427 
;chain 'A' and (resid 417 through 427 )
;
? ? ? ? ? 
# 
_pdbx_phasing_MR.entry_id                     5KLE 
_pdbx_phasing_MR.method_rotation              ? 
_pdbx_phasing_MR.method_translation           ? 
_pdbx_phasing_MR.model_details                'Phaser MODE: MR_AUTO' 
_pdbx_phasing_MR.R_factor                     ? 
_pdbx_phasing_MR.R_rigid_body                 ? 
_pdbx_phasing_MR.correlation_coeff_Fo_to_Fc   ? 
_pdbx_phasing_MR.correlation_coeff_Io_to_Ic   ? 
_pdbx_phasing_MR.d_res_high_rotation          5.080 
_pdbx_phasing_MR.d_res_low_rotation           36.260 
_pdbx_phasing_MR.d_res_high_translation       5.080 
_pdbx_phasing_MR.d_res_low_translation        36.260 
_pdbx_phasing_MR.packing                      ? 
_pdbx_phasing_MR.reflns_percent_rotation      ? 
_pdbx_phasing_MR.reflns_percent_translation   ? 
_pdbx_phasing_MR.sigma_F_rotation             ? 
_pdbx_phasing_MR.sigma_F_translation          ? 
_pdbx_phasing_MR.sigma_I_rotation             ? 
_pdbx_phasing_MR.sigma_I_translation          ? 
# 
_phasing.method   MR 
# 
loop_
_pdbx_unobs_or_zero_occ_residues.id 
_pdbx_unobs_or_zero_occ_residues.PDB_model_num 
_pdbx_unobs_or_zero_occ_residues.polymer_flag 
_pdbx_unobs_or_zero_occ_residues.occupancy_flag 
_pdbx_unobs_or_zero_occ_residues.auth_asym_id 
_pdbx_unobs_or_zero_occ_residues.auth_comp_id 
_pdbx_unobs_or_zero_occ_residues.auth_seq_id 
_pdbx_unobs_or_zero_occ_residues.PDB_ins_code 
_pdbx_unobs_or_zero_occ_residues.label_asym_id 
_pdbx_unobs_or_zero_occ_residues.label_comp_id 
_pdbx_unobs_or_zero_occ_residues.label_seq_id 
1 1 Y 1 A GLY 331 ? A GLY 1 
2 1 Y 1 A SER 332 ? A SER 2 
# 
loop_
_chem_comp_atom.comp_id 
_chem_comp_atom.atom_id 
_chem_comp_atom.type_symbol 
_chem_comp_atom.pdbx_aromatic_flag 
_chem_comp_atom.pdbx_stereo_config 
_chem_comp_atom.pdbx_ordinal 
ALA N    N N N 1   
ALA CA   C N S 2   
ALA C    C N N 3   
ALA O    O N N 4   
ALA CB   C N N 5   
ALA OXT  O N N 6   
ALA H    H N N 7   
ALA H2   H N N 8   
ALA HA   H N N 9   
ALA HB1  H N N 10  
ALA HB2  H N N 11  
ALA HB3  H N N 12  
ALA HXT  H N N 13  
ARG N    N N N 14  
ARG CA   C N S 15  
ARG C    C N N 16  
ARG O    O N N 17  
ARG CB   C N N 18  
ARG CG   C N N 19  
ARG CD   C N N 20  
ARG NE   N N N 21  
ARG CZ   C N N 22  
ARG NH1  N N N 23  
ARG NH2  N N N 24  
ARG OXT  O N N 25  
ARG H    H N N 26  
ARG H2   H N N 27  
ARG HA   H N N 28  
ARG HB2  H N N 29  
ARG HB3  H N N 30  
ARG HG2  H N N 31  
ARG HG3  H N N 32  
ARG HD2  H N N 33  
ARG HD3  H N N 34  
ARG HE   H N N 35  
ARG HH11 H N N 36  
ARG HH12 H N N 37  
ARG HH21 H N N 38  
ARG HH22 H N N 39  
ARG HXT  H N N 40  
ASN N    N N N 41  
ASN CA   C N S 42  
ASN C    C N N 43  
ASN O    O N N 44  
ASN CB   C N N 45  
ASN CG   C N N 46  
ASN OD1  O N N 47  
ASN ND2  N N N 48  
ASN OXT  O N N 49  
ASN H    H N N 50  
ASN H2   H N N 51  
ASN HA   H N N 52  
ASN HB2  H N N 53  
ASN HB3  H N N 54  
ASN HD21 H N N 55  
ASN HD22 H N N 56  
ASN HXT  H N N 57  
ASP N    N N N 58  
ASP CA   C N S 59  
ASP C    C N N 60  
ASP O    O N N 61  
ASP CB   C N N 62  
ASP CG   C N N 63  
ASP OD1  O N N 64  
ASP OD2  O N N 65  
ASP OXT  O N N 66  
ASP H    H N N 67  
ASP H2   H N N 68  
ASP HA   H N N 69  
ASP HB2  H N N 70  
ASP HB3  H N N 71  
ASP HD2  H N N 72  
ASP HXT  H N N 73  
BGC C2   C N R 74  
BGC C3   C N S 75  
BGC C4   C N S 76  
BGC C5   C N R 77  
BGC C6   C N N 78  
BGC C1   C N R 79  
BGC O1   O N N 80  
BGC O2   O N N 81  
BGC O3   O N N 82  
BGC O4   O N N 83  
BGC O5   O N N 84  
BGC O6   O N N 85  
BGC H2   H N N 86  
BGC H3   H N N 87  
BGC H4   H N N 88  
BGC H5   H N N 89  
BGC H61  H N N 90  
BGC H62  H N N 91  
BGC H1   H N N 92  
BGC HO1  H N N 93  
BGC HO2  H N N 94  
BGC HO3  H N N 95  
BGC HO4  H N N 96  
BGC HO6  H N N 97  
CYS N    N N N 98  
CYS CA   C N R 99  
CYS C    C N N 100 
CYS O    O N N 101 
CYS CB   C N N 102 
CYS SG   S N N 103 
CYS OXT  O N N 104 
CYS H    H N N 105 
CYS H2   H N N 106 
CYS HA   H N N 107 
CYS HB2  H N N 108 
CYS HB3  H N N 109 
CYS HG   H N N 110 
CYS HXT  H N N 111 
GLN N    N N N 112 
GLN CA   C N S 113 
GLN C    C N N 114 
GLN O    O N N 115 
GLN CB   C N N 116 
GLN CG   C N N 117 
GLN CD   C N N 118 
GLN OE1  O N N 119 
GLN NE2  N N N 120 
GLN OXT  O N N 121 
GLN H    H N N 122 
GLN H2   H N N 123 
GLN HA   H N N 124 
GLN HB2  H N N 125 
GLN HB3  H N N 126 
GLN HG2  H N N 127 
GLN HG3  H N N 128 
GLN HE21 H N N 129 
GLN HE22 H N N 130 
GLN HXT  H N N 131 
GLU N    N N N 132 
GLU CA   C N S 133 
GLU C    C N N 134 
GLU O    O N N 135 
GLU CB   C N N 136 
GLU CG   C N N 137 
GLU CD   C N N 138 
GLU OE1  O N N 139 
GLU OE2  O N N 140 
GLU OXT  O N N 141 
GLU H    H N N 142 
GLU H2   H N N 143 
GLU HA   H N N 144 
GLU HB2  H N N 145 
GLU HB3  H N N 146 
GLU HG2  H N N 147 
GLU HG3  H N N 148 
GLU HE2  H N N 149 
GLU HXT  H N N 150 
GLY N    N N N 151 
GLY CA   C N N 152 
GLY C    C N N 153 
GLY O    O N N 154 
GLY OXT  O N N 155 
GLY H    H N N 156 
GLY H2   H N N 157 
GLY HA2  H N N 158 
GLY HA3  H N N 159 
GLY HXT  H N N 160 
HIS N    N N N 161 
HIS CA   C N S 162 
HIS C    C N N 163 
HIS O    O N N 164 
HIS CB   C N N 165 
HIS CG   C Y N 166 
HIS ND1  N Y N 167 
HIS CD2  C Y N 168 
HIS CE1  C Y N 169 
HIS NE2  N Y N 170 
HIS OXT  O N N 171 
HIS H    H N N 172 
HIS H2   H N N 173 
HIS HA   H N N 174 
HIS HB2  H N N 175 
HIS HB3  H N N 176 
HIS HD1  H N N 177 
HIS HD2  H N N 178 
HIS HE1  H N N 179 
HIS HE2  H N N 180 
HIS HXT  H N N 181 
HOH O    O N N 182 
HOH H1   H N N 183 
HOH H2   H N N 184 
ILE N    N N N 185 
ILE CA   C N S 186 
ILE C    C N N 187 
ILE O    O N N 188 
ILE CB   C N S 189 
ILE CG1  C N N 190 
ILE CG2  C N N 191 
ILE CD1  C N N 192 
ILE OXT  O N N 193 
ILE H    H N N 194 
ILE H2   H N N 195 
ILE HA   H N N 196 
ILE HB   H N N 197 
ILE HG12 H N N 198 
ILE HG13 H N N 199 
ILE HG21 H N N 200 
ILE HG22 H N N 201 
ILE HG23 H N N 202 
ILE HD11 H N N 203 
ILE HD12 H N N 204 
ILE HD13 H N N 205 
ILE HXT  H N N 206 
LEU N    N N N 207 
LEU CA   C N S 208 
LEU C    C N N 209 
LEU O    O N N 210 
LEU CB   C N N 211 
LEU CG   C N N 212 
LEU CD1  C N N 213 
LEU CD2  C N N 214 
LEU OXT  O N N 215 
LEU H    H N N 216 
LEU H2   H N N 217 
LEU HA   H N N 218 
LEU HB2  H N N 219 
LEU HB3  H N N 220 
LEU HG   H N N 221 
LEU HD11 H N N 222 
LEU HD12 H N N 223 
LEU HD13 H N N 224 
LEU HD21 H N N 225 
LEU HD22 H N N 226 
LEU HD23 H N N 227 
LEU HXT  H N N 228 
LYS N    N N N 229 
LYS CA   C N S 230 
LYS C    C N N 231 
LYS O    O N N 232 
LYS CB   C N N 233 
LYS CG   C N N 234 
LYS CD   C N N 235 
LYS CE   C N N 236 
LYS NZ   N N N 237 
LYS OXT  O N N 238 
LYS H    H N N 239 
LYS H2   H N N 240 
LYS HA   H N N 241 
LYS HB2  H N N 242 
LYS HB3  H N N 243 
LYS HG2  H N N 244 
LYS HG3  H N N 245 
LYS HD2  H N N 246 
LYS HD3  H N N 247 
LYS HE2  H N N 248 
LYS HE3  H N N 249 
LYS HZ1  H N N 250 
LYS HZ2  H N N 251 
LYS HZ3  H N N 252 
LYS HXT  H N N 253 
MET N    N N N 254 
MET CA   C N S 255 
MET C    C N N 256 
MET O    O N N 257 
MET CB   C N N 258 
MET CG   C N N 259 
MET SD   S N N 260 
MET CE   C N N 261 
MET OXT  O N N 262 
MET H    H N N 263 
MET H2   H N N 264 
MET HA   H N N 265 
MET HB2  H N N 266 
MET HB3  H N N 267 
MET HG2  H N N 268 
MET HG3  H N N 269 
MET HE1  H N N 270 
MET HE2  H N N 271 
MET HE3  H N N 272 
MET HXT  H N N 273 
PHE N    N N N 274 
PHE CA   C N S 275 
PHE C    C N N 276 
PHE O    O N N 277 
PHE CB   C N N 278 
PHE CG   C Y N 279 
PHE CD1  C Y N 280 
PHE CD2  C Y N 281 
PHE CE1  C Y N 282 
PHE CE2  C Y N 283 
PHE CZ   C Y N 284 
PHE OXT  O N N 285 
PHE H    H N N 286 
PHE H2   H N N 287 
PHE HA   H N N 288 
PHE HB2  H N N 289 
PHE HB3  H N N 290 
PHE HD1  H N N 291 
PHE HD2  H N N 292 
PHE HE1  H N N 293 
PHE HE2  H N N 294 
PHE HZ   H N N 295 
PHE HXT  H N N 296 
PRO N    N N N 297 
PRO CA   C N S 298 
PRO C    C N N 299 
PRO O    O N N 300 
PRO CB   C N N 301 
PRO CG   C N N 302 
PRO CD   C N N 303 
PRO OXT  O N N 304 
PRO H    H N N 305 
PRO HA   H N N 306 
PRO HB2  H N N 307 
PRO HB3  H N N 308 
PRO HG2  H N N 309 
PRO HG3  H N N 310 
PRO HD2  H N N 311 
PRO HD3  H N N 312 
PRO HXT  H N N 313 
SER N    N N N 314 
SER CA   C N S 315 
SER C    C N N 316 
SER O    O N N 317 
SER CB   C N N 318 
SER OG   O N N 319 
SER OXT  O N N 320 
SER H    H N N 321 
SER H2   H N N 322 
SER HA   H N N 323 
SER HB2  H N N 324 
SER HB3  H N N 325 
SER HG   H N N 326 
SER HXT  H N N 327 
THR N    N N N 328 
THR CA   C N S 329 
THR C    C N N 330 
THR O    O N N 331 
THR CB   C N R 332 
THR OG1  O N N 333 
THR CG2  C N N 334 
THR OXT  O N N 335 
THR H    H N N 336 
THR H2   H N N 337 
THR HA   H N N 338 
THR HB   H N N 339 
THR HG1  H N N 340 
THR HG21 H N N 341 
THR HG22 H N N 342 
THR HG23 H N N 343 
THR HXT  H N N 344 
TRP N    N N N 345 
TRP CA   C N S 346 
TRP C    C N N 347 
TRP O    O N N 348 
TRP CB   C N N 349 
TRP CG   C Y N 350 
TRP CD1  C Y N 351 
TRP CD2  C Y N 352 
TRP NE1  N Y N 353 
TRP CE2  C Y N 354 
TRP CE3  C Y N 355 
TRP CZ2  C Y N 356 
TRP CZ3  C Y N 357 
TRP CH2  C Y N 358 
TRP OXT  O N N 359 
TRP H    H N N 360 
TRP H2   H N N 361 
TRP HA   H N N 362 
TRP HB2  H N N 363 
TRP HB3  H N N 364 
TRP HD1  H N N 365 
TRP HE1  H N N 366 
TRP HE3  H N N 367 
TRP HZ2  H N N 368 
TRP HZ3  H N N 369 
TRP HH2  H N N 370 
TRP HXT  H N N 371 
TYR N    N N N 372 
TYR CA   C N S 373 
TYR C    C N N 374 
TYR O    O N N 375 
TYR CB   C N N 376 
TYR CG   C Y N 377 
TYR CD1  C Y N 378 
TYR CD2  C Y N 379 
TYR CE1  C Y N 380 
TYR CE2  C Y N 381 
TYR CZ   C Y N 382 
TYR OH   O N N 383 
TYR OXT  O N N 384 
TYR H    H N N 385 
TYR H2   H N N 386 
TYR HA   H N N 387 
TYR HB2  H N N 388 
TYR HB3  H N N 389 
TYR HD1  H N N 390 
TYR HD2  H N N 391 
TYR HE1  H N N 392 
TYR HE2  H N N 393 
TYR HH   H N N 394 
TYR HXT  H N N 395 
VAL N    N N N 396 
VAL CA   C N S 397 
VAL C    C N N 398 
VAL O    O N N 399 
VAL CB   C N N 400 
VAL CG1  C N N 401 
VAL CG2  C N N 402 
VAL OXT  O N N 403 
VAL H    H N N 404 
VAL H2   H N N 405 
VAL HA   H N N 406 
VAL HB   H N N 407 
VAL HG11 H N N 408 
VAL HG12 H N N 409 
VAL HG13 H N N 410 
VAL HG21 H N N 411 
VAL HG22 H N N 412 
VAL HG23 H N N 413 
VAL HXT  H N N 414 
# 
loop_
_chem_comp_bond.comp_id 
_chem_comp_bond.atom_id_1 
_chem_comp_bond.atom_id_2 
_chem_comp_bond.value_order 
_chem_comp_bond.pdbx_aromatic_flag 
_chem_comp_bond.pdbx_stereo_config 
_chem_comp_bond.pdbx_ordinal 
ALA N   CA   sing N N 1   
ALA N   H    sing N N 2   
ALA N   H2   sing N N 3   
ALA CA  C    sing N N 4   
ALA CA  CB   sing N N 5   
ALA CA  HA   sing N N 6   
ALA C   O    doub N N 7   
ALA C   OXT  sing N N 8   
ALA CB  HB1  sing N N 9   
ALA CB  HB2  sing N N 10  
ALA CB  HB3  sing N N 11  
ALA OXT HXT  sing N N 12  
ARG N   CA   sing N N 13  
ARG N   H    sing N N 14  
ARG N   H2   sing N N 15  
ARG CA  C    sing N N 16  
ARG CA  CB   sing N N 17  
ARG CA  HA   sing N N 18  
ARG C   O    doub N N 19  
ARG C   OXT  sing N N 20  
ARG CB  CG   sing N N 21  
ARG CB  HB2  sing N N 22  
ARG CB  HB3  sing N N 23  
ARG CG  CD   sing N N 24  
ARG CG  HG2  sing N N 25  
ARG CG  HG3  sing N N 26  
ARG CD  NE   sing N N 27  
ARG CD  HD2  sing N N 28  
ARG CD  HD3  sing N N 29  
ARG NE  CZ   sing N N 30  
ARG NE  HE   sing N N 31  
ARG CZ  NH1  sing N N 32  
ARG CZ  NH2  doub N N 33  
ARG NH1 HH11 sing N N 34  
ARG NH1 HH12 sing N N 35  
ARG NH2 HH21 sing N N 36  
ARG NH2 HH22 sing N N 37  
ARG OXT HXT  sing N N 38  
ASN N   CA   sing N N 39  
ASN N   H    sing N N 40  
ASN N   H2   sing N N 41  
ASN CA  C    sing N N 42  
ASN CA  CB   sing N N 43  
ASN CA  HA   sing N N 44  
ASN C   O    doub N N 45  
ASN C   OXT  sing N N 46  
ASN CB  CG   sing N N 47  
ASN CB  HB2  sing N N 48  
ASN CB  HB3  sing N N 49  
ASN CG  OD1  doub N N 50  
ASN CG  ND2  sing N N 51  
ASN ND2 HD21 sing N N 52  
ASN ND2 HD22 sing N N 53  
ASN OXT HXT  sing N N 54  
ASP N   CA   sing N N 55  
ASP N   H    sing N N 56  
ASP N   H2   sing N N 57  
ASP CA  C    sing N N 58  
ASP CA  CB   sing N N 59  
ASP CA  HA   sing N N 60  
ASP C   O    doub N N 61  
ASP C   OXT  sing N N 62  
ASP CB  CG   sing N N 63  
ASP CB  HB2  sing N N 64  
ASP CB  HB3  sing N N 65  
ASP CG  OD1  doub N N 66  
ASP CG  OD2  sing N N 67  
ASP OD2 HD2  sing N N 68  
ASP OXT HXT  sing N N 69  
BGC C2  C3   sing N N 70  
BGC C2  C1   sing N N 71  
BGC C2  O2   sing N N 72  
BGC C2  H2   sing N N 73  
BGC C3  C4   sing N N 74  
BGC C3  O3   sing N N 75  
BGC C3  H3   sing N N 76  
BGC C4  C5   sing N N 77  
BGC C4  O4   sing N N 78  
BGC C4  H4   sing N N 79  
BGC C5  C6   sing N N 80  
BGC C5  O5   sing N N 81  
BGC C5  H5   sing N N 82  
BGC C6  O6   sing N N 83  
BGC C6  H61  sing N N 84  
BGC C6  H62  sing N N 85  
BGC C1  O1   sing N N 86  
BGC C1  O5   sing N N 87  
BGC C1  H1   sing N N 88  
BGC O1  HO1  sing N N 89  
BGC O2  HO2  sing N N 90  
BGC O3  HO3  sing N N 91  
BGC O4  HO4  sing N N 92  
BGC O6  HO6  sing N N 93  
CYS N   CA   sing N N 94  
CYS N   H    sing N N 95  
CYS N   H2   sing N N 96  
CYS CA  C    sing N N 97  
CYS CA  CB   sing N N 98  
CYS CA  HA   sing N N 99  
CYS C   O    doub N N 100 
CYS C   OXT  sing N N 101 
CYS CB  SG   sing N N 102 
CYS CB  HB2  sing N N 103 
CYS CB  HB3  sing N N 104 
CYS SG  HG   sing N N 105 
CYS OXT HXT  sing N N 106 
GLN N   CA   sing N N 107 
GLN N   H    sing N N 108 
GLN N   H2   sing N N 109 
GLN CA  C    sing N N 110 
GLN CA  CB   sing N N 111 
GLN CA  HA   sing N N 112 
GLN C   O    doub N N 113 
GLN C   OXT  sing N N 114 
GLN CB  CG   sing N N 115 
GLN CB  HB2  sing N N 116 
GLN CB  HB3  sing N N 117 
GLN CG  CD   sing N N 118 
GLN CG  HG2  sing N N 119 
GLN CG  HG3  sing N N 120 
GLN CD  OE1  doub N N 121 
GLN CD  NE2  sing N N 122 
GLN NE2 HE21 sing N N 123 
GLN NE2 HE22 sing N N 124 
GLN OXT HXT  sing N N 125 
GLU N   CA   sing N N 126 
GLU N   H    sing N N 127 
GLU N   H2   sing N N 128 
GLU CA  C    sing N N 129 
GLU CA  CB   sing N N 130 
GLU CA  HA   sing N N 131 
GLU C   O    doub N N 132 
GLU C   OXT  sing N N 133 
GLU CB  CG   sing N N 134 
GLU CB  HB2  sing N N 135 
GLU CB  HB3  sing N N 136 
GLU CG  CD   sing N N 137 
GLU CG  HG2  sing N N 138 
GLU CG  HG3  sing N N 139 
GLU CD  OE1  doub N N 140 
GLU CD  OE2  sing N N 141 
GLU OE2 HE2  sing N N 142 
GLU OXT HXT  sing N N 143 
GLY N   CA   sing N N 144 
GLY N   H    sing N N 145 
GLY N   H2   sing N N 146 
GLY CA  C    sing N N 147 
GLY CA  HA2  sing N N 148 
GLY CA  HA3  sing N N 149 
GLY C   O    doub N N 150 
GLY C   OXT  sing N N 151 
GLY OXT HXT  sing N N 152 
HIS N   CA   sing N N 153 
HIS N   H    sing N N 154 
HIS N   H2   sing N N 155 
HIS CA  C    sing N N 156 
HIS CA  CB   sing N N 157 
HIS CA  HA   sing N N 158 
HIS C   O    doub N N 159 
HIS C   OXT  sing N N 160 
HIS CB  CG   sing N N 161 
HIS CB  HB2  sing N N 162 
HIS CB  HB3  sing N N 163 
HIS CG  ND1  sing Y N 164 
HIS CG  CD2  doub Y N 165 
HIS ND1 CE1  doub Y N 166 
HIS ND1 HD1  sing N N 167 
HIS CD2 NE2  sing Y N 168 
HIS CD2 HD2  sing N N 169 
HIS CE1 NE2  sing Y N 170 
HIS CE1 HE1  sing N N 171 
HIS NE2 HE2  sing N N 172 
HIS OXT HXT  sing N N 173 
HOH O   H1   sing N N 174 
HOH O   H2   sing N N 175 
ILE N   CA   sing N N 176 
ILE N   H    sing N N 177 
ILE N   H2   sing N N 178 
ILE CA  C    sing N N 179 
ILE CA  CB   sing N N 180 
ILE CA  HA   sing N N 181 
ILE C   O    doub N N 182 
ILE C   OXT  sing N N 183 
ILE CB  CG1  sing N N 184 
ILE CB  CG2  sing N N 185 
ILE CB  HB   sing N N 186 
ILE CG1 CD1  sing N N 187 
ILE CG1 HG12 sing N N 188 
ILE CG1 HG13 sing N N 189 
ILE CG2 HG21 sing N N 190 
ILE CG2 HG22 sing N N 191 
ILE CG2 HG23 sing N N 192 
ILE CD1 HD11 sing N N 193 
ILE CD1 HD12 sing N N 194 
ILE CD1 HD13 sing N N 195 
ILE OXT HXT  sing N N 196 
LEU N   CA   sing N N 197 
LEU N   H    sing N N 198 
LEU N   H2   sing N N 199 
LEU CA  C    sing N N 200 
LEU CA  CB   sing N N 201 
LEU CA  HA   sing N N 202 
LEU C   O    doub N N 203 
LEU C   OXT  sing N N 204 
LEU CB  CG   sing N N 205 
LEU CB  HB2  sing N N 206 
LEU CB  HB3  sing N N 207 
LEU CG  CD1  sing N N 208 
LEU CG  CD2  sing N N 209 
LEU CG  HG   sing N N 210 
LEU CD1 HD11 sing N N 211 
LEU CD1 HD12 sing N N 212 
LEU CD1 HD13 sing N N 213 
LEU CD2 HD21 sing N N 214 
LEU CD2 HD22 sing N N 215 
LEU CD2 HD23 sing N N 216 
LEU OXT HXT  sing N N 217 
LYS N   CA   sing N N 218 
LYS N   H    sing N N 219 
LYS N   H2   sing N N 220 
LYS CA  C    sing N N 221 
LYS CA  CB   sing N N 222 
LYS CA  HA   sing N N 223 
LYS C   O    doub N N 224 
LYS C   OXT  sing N N 225 
LYS CB  CG   sing N N 226 
LYS CB  HB2  sing N N 227 
LYS CB  HB3  sing N N 228 
LYS CG  CD   sing N N 229 
LYS CG  HG2  sing N N 230 
LYS CG  HG3  sing N N 231 
LYS CD  CE   sing N N 232 
LYS CD  HD2  sing N N 233 
LYS CD  HD3  sing N N 234 
LYS CE  NZ   sing N N 235 
LYS CE  HE2  sing N N 236 
LYS CE  HE3  sing N N 237 
LYS NZ  HZ1  sing N N 238 
LYS NZ  HZ2  sing N N 239 
LYS NZ  HZ3  sing N N 240 
LYS OXT HXT  sing N N 241 
MET N   CA   sing N N 242 
MET N   H    sing N N 243 
MET N   H2   sing N N 244 
MET CA  C    sing N N 245 
MET CA  CB   sing N N 246 
MET CA  HA   sing N N 247 
MET C   O    doub N N 248 
MET C   OXT  sing N N 249 
MET CB  CG   sing N N 250 
MET CB  HB2  sing N N 251 
MET CB  HB3  sing N N 252 
MET CG  SD   sing N N 253 
MET CG  HG2  sing N N 254 
MET CG  HG3  sing N N 255 
MET SD  CE   sing N N 256 
MET CE  HE1  sing N N 257 
MET CE  HE2  sing N N 258 
MET CE  HE3  sing N N 259 
MET OXT HXT  sing N N 260 
PHE N   CA   sing N N 261 
PHE N   H    sing N N 262 
PHE N   H2   sing N N 263 
PHE CA  C    sing N N 264 
PHE CA  CB   sing N N 265 
PHE CA  HA   sing N N 266 
PHE C   O    doub N N 267 
PHE C   OXT  sing N N 268 
PHE CB  CG   sing N N 269 
PHE CB  HB2  sing N N 270 
PHE CB  HB3  sing N N 271 
PHE CG  CD1  doub Y N 272 
PHE CG  CD2  sing Y N 273 
PHE CD1 CE1  sing Y N 274 
PHE CD1 HD1  sing N N 275 
PHE CD2 CE2  doub Y N 276 
PHE CD2 HD2  sing N N 277 
PHE CE1 CZ   doub Y N 278 
PHE CE1 HE1  sing N N 279 
PHE CE2 CZ   sing Y N 280 
PHE CE2 HE2  sing N N 281 
PHE CZ  HZ   sing N N 282 
PHE OXT HXT  sing N N 283 
PRO N   CA   sing N N 284 
PRO N   CD   sing N N 285 
PRO N   H    sing N N 286 
PRO CA  C    sing N N 287 
PRO CA  CB   sing N N 288 
PRO CA  HA   sing N N 289 
PRO C   O    doub N N 290 
PRO C   OXT  sing N N 291 
PRO CB  CG   sing N N 292 
PRO CB  HB2  sing N N 293 
PRO CB  HB3  sing N N 294 
PRO CG  CD   sing N N 295 
PRO CG  HG2  sing N N 296 
PRO CG  HG3  sing N N 297 
PRO CD  HD2  sing N N 298 
PRO CD  HD3  sing N N 299 
PRO OXT HXT  sing N N 300 
SER N   CA   sing N N 301 
SER N   H    sing N N 302 
SER N   H2   sing N N 303 
SER CA  C    sing N N 304 
SER CA  CB   sing N N 305 
SER CA  HA   sing N N 306 
SER C   O    doub N N 307 
SER C   OXT  sing N N 308 
SER CB  OG   sing N N 309 
SER CB  HB2  sing N N 310 
SER CB  HB3  sing N N 311 
SER OG  HG   sing N N 312 
SER OXT HXT  sing N N 313 
THR N   CA   sing N N 314 
THR N   H    sing N N 315 
THR N   H2   sing N N 316 
THR CA  C    sing N N 317 
THR CA  CB   sing N N 318 
THR CA  HA   sing N N 319 
THR C   O    doub N N 320 
THR C   OXT  sing N N 321 
THR CB  OG1  sing N N 322 
THR CB  CG2  sing N N 323 
THR CB  HB   sing N N 324 
THR OG1 HG1  sing N N 325 
THR CG2 HG21 sing N N 326 
THR CG2 HG22 sing N N 327 
THR CG2 HG23 sing N N 328 
THR OXT HXT  sing N N 329 
TRP N   CA   sing N N 330 
TRP N   H    sing N N 331 
TRP N   H2   sing N N 332 
TRP CA  C    sing N N 333 
TRP CA  CB   sing N N 334 
TRP CA  HA   sing N N 335 
TRP C   O    doub N N 336 
TRP C   OXT  sing N N 337 
TRP CB  CG   sing N N 338 
TRP CB  HB2  sing N N 339 
TRP CB  HB3  sing N N 340 
TRP CG  CD1  doub Y N 341 
TRP CG  CD2  sing Y N 342 
TRP CD1 NE1  sing Y N 343 
TRP CD1 HD1  sing N N 344 
TRP CD2 CE2  doub Y N 345 
TRP CD2 CE3  sing Y N 346 
TRP NE1 CE2  sing Y N 347 
TRP NE1 HE1  sing N N 348 
TRP CE2 CZ2  sing Y N 349 
TRP CE3 CZ3  doub Y N 350 
TRP CE3 HE3  sing N N 351 
TRP CZ2 CH2  doub Y N 352 
TRP CZ2 HZ2  sing N N 353 
TRP CZ3 CH2  sing Y N 354 
TRP CZ3 HZ3  sing N N 355 
TRP CH2 HH2  sing N N 356 
TRP OXT HXT  sing N N 357 
TYR N   CA   sing N N 358 
TYR N   H    sing N N 359 
TYR N   H2   sing N N 360 
TYR CA  C    sing N N 361 
TYR CA  CB   sing N N 362 
TYR CA  HA   sing N N 363 
TYR C   O    doub N N 364 
TYR C   OXT  sing N N 365 
TYR CB  CG   sing N N 366 
TYR CB  HB2  sing N N 367 
TYR CB  HB3  sing N N 368 
TYR CG  CD1  doub Y N 369 
TYR CG  CD2  sing Y N 370 
TYR CD1 CE1  sing Y N 371 
TYR CD1 HD1  sing N N 372 
TYR CD2 CE2  doub Y N 373 
TYR CD2 HD2  sing N N 374 
TYR CE1 CZ   doub Y N 375 
TYR CE1 HE1  sing N N 376 
TYR CE2 CZ   sing Y N 377 
TYR CE2 HE2  sing N N 378 
TYR CZ  OH   sing N N 379 
TYR OH  HH   sing N N 380 
TYR OXT HXT  sing N N 381 
VAL N   CA   sing N N 382 
VAL N   H    sing N N 383 
VAL N   H2   sing N N 384 
VAL CA  C    sing N N 385 
VAL CA  CB   sing N N 386 
VAL CA  HA   sing N N 387 
VAL C   O    doub N N 388 
VAL C   OXT  sing N N 389 
VAL CB  CG1  sing N N 390 
VAL CB  CG2  sing N N 391 
VAL CB  HB   sing N N 392 
VAL CG1 HG11 sing N N 393 
VAL CG1 HG12 sing N N 394 
VAL CG1 HG13 sing N N 395 
VAL CG2 HG21 sing N N 396 
VAL CG2 HG22 sing N N 397 
VAL CG2 HG23 sing N N 398 
VAL OXT HXT  sing N N 399 
# 
loop_
_pdbx_audit_support.funding_organization 
_pdbx_audit_support.country 
_pdbx_audit_support.grant_number 
_pdbx_audit_support.ordinal 
'Sao Paulo Research Foundation (FAPESP)' Brazil 2014/04105-4 1 
'Sao Paulo Research Foundation (FAPESP)' Brazil 2013/06336-0 2 
'Sao Paulo Research Foundation (FAPESP)' Brazil 2008/58037-9 3 
# 
loop_
_pdbx_entity_branch_list.entity_id 
_pdbx_entity_branch_list.comp_id 
_pdbx_entity_branch_list.num 
_pdbx_entity_branch_list.hetero 
2 BGC 1 n 
2 BGC 2 n 
2 BGC 3 n 
2 BGC 4 n 
2 BGC 5 n 
# 
_pdbx_initial_refinement_model.id               1 
_pdbx_initial_refinement_model.entity_id_list   ? 
_pdbx_initial_refinement_model.type             'experimental model' 
_pdbx_initial_refinement_model.source_name      PDB 
_pdbx_initial_refinement_model.accession_code   5KLF 
_pdbx_initial_refinement_model.details          ? 
# 
_atom_sites.entry_id                    5KLE 
_atom_sites.fract_transf_matrix[1][1]   0.00383872 
_atom_sites.fract_transf_matrix[1][2]   0.01017788 
_atom_sites.fract_transf_matrix[1][3]   0.00290907 
_atom_sites.fract_transf_matrix[2][1]   -0.00692794 
_atom_sites.fract_transf_matrix[2][2]   0.00007596 
_atom_sites.fract_transf_matrix[2][3]   0.00887612 
_atom_sites.fract_transf_matrix[3][1]   0.00800347 
_atom_sites.fract_transf_matrix[3][2]   -0.00481588 
_atom_sites.fract_transf_matrix[3][3]   0.00628804 
_atom_sites.fract_transf_vector[1]      0.143786 
_atom_sites.fract_transf_vector[2]      -0.132830 
_atom_sites.fract_transf_vector[3]      -0.130318 
# 
loop_
_atom_type.symbol 
C 
N 
O 
S 
# 
loop_
_atom_site.group_PDB 
_atom_site.id 
_atom_site.type_symbol 
_atom_site.label_atom_id 
_atom_site.label_alt_id 
_atom_site.label_comp_id 
_atom_site.label_asym_id 
_atom_site.label_entity_id 
_atom_site.label_seq_id 
_atom_site.pdbx_PDB_ins_code 
_atom_site.Cartn_x 
_atom_site.Cartn_y 
_atom_site.Cartn_z 
_atom_site.occupancy 
_atom_site.B_iso_or_equiv 
_atom_site.pdbx_formal_charge 
_atom_site.auth_seq_id 
_atom_site.auth_comp_id 
_atom_site.auth_asym_id 
_atom_site.auth_atom_id 
_atom_site.pdbx_PDB_model_num 
ATOM   1   N N   . HIS A 1 3  ? 19.120  0.146   -8.345  0.73 25.07 ? 333 HIS A N   1 
ATOM   2   C CA  . HIS A 1 3  ? 19.063  -0.721  -7.172  0.73 25.45 ? 333 HIS A CA  1 
ATOM   3   C C   . HIS A 1 3  ? 19.142  0.096   -5.884  0.73 23.10 ? 333 HIS A C   1 
ATOM   4   O O   . HIS A 1 3  ? 18.837  -0.395  -4.797  0.73 20.67 ? 333 HIS A O   1 
ATOM   5   C CB  . HIS A 1 3  ? 20.202  -1.747  -7.207  0.73 28.73 ? 333 HIS A CB  1 
ATOM   6   C CG  . HIS A 1 3  ? 21.565  -1.132  -7.154  0.73 21.64 ? 333 HIS A CG  1 
ATOM   7   N ND1 . HIS A 1 3  ? 22.495  -1.456  -6.186  0.73 23.06 ? 333 HIS A ND1 1 
ATOM   8   C CD2 . HIS A 1 3  ? 22.160  -0.216  -7.954  0.73 21.96 ? 333 HIS A CD2 1 
ATOM   9   C CE1 . HIS A 1 3  ? 23.594  -0.749  -6.379  0.73 23.19 ? 333 HIS A CE1 1 
ATOM   10  N NE2 . HIS A 1 3  ? 23.415  0.015   -7.445  0.73 27.17 ? 333 HIS A NE2 1 
ATOM   11  N N   . MET A 1 4  ? 19.565  1.353   -6.003  0.55 19.39 ? 334 MET A N   1 
ATOM   12  C CA  . MET A 1 4  ? 19.725  2.184   -4.822  0.55 19.10 ? 334 MET A CA  1 
ATOM   13  C C   . MET A 1 4  ? 18.370  2.672   -4.344  0.55 21.44 ? 334 MET A C   1 
ATOM   14  O O   . MET A 1 4  ? 17.444  2.863   -5.135  0.55 26.20 ? 334 MET A O   1 
ATOM   15  C CB  . MET A 1 4  ? 20.606  3.389   -5.123  0.55 22.53 ? 334 MET A CB  1 
ATOM   16  C CG  . MET A 1 4  ? 21.893  3.027   -5.829  0.55 30.74 ? 334 MET A CG  1 
ATOM   17  S SD  . MET A 1 4  ? 23.048  4.364   -5.623  0.55 25.84 ? 334 MET A SD  1 
ATOM   18  C CE  . MET A 1 4  ? 23.106  4.283   -3.837  0.55 29.06 ? 334 MET A CE  1 
ATOM   19  N N   . SER A 1 5  ? 18.258  2.860   -3.031  0.64 19.40 ? 335 SER A N   1 
ATOM   20  C CA  . SER A 1 5  ? 16.991  3.265   -2.403  0.64 11.02 ? 335 SER A CA  1 
ATOM   21  C C   . SER A 1 5  ? 15.819  2.368   -2.816  0.64 11.29 ? 335 SER A C   1 
ATOM   22  O O   . SER A 1 5  ? 14.682  2.851   -2.944  0.64 19.23 ? 335 SER A O   1 
ATOM   23  C CB  . SER A 1 5  ? 16.636  4.735   -2.660  0.64 14.94 ? 335 SER A CB  1 
ATOM   24  O OG  . SER A 1 5  ? 17.607  5.595   -2.151  0.64 13.53 ? 335 SER A OG  1 
ATOM   25  N N   . ALA A 1 6  ? 16.078  1.079   -3.032  1.00 20.85 ? 336 ALA A N   1 
ATOM   26  C CA  . ALA A 1 6  ? 15.013  0.136   -3.354  1.00 18.52 ? 336 ALA A CA  1 
ATOM   27  C C   . ALA A 1 6  ? 14.237  -0.258  -2.107  1.00 13.41 ? 336 ALA A C   1 
ATOM   28  O O   . ALA A 1 6  ? 13.019  -0.505  -2.180  1.00 15.99 ? 336 ALA A O   1 
ATOM   29  C CB  . ALA A 1 6  ? 15.572  -1.103  -4.049  1.00 30.44 ? 336 ALA A CB  1 
ATOM   30  N N   . SER A 1 7  ? 14.914  -0.297  -0.957  1.00 11.15 ? 337 SER A N   1 
ATOM   31  C CA  . SER A 1 7  ? 14.237  -0.492  0.309   1.00 9.51  ? 337 SER A CA  1 
ATOM   32  C C   . SER A 1 7  ? 13.164  0.586   0.483   1.00 12.40 ? 337 SER A C   1 
ATOM   33  O O   . SER A 1 7  ? 13.214  1.660   -0.126  1.00 11.16 ? 337 SER A O   1 
ATOM   34  C CB  . SER A 1 7  ? 15.245  -0.397  1.466   1.00 12.84 ? 337 SER A CB  1 
ATOM   35  O OG  . SER A 1 7  ? 15.629  0.956   1.679   1.00 19.02 ? 337 SER A OG  1 
ATOM   36  N N   . CYS A 1 8  ? 12.198  0.289   1.350   1.00 9.82  ? 338 CYS A N   1 
ATOM   37  C CA  . CYS A 1 8  ? 11.095  1.185   1.666   1.00 8.84  ? 338 CYS A CA  1 
ATOM   38  C C   . CYS A 1 8  ? 10.955  1.253   3.172   1.00 12.29 ? 338 CYS A C   1 
ATOM   39  O O   . CYS A 1 8  ? 10.857  0.213   3.842   1.00 12.18 ? 338 CYS A O   1 
ATOM   40  C CB  . CYS A 1 8  ? 9.807   0.643   1.015   1.00 8.97  ? 338 CYS A CB  1 
ATOM   41  S SG  . CYS A 1 8  ? 8.260   1.475   1.505   1.00 9.61  ? 338 CYS A SG  1 
ATOM   42  N N   . GLY A 1 9  ? 10.958  2.469   3.707   1.00 9.16  ? 339 GLY A N   1 
ATOM   43  C CA  . GLY A 1 9  ? 10.823  2.614   5.147   1.00 9.51  ? 339 GLY A CA  1 
ATOM   44  C C   . GLY A 1 9  ? 10.785  4.064   5.555   1.00 9.48  ? 339 GLY A C   1 
ATOM   45  O O   . GLY A 1 9  ? 10.643  4.964   4.720   1.00 9.83  ? 339 GLY A O   1 
ATOM   46  N N   . SER A 1 10 ? 10.925  4.278   6.869   1.00 10.00 ? 340 SER A N   1 
ATOM   47  C CA  . SER A 1 10 ? 10.730  5.631   7.387   1.00 10.72 ? 340 SER A CA  1 
ATOM   48  C C   . SER A 1 10 ? 11.749  6.639   6.877   1.00 11.86 ? 340 SER A C   1 
ATOM   49  O O   . SER A 1 10 ? 11.523  7.841   7.057   1.00 13.76 ? 340 SER A O   1 
ATOM   50  C CB  . SER A 1 10 ? 10.722  5.644   8.911   1.00 10.96 ? 340 SER A CB  1 
ATOM   51  O OG  . SER A 1 10 ? 12.024  5.287   9.442   1.00 10.55 ? 340 SER A OG  1 
ATOM   52  N N   . GLY A 1 11 ? 12.867  6.209   6.291   1.00 10.40 ? 341 GLY A N   1 
ATOM   53  C CA  . GLY A 1 11 ? 13.832  7.175   5.782   1.00 10.92 ? 341 GLY A CA  1 
ATOM   54  C C   . GLY A 1 11 ? 13.712  7.506   4.288   1.00 10.88 ? 341 GLY A C   1 
ATOM   55  O O   . GLY A 1 11 ? 14.479  8.354   3.812   1.00 11.33 ? 341 GLY A O   1 
ATOM   56  N N   . ASN A 1 12 ? 12.792  6.871   3.534   1.00 9.53  ? 342 ASN A N   1 
ATOM   57  C CA  . ASN A 1 12 ? 12.768  7.121   2.098   1.00 8.27  ? 342 ASN A CA  1 
ATOM   58  C C   . ASN A 1 12 ? 11.377  6.965   1.473   1.00 8.32  ? 342 ASN A C   1 
ATOM   59  O O   . ASN A 1 12 ? 11.281  6.722   0.254   1.00 9.44  ? 342 ASN A O   1 
ATOM   60  C CB  . ASN A 1 12 ? 13.853  6.264   1.388   1.00 8.33  ? 342 ASN A CB  1 
ATOM   61  C CG  . ASN A 1 12 ? 13.613  4.773   1.523   1.00 8.11  ? 342 ASN A CG  1 
ATOM   62  O OD1 . ASN A 1 12 ? 12.544  4.334   1.940   1.00 10.72 ? 342 ASN A OD1 1 
ATOM   63  N ND2 . ASN A 1 12 ? 14.606  3.983   1.104   1.00 11.68 ? 342 ASN A ND2 1 
ATOM   64  N N   . PHE A 1 13 ? 10.310  7.096   2.253   1.00 9.82  ? 343 PHE A N   1 
ATOM   65  C CA  . PHE A 1 13 ? 8.964   7.044   1.692   1.00 9.60  ? 343 PHE A CA  1 
ATOM   66  C C   . PHE A 1 13 ? 8.712   8.300   0.858   1.00 9.36  ? 343 PHE A C   1 
ATOM   67  O O   . PHE A 1 13 ? 9.128   9.417   1.221   1.00 9.29  ? 343 PHE A O   1 
ATOM   68  C CB  . PHE A 1 13 ? 7.908   6.890   2.804   1.00 9.76  ? 343 PHE A CB  1 
ATOM   69  C CG  . PHE A 1 13 ? 7.824   8.052   3.766   1.00 9.65  ? 343 PHE A CG  1 
ATOM   70  C CD1 . PHE A 1 13 ? 8.690   8.126   4.872   1.00 9.79  ? 343 PHE A CD1 1 
ATOM   71  C CD2 . PHE A 1 13 ? 6.900   9.067   3.574   1.00 10.40 ? 343 PHE A CD2 1 
ATOM   72  C CE1 . PHE A 1 13 ? 8.596   9.182   5.781   1.00 11.09 ? 343 PHE A CE1 1 
ATOM   73  C CE2 . PHE A 1 13 ? 6.817   10.136  4.459   1.00 11.90 ? 343 PHE A CE2 1 
ATOM   74  C CZ  . PHE A 1 13 ? 7.657   10.199  5.557   1.00 11.02 ? 343 PHE A CZ  1 
ATOM   75  N N   . ASN A 1 14 ? 8.057   8.121   -0.290  1.00 8.45  ? 344 ASN A N   1 
ATOM   76  C CA  . ASN A 1 14 ? 7.832   9.234   -1.198  1.00 8.08  ? 344 ASN A CA  1 
ATOM   77  C C   . ASN A 1 14 ? 6.394   9.717   -1.257  1.00 10.49 ? 344 ASN A C   1 
ATOM   78  O O   . ASN A 1 14 ? 6.146   10.770  -1.868  1.00 11.34 ? 344 ASN A O   1 
ATOM   79  C CB  . ASN A 1 14 ? 8.355   8.910   -2.621  1.00 8.10  ? 344 ASN A CB  1 
ATOM   80  C CG  . ASN A 1 14 ? 7.536   7.846   -3.340  1.00 10.02 ? 344 ASN A CG  1 
ATOM   81  O OD1 . ASN A 1 14 ? 6.945   6.946   -2.713  1.00 10.33 ? 344 ASN A OD1 1 
ATOM   82  N ND2 . ASN A 1 14 ? 7.515   7.930   -4.670  1.00 9.50  ? 344 ASN A ND2 1 
ATOM   83  N N   . LYS A 1 15 ? 5.468   9.029   -0.595  1.00 8.80  ? 345 LYS A N   1 
ATOM   84  C CA  . LYS A 1 15 ? 4.069   9.437   -0.523  1.00 9.31  ? 345 LYS A CA  1 
ATOM   85  C C   . LYS A 1 15 ? 3.512   9.063   0.841   1.00 9.71  ? 345 LYS A C   1 
ATOM   86  O O   . LYS A 1 15 ? 3.984   8.109   1.469   1.00 11.54 ? 345 LYS A O   1 
ATOM   87  C CB  . LYS A 1 15 ? 3.245   8.758   -1.626  1.00 9.63  ? 345 LYS A CB  1 
ATOM   88  C CG  . LYS A 1 15 ? 3.649   9.198   -3.063  1.00 10.00 ? 345 LYS A CG  1 
ATOM   89  C CD  . LYS A 1 15 ? 2.871   8.448   -4.142  1.00 9.32  ? 345 LYS A CD  1 
ATOM   90  C CE  . LYS A 1 15 ? 3.223   9.052   -5.505  1.00 9.06  ? 345 LYS A CE  1 
ATOM   91  N NZ  . LYS A 1 15 ? 2.646   8.258   -6.675  1.00 12.10 ? 345 LYS A NZ  1 
ATOM   92  N N   . THR A 1 16 ? 2.476   9.781   1.280   1.00 9.54  ? 346 THR A N   1 
ATOM   93  C CA  . THR A 1 16 ? 1.769   9.478   2.527   1.00 9.63  ? 346 THR A CA  1 
ATOM   94  C C   . THR A 1 16 ? 0.281   9.306   2.236   1.00 12.65 ? 346 THR A C   1 
ATOM   95  O O   . THR A 1 16 ? -0.354  10.218  1.684   1.00 14.38 ? 346 THR A O   1 
ATOM   96  C CB  . THR A 1 16 ? 1.991   10.587  3.562   1.00 11.04 ? 346 THR A CB  1 
ATOM   97  O OG1 . THR A 1 16 ? 3.394   10.718  3.869   1.00 13.80 ? 346 THR A OG1 1 
ATOM   98  C CG2 . THR A 1 16 ? 1.239   10.274  4.852   1.00 13.84 ? 346 THR A CG2 1 
ATOM   99  N N   . ALA A 1 17 ? -0.276  8.144   2.621   1.00 11.01 ? 347 ALA A N   1 
ATOM   100 C CA  . ALA A 1 17 ? -1.703  7.884   2.383   1.00 10.87 ? 347 ALA A CA  1 
ATOM   101 C C   . ALA A 1 17 ? -2.510  8.356   3.576   1.00 11.80 ? 347 ALA A C   1 
ATOM   102 O O   . ALA A 1 17 ? -2.118  8.169   4.734   1.00 14.42 ? 347 ALA A O   1 
ATOM   103 C CB  . ALA A 1 17 ? -1.935  6.382   2.193   1.00 12.59 ? 347 ALA A CB  1 
ATOM   104 N N   . ALA A 1 18 ? -3.680  8.939   3.288   1.00 12.59 ? 348 ALA A N   1 
ATOM   105 C CA  . ALA A 1 18 ? -4.676  9.246   4.312   1.00 12.33 ? 348 ALA A CA  1 
ATOM   106 C C   . ALA A 1 18 ? -5.798  8.221   4.271   1.00 11.46 ? 348 ALA A C   1 
ATOM   107 O O   . ALA A 1 18 ? -6.179  7.753   3.189   1.00 13.52 ? 348 ALA A O   1 
ATOM   108 C CB  . ALA A 1 18 ? -5.255  10.645  4.113   1.00 15.84 ? 348 ALA A CB  1 
ATOM   109 N N   . LYS A 1 19 ? -6.313  7.865   5.457   1.00 14.94 ? 349 LYS A N   1 
ATOM   110 C CA  . LYS A 1 19 ? -7.340  6.825   5.583   1.00 13.64 ? 349 LYS A CA  1 
ATOM   111 C C   . LYS A 1 19 ? -8.506  7.097   4.647   1.00 12.26 ? 349 LYS A C   1 
ATOM   112 O O   . LYS A 1 19 ? -9.163  8.148   4.740   1.00 16.11 ? 349 LYS A O   1 
ATOM   113 C CB  . LYS A 1 19 ? -7.834  6.764   7.041   1.00 12.53 ? 349 LYS A CB  1 
ATOM   114 C CG  . LYS A 1 19 ? -8.880  5.704   7.315   1.00 13.93 ? 349 LYS A CG  1 
ATOM   115 C CD  . LYS A 1 19 ? -9.206  5.745   8.809   1.00 14.24 ? 349 LYS A CD  1 
ATOM   116 C CE  . LYS A 1 19 ? -10.150 4.621   9.266   1.00 17.12 ? 349 LYS A CE  1 
ATOM   117 N NZ  . LYS A 1 19 ? -11.453 4.635   8.548   1.00 16.81 ? 349 LYS A NZ  1 
ATOM   118 N N   . GLY A 1 20 ? -8.755  6.151   3.744   1.00 12.92 ? 350 GLY A N   1 
ATOM   119 C CA  . GLY A 1 20 ? -9.908  6.207   2.865   1.00 13.17 ? 350 GLY A CA  1 
ATOM   120 C C   . GLY A 1 20 ? -9.805  7.132   1.673   1.00 13.31 ? 350 GLY A C   1 
ATOM   121 O O   . GLY A 1 20 ? -10.798 7.238   0.946   1.00 15.20 ? 350 GLY A O   1 
ATOM   122 N N   . VAL A 1 21 ? -8.651  7.787   1.441   1.00 14.53 ? 351 VAL A N   1 
ATOM   123 C CA  . VAL A 1 21 ? -8.507  8.841   0.420   1.00 13.98 ? 351 VAL A CA  1 
ATOM   124 C C   . VAL A 1 21 ? -7.673  8.287   -0.740  1.00 13.47 ? 351 VAL A C   1 
ATOM   125 O O   . VAL A 1 21 ? -6.490  7.969   -0.566  1.00 13.73 ? 351 VAL A O   1 
ATOM   126 C CB  . VAL A 1 21 ? -7.862  10.109  1.012   1.00 14.88 ? 351 VAL A CB  1 
ATOM   127 C CG1 . VAL A 1 21 ? -7.601  11.147  -0.071  1.00 16.34 ? 351 VAL A CG1 1 
ATOM   128 C CG2 . VAL A 1 21 ? -8.747  10.692  2.126   1.00 17.49 ? 351 VAL A CG2 1 
ATOM   129 N N   . GLU A 1 22 ? -8.274  8.213   -1.932  1.00 13.72 ? 352 GLU A N   1 
ATOM   130 C CA  A GLU A 1 22 ? -7.572  7.668   -3.093  0.52 11.23 ? 352 GLU A CA  1 
ATOM   131 C CA  B GLU A 1 22 ? -7.573  7.665   -3.091  0.48 11.41 ? 352 GLU A CA  1 
ATOM   132 C C   . GLU A 1 22 ? -6.433  8.582   -3.545  1.00 14.81 ? 352 GLU A C   1 
ATOM   133 O O   . GLU A 1 22 ? -6.495  9.821   -3.427  1.00 15.76 ? 352 GLU A O   1 
ATOM   134 C CB  A GLU A 1 22 ? -8.528  7.452   -4.266  0.52 13.94 ? 352 GLU A CB  1 
ATOM   135 C CB  B GLU A 1 22 ? -8.542  7.422   -4.256  0.48 13.78 ? 352 GLU A CB  1 
ATOM   136 C CG  A GLU A 1 22 ? -9.431  6.241   -4.141  0.52 15.50 ? 352 GLU A CG  1 
ATOM   137 C CG  B GLU A 1 22 ? -9.119  8.692   -4.873  0.48 13.47 ? 352 GLU A CG  1 
ATOM   138 C CD  A GLU A 1 22 ? -9.994  5.796   -5.490  0.52 20.53 ? 352 GLU A CD  1 
ATOM   139 C CD  B GLU A 1 22 ? -9.735  8.474   -6.250  0.48 23.45 ? 352 GLU A CD  1 
ATOM   140 O OE1 A GLU A 1 22 ? -10.275 4.598   -5.636  0.52 19.27 ? 352 GLU A OE1 1 
ATOM   141 O OE1 B GLU A 1 22 ? -9.917  7.307   -6.663  0.48 20.03 ? 352 GLU A OE1 1 
ATOM   142 O OE2 A GLU A 1 22 ? -10.135 6.642   -6.403  0.52 25.38 ? 352 GLU A OE2 1 
ATOM   143 O OE2 B GLU A 1 22 ? -10.037 9.484   -6.925  0.48 26.93 ? 352 GLU A OE2 1 
ATOM   144 N N   . PHE A 1 23 ? -5.389  7.962   -4.091  1.00 13.48 ? 353 PHE A N   1 
ATOM   145 C CA  . PHE A 1 23 ? -4.261  8.704   -4.638  1.00 12.65 ? 353 PHE A CA  1 
ATOM   146 C C   . PHE A 1 23 ? -3.683  7.904   -5.802  1.00 11.92 ? 353 PHE A C   1 
ATOM   147 O O   . PHE A 1 23 ? -3.907  6.701   -5.919  1.00 10.77 ? 353 PHE A O   1 
ATOM   148 C CB  . PHE A 1 23 ? -3.227  9.037   -3.552  1.00 13.59 ? 353 PHE A CB  1 
ATOM   149 C CG  . PHE A 1 23 ? -2.561  7.826   -2.955  1.00 12.46 ? 353 PHE A CG  1 
ATOM   150 C CD1 . PHE A 1 23 ? -3.147  7.103   -1.921  1.00 14.17 ? 353 PHE A CD1 1 
ATOM   151 C CD2 . PHE A 1 23 ? -1.342  7.387   -3.474  1.00 15.86 ? 353 PHE A CD2 1 
ATOM   152 C CE1 . PHE A 1 23 ? -2.488  5.977   -1.380  1.00 14.48 ? 353 PHE A CE1 1 
ATOM   153 C CE2 . PHE A 1 23 ? -0.694  6.282   -2.957  1.00 17.14 ? 353 PHE A CE2 1 
ATOM   154 C CZ  . PHE A 1 23 ? -1.262  5.566   -1.925  1.00 14.98 ? 353 PHE A CZ  1 
ATOM   155 N N   . SER A 1 24 ? -2.969  8.588   -6.681  1.00 10.51 ? 354 SER A N   1 
ATOM   156 C CA  . SER A 1 24 ? -2.349  7.938   -7.831  1.00 10.38 ? 354 SER A CA  1 
ATOM   157 C C   . SER A 1 24 ? -1.053  7.271   -7.414  1.00 10.61 ? 354 SER A C   1 
ATOM   158 O O   . SER A 1 24 ? -0.211  7.903   -6.757  1.00 12.76 ? 354 SER A O   1 
ATOM   159 C CB  . SER A 1 24 ? -2.026  8.986   -8.896  1.00 17.48 ? 354 SER A CB  1 
ATOM   160 O OG  . SER A 1 24 ? -1.536  8.358   -10.066 1.00 17.70 ? 354 SER A OG  1 
ATOM   161 N N   . ALA A 1 25 ? -0.896  5.993   -7.780  1.00 10.67 ? 355 ALA A N   1 
ATOM   162 C CA  . ALA A 1 25 ? 0.221   5.167   -7.325  1.00 10.35 ? 355 ALA A CA  1 
ATOM   163 C C   . ALA A 1 25 ? 0.898   4.504   -8.508  1.00 9.36  ? 355 ALA A C   1 
ATOM   164 O O   . ALA A 1 25 ? 0.255   4.236   -9.540  1.00 9.99  ? 355 ALA A O   1 
ATOM   165 C CB  . ALA A 1 25 ? -0.289  4.085   -6.384  1.00 13.30 ? 355 ALA A CB  1 
ATOM   166 N N   . VAL A 1 26 ? 2.200   4.215   -8.355  1.00 10.03 ? 356 VAL A N   1 
ATOM   167 C CA  . VAL A 1 26 ? 2.960   3.537   -9.401  1.00 13.48 ? 356 VAL A CA  1 
ATOM   168 C C   . VAL A 1 26 ? 3.926   2.540   -8.781  1.00 9.90  ? 356 VAL A C   1 
ATOM   169 O O   . VAL A 1 26 ? 4.353   2.683   -7.627  1.00 11.18 ? 356 VAL A O   1 
ATOM   170 C CB  . VAL A 1 26 ? 3.795   4.460   -10.335 1.00 18.72 ? 356 VAL A CB  1 
ATOM   171 C CG1 . VAL A 1 26 ? 2.931   5.304   -11.263 1.00 19.84 ? 356 VAL A CG1 1 
ATOM   172 C CG2 . VAL A 1 26 ? 4.637   5.315   -9.540  1.00 13.34 ? 356 VAL A CG2 1 
ATOM   173 N N   . ALA A 1 27 ? 4.274   1.520   -9.565  1.00 11.73 ? 357 ALA A N   1 
ATOM   174 C CA  . ALA A 1 27 ? 5.300   0.567   -9.139  1.00 12.31 ? 357 ALA A CA  1 
ATOM   175 C C   . ALA A 1 27 ? 6.568   1.294   -8.700  1.00 9.38  ? 357 ALA A C   1 
ATOM   176 O O   . ALA A 1 27 ? 7.069   2.195   -9.407  1.00 11.27 ? 357 ALA A O   1 
ATOM   177 C CB  . ALA A 1 27 ? 5.618   -0.393  -10.288 1.00 13.54 ? 357 ALA A CB  1 
ATOM   178 N N   . GLY A 1 28 ? 7.127   0.855   -7.554  1.00 9.10  ? 358 GLY A N   1 
ATOM   179 C CA  . GLY A 1 28 ? 8.308   1.472   -6.965  1.00 9.33  ? 358 GLY A CA  1 
ATOM   180 C C   . GLY A 1 28 ? 8.009   2.469   -5.863  1.00 10.82 ? 358 GLY A C   1 
ATOM   181 O O   . GLY A 1 28 ? 8.921   2.805   -5.089  1.00 10.27 ? 358 GLY A O   1 
ATOM   182 N N   . ASP A 1 29 ? 6.771   2.953   -5.774  1.00 9.25  ? 359 ASP A N   1 
ATOM   183 C CA  . ASP A 1 29 ? 6.438   3.896   -4.707  1.00 9.42  ? 359 ASP A CA  1 
ATOM   184 C C   . ASP A 1 29 ? 6.597   3.233   -3.340  1.00 9.42  ? 359 ASP A C   1 
ATOM   185 O O   . ASP A 1 29 ? 6.504   2.011   -3.209  1.00 10.16 ? 359 ASP A O   1 
ATOM   186 C CB  . ASP A 1 29 ? 4.972   4.357   -4.842  1.00 9.29  ? 359 ASP A CB  1 
ATOM   187 C CG  . ASP A 1 29 ? 4.756   5.460   -5.882  1.00 9.68  ? 359 ASP A CG  1 
ATOM   188 O OD1 . ASP A 1 29 ? 5.724   6.131   -6.321  1.00 10.53 ? 359 ASP A OD1 1 
ATOM   189 O OD2 . ASP A 1 29 ? 3.569   5.652   -6.241  1.00 10.39 ? 359 ASP A OD2 1 
ATOM   190 N N   . CYS A 1 30 ? 6.855   4.060   -2.316  1.00 8.35  ? 360 CYS A N   1 
ATOM   191 C CA  . CYS A 1 30 ? 6.995   3.647   -0.922  1.00 7.46  ? 360 CYS A CA  1 
ATOM   192 C C   . CYS A 1 30 ? 6.073   4.544   -0.102  1.00 8.69  ? 360 CYS A C   1 
ATOM   193 O O   . CYS A 1 30 ? 6.359   5.742   0.059   1.00 9.26  ? 360 CYS A O   1 
ATOM   194 C CB  . CYS A 1 30 ? 8.451   3.823   -0.490  1.00 7.74  ? 360 CYS A CB  1 
ATOM   195 S SG  . CYS A 1 30 ? 8.693   3.459   1.288   1.00 9.05  ? 360 CYS A SG  1 
ATOM   196 N N   . ILE A 1 31 ? 4.952   3.980   0.366   1.00 8.81  ? 361 ILE A N   1 
ATOM   197 C CA  . ILE A 1 31 ? 3.844   4.748   0.933   1.00 9.74  ? 361 ILE A CA  1 
ATOM   198 C C   . ILE A 1 31 ? 3.887   4.615   2.454   1.00 10.01 ? 361 ILE A C   1 
ATOM   199 O O   . ILE A 1 31 ? 3.883   3.487   2.985   1.00 11.65 ? 361 ILE A O   1 
ATOM   200 C CB  . ILE A 1 31 ? 2.492   4.196   0.441   1.00 11.32 ? 361 ILE A CB  1 
ATOM   201 C CG1 . ILE A 1 31 ? 2.490   3.954   -1.069  1.00 17.75 ? 361 ILE A CG1 1 
ATOM   202 C CG2 . ILE A 1 31 ? 1.320   5.132   0.915   1.00 13.81 ? 361 ILE A CG2 1 
ATOM   203 C CD1 . ILE A 1 31 ? 2.706   5.145   -1.807  1.00 16.42 ? 361 ILE A CD1 1 
ATOM   204 N N   . LYS A 1 32 ? 3.819   5.739   3.175   1.00 9.37  ? 362 LYS A N   1 
ATOM   205 C CA  . LYS A 1 32 ? 3.619   5.720   4.619   1.00 9.55  ? 362 LYS A CA  1 
ATOM   206 C C   . LYS A 1 32 ? 2.116   5.722   4.890   1.00 12.22 ? 362 LYS A C   1 
ATOM   207 O O   . LYS A 1 32 ? 1.378   6.524   4.305   1.00 12.42 ? 362 LYS A O   1 
ATOM   208 C CB  . LYS A 1 32 ? 4.227   6.971   5.253   1.00 9.47  ? 362 LYS A CB  1 
ATOM   209 C CG  . LYS A 1 32 ? 4.078   7.035   6.779   1.00 11.36 ? 362 LYS A CG  1 
ATOM   210 C CD  . LYS A 1 32 ? 4.601   8.362   7.350   1.00 14.81 ? 362 LYS A CD  1 
ATOM   211 C CE  . LYS A 1 32 ? 4.462   8.410   8.856   1.00 19.95 ? 362 LYS A CE  1 
ATOM   212 N NZ  . LYS A 1 32 ? 5.216   9.615   9.370   1.00 23.14 ? 362 LYS A NZ  1 
ATOM   213 N N   . TYR A 1 33 ? 1.669   4.845   5.792   1.00 11.32 ? 363 TYR A N   1 
ATOM   214 C CA  . TYR A 1 33 ? 0.266   4.842   6.215   1.00 9.74  ? 363 TYR A CA  1 
ATOM   215 C C   . TYR A 1 33 ? 0.209   4.501   7.694   1.00 12.42 ? 363 TYR A C   1 
ATOM   216 O O   . TYR A 1 33 ? 0.717   3.445   8.100   1.00 13.63 ? 363 TYR A O   1 
ATOM   217 C CB  . TYR A 1 33 ? -0.553  3.800   5.433   1.00 11.17 ? 363 TYR A CB  1 
ATOM   218 C CG  . TYR A 1 33 ? -2.008  3.763   5.840   1.00 10.91 ? 363 TYR A CG  1 
ATOM   219 C CD1 . TYR A 1 33 ? -2.828  4.866   5.630   1.00 12.42 ? 363 TYR A CD1 1 
ATOM   220 C CD2 . TYR A 1 33 ? -2.570  2.639   6.475   1.00 13.38 ? 363 TYR A CD2 1 
ATOM   221 C CE1 . TYR A 1 33 ? -4.160  4.856   6.036   1.00 11.58 ? 363 TYR A CE1 1 
ATOM   222 C CE2 . TYR A 1 33 ? -3.931  2.615   6.878   1.00 14.24 ? 363 TYR A CE2 1 
ATOM   223 C CZ  . TYR A 1 33 ? -4.710  3.741   6.665   1.00 13.30 ? 363 TYR A CZ  1 
ATOM   224 O OH  . TYR A 1 33 ? -6.048  3.783   7.019   1.00 13.69 ? 363 TYR A OH  1 
ATOM   225 N N   . ASN A 1 34 ? -0.465  5.342   8.488   1.00 13.49 ? 364 ASN A N   1 
ATOM   226 C CA  . ASN A 1 34 ? -0.673  5.035   9.898   1.00 12.34 ? 364 ASN A CA  1 
ATOM   227 C C   . ASN A 1 34 ? -2.003  4.297   10.083  1.00 13.88 ? 364 ASN A C   1 
ATOM   228 O O   . ASN A 1 34 ? -3.064  4.843   9.760   1.00 14.39 ? 364 ASN A O   1 
ATOM   229 C CB  . ASN A 1 34 ? -0.630  6.309   10.749  1.00 13.38 ? 364 ASN A CB  1 
ATOM   230 C CG  . ASN A 1 34 ? -0.769  6.012   12.217  1.00 15.61 ? 364 ASN A CG  1 
ATOM   231 O OD1 . ASN A 1 34 ? -1.887  5.876   12.729  1.00 19.54 ? 364 ASN A OD1 1 
ATOM   232 N ND2 . ASN A 1 34 ? 0.364   5.906   12.919  1.00 18.45 ? 364 ASN A ND2 1 
ATOM   233 N N   . LYS A 1 35 ? -1.938  3.053   10.599  1.00 14.47 ? 365 LYS A N   1 
ATOM   234 C CA  . LYS A 1 35 ? -3.121  2.253   10.961  1.00 13.72 ? 365 LYS A CA  1 
ATOM   235 C C   . LYS A 1 35 ? -3.353  2.345   12.459  1.00 18.89 ? 365 LYS A C   1 
ATOM   236 O O   . LYS A 1 35 ? -2.560  1.829   13.262  1.00 19.73 ? 365 LYS A O   1 
ATOM   237 C CB  . LYS A 1 35 ? -2.966  0.792   10.527  1.00 14.69 ? 365 LYS A CB  1 
ATOM   238 C CG  . LYS A 1 35 ? -4.139  -0.046  11.042  1.00 17.01 ? 365 LYS A CG  1 
ATOM   239 C CD  . LYS A 1 35 ? -4.326  -1.365  10.308  1.00 17.89 ? 365 LYS A CD  1 
ATOM   240 C CE  . LYS A 1 35 ? -3.254  -2.407  10.667  1.00 16.23 ? 365 LYS A CE  1 
ATOM   241 N NZ  . LYS A 1 35 ? -3.511  -3.079  11.992  1.00 17.24 ? 365 LYS A NZ  1 
ATOM   242 N N   . SER A 1 36 ? -4.437  3.011   12.838  1.00 17.94 ? 366 SER A N   1 
ATOM   243 C CA  . SER A 1 36 ? -4.700  3.259   14.250  1.00 21.24 ? 366 SER A CA  1 
ATOM   244 C C   . SER A 1 36 ? -5.219  2.016   14.976  1.00 22.85 ? 366 SER A C   1 
ATOM   245 O O   . SER A 1 36 ? -4.944  1.845   16.169  1.00 22.58 ? 366 SER A O   1 
ATOM   246 C CB  . SER A 1 36 ? -5.660  4.447   14.389  1.00 21.89 ? 366 SER A CB  1 
ATOM   247 O OG  . SER A 1 36 ? -6.878  4.154   13.749  1.00 38.19 ? 366 SER A OG  1 
ATOM   248 N N   . SER A 1 37 ? -5.931  1.131   14.278  1.00 17.34 ? 367 SER A N   1 
ATOM   249 C CA  . SER A 1 37 ? -6.596  -0.014  14.888  1.00 17.95 ? 367 SER A CA  1 
ATOM   250 C C   . SER A 1 37 ? -7.131  -0.900  13.771  1.00 18.80 ? 367 SER A C   1 
ATOM   251 O O   . SER A 1 37 ? -7.109  -0.537  12.597  1.00 18.53 ? 367 SER A O   1 
ATOM   252 C CB  . SER A 1 37 ? -7.752  0.408   15.813  1.00 21.44 ? 367 SER A CB  1 
ATOM   253 O OG  . SER A 1 37 ? -8.836  0.929   15.060  1.00 26.86 ? 367 SER A OG  1 
ATOM   254 N N   . GLY A 1 38 ? -7.622  -2.079  14.157  1.00 19.67 ? 368 GLY A N   1 
ATOM   255 C CA  . GLY A 1 38 ? -8.317  -2.895  13.192  1.00 18.01 ? 368 GLY A CA  1 
ATOM   256 C C   . GLY A 1 38 ? -7.409  -3.585  12.192  1.00 18.38 ? 368 GLY A C   1 
ATOM   257 O O   . GLY A 1 38 ? -6.216  -3.826  12.439  1.00 17.49 ? 368 GLY A O   1 
ATOM   258 N N   . THR A 1 39 ? -7.982  -3.868  11.022  1.00 14.17 ? 369 THR A N   1 
ATOM   259 C CA  . THR A 1 39 ? -7.335  -4.665  9.985   1.00 12.73 ? 369 THR A CA  1 
ATOM   260 C C   . THR A 1 39 ? -7.138  -3.817  8.734   1.00 12.81 ? 369 THR A C   1 
ATOM   261 O O   . THR A 1 39 ? -8.086  -3.179  8.252   1.00 14.15 ? 369 THR A O   1 
ATOM   262 C CB  . THR A 1 39 ? -8.154  -5.908  9.639   1.00 13.00 ? 369 THR A CB  1 
ATOM   263 O OG1 . THR A 1 39 ? -8.314  -6.704  10.826  1.00 16.75 ? 369 THR A OG1 1 
ATOM   264 C CG2 . THR A 1 39 ? -7.461  -6.731  8.570   1.00 17.28 ? 369 THR A CG2 1 
ATOM   265 N N   . LEU A 1 40 ? -5.907  -3.817  8.217   1.00 11.63 ? 370 LEU A N   1 
ATOM   266 C CA  . LEU A 1 40 ? -5.572  -3.031  7.017   1.00 10.52 ? 370 LEU A CA  1 
ATOM   267 C C   . LEU A 1 40 ? -6.334  -3.535  5.787   1.00 13.76 ? 370 LEU A C   1 
ATOM   268 O O   . LEU A 1 40 ? -6.506  -4.743  5.595   1.00 14.00 ? 370 LEU A O   1 
ATOM   269 C CB  . LEU A 1 40 ? -4.061  -3.126  6.751   1.00 10.33 ? 370 LEU A CB  1 
ATOM   270 C CG  . LEU A 1 40 ? -3.537  -2.445  5.488   1.00 10.81 ? 370 LEU A CG  1 
ATOM   271 C CD1 . LEU A 1 40 ? -3.576  -0.923  5.711   1.00 14.31 ? 370 LEU A CD1 1 
ATOM   272 C CD2 . LEU A 1 40 ? -2.094  -2.887  5.165   1.00 11.34 ? 370 LEU A CD2 1 
ATOM   273 N N   . GLN A 1 41 ? -6.773  -2.599  4.942   1.00 12.26 ? 371 GLN A N   1 
ATOM   274 C CA  . GLN A 1 41 ? -7.465  -2.881  3.683   1.00 10.17 ? 371 GLN A CA  1 
ATOM   275 C C   . GLN A 1 41 ? -6.815  -2.028  2.584   1.00 9.50  ? 371 GLN A C   1 
ATOM   276 O O   . GLN A 1 41 ? -6.524  -0.841  2.809   1.00 11.81 ? 371 GLN A O   1 
ATOM   277 C CB  . GLN A 1 41 ? -8.953  -2.473  3.809   1.00 10.95 ? 371 GLN A CB  1 
ATOM   278 C CG  . GLN A 1 41 ? -9.623  -2.878  5.124   1.00 12.16 ? 371 GLN A CG  1 
ATOM   279 C CD  . GLN A 1 41 ? -9.944  -4.364  5.242   1.00 13.19 ? 371 GLN A CD  1 
ATOM   280 O OE1 . GLN A 1 41 ? -10.157 -5.048  4.225   1.00 15.19 ? 371 GLN A OE1 1 
ATOM   281 N NE2 . GLN A 1 41 ? -10.052 -4.853  6.475   1.00 13.89 ? 371 GLN A NE2 1 
ATOM   282 N N   . ILE A 1 42 ? -6.566  -2.630  1.405   1.00 9.95  ? 372 ILE A N   1 
ATOM   283 C CA  . ILE A 1 42 ? -5.997  -1.948  0.227   1.00 9.67  ? 372 ILE A CA  1 
ATOM   284 C C   . ILE A 1 42 ? -7.000  -2.120  -0.906  1.00 11.88 ? 372 ILE A C   1 
ATOM   285 O O   . ILE A 1 42 ? -7.357  -3.261  -1.234  1.00 13.64 ? 372 ILE A O   1 
ATOM   286 C CB  . ILE A 1 42 ? -4.625  -2.508  -0.184  1.00 9.72  ? 372 ILE A CB  1 
ATOM   287 C CG1 . ILE A 1 42 ? -3.639  -2.367  0.980   1.00 13.84 ? 372 ILE A CG1 1 
ATOM   288 C CG2 . ILE A 1 42 ? -4.171  -1.805  -1.490  1.00 11.72 ? 372 ILE A CG2 1 
ATOM   289 C CD1 . ILE A 1 42 ? -2.290  -3.060  0.729   1.00 15.82 ? 372 ILE A CD1 1 
ATOM   290 N N   . GLY A 1 43 ? -7.470  -1.007  -1.481  1.00 10.60 ? 373 GLY A N   1 
ATOM   291 C CA  . GLY A 1 43 ? -8.528  -1.053  -2.497  1.00 11.04 ? 373 GLY A CA  1 
ATOM   292 C C   . GLY A 1 43 ? -8.233  -0.264  -3.756  1.00 10.60 ? 373 GLY A C   1 
ATOM   293 O O   . GLY A 1 43 ? -7.702  0.850   -3.700  1.00 11.70 ? 373 GLY A O   1 
ATOM   294 N N   . SER A 1 44 ? -8.616  -0.835  -4.913  1.00 9.05  ? 374 SER A N   1 
ATOM   295 C CA  . SER A 1 44 ? -8.508  -0.098  -6.165  1.00 9.19  ? 374 SER A CA  1 
ATOM   296 C C   . SER A 1 44 ? -9.564  -0.610  -7.125  1.00 11.27 ? 374 SER A C   1 
ATOM   297 O O   . SER A 1 44 ? -9.905  -1.800  -7.106  1.00 10.56 ? 374 SER A O   1 
ATOM   298 C CB  . SER A 1 44 ? -7.126  -0.280  -6.797  1.00 9.27  ? 374 SER A CB  1 
ATOM   299 O OG  . SER A 1 44 ? -7.013  0.452   -8.018  1.00 9.21  ? 374 SER A OG  1 
ATOM   300 N N   . TRP A 1 45 ? -10.017 0.281   -8.011  1.00 9.16  ? 375 TRP A N   1 
ATOM   301 C CA  . TRP A 1 45 ? -11.079 -0.011  -8.975  1.00 8.71  ? 375 TRP A CA  1 
ATOM   302 C C   . TRP A 1 45 ? -10.633 0.333   -10.398 1.00 8.77  ? 375 TRP A C   1 
ATOM   303 O O   . TRP A 1 45 ? -11.463 0.341   -11.335 1.00 11.67 ? 375 TRP A O   1 
ATOM   304 C CB  . TRP A 1 45 ? -12.420 0.647   -8.582  1.00 10.06 ? 375 TRP A CB  1 
ATOM   305 C CG  . TRP A 1 45 ? -12.923 -0.015  -7.346  1.00 13.13 ? 375 TRP A CG  1 
ATOM   306 C CD1 . TRP A 1 45 ? -13.827 -1.026  -7.284  1.00 13.72 ? 375 TRP A CD1 1 
ATOM   307 C CD2 . TRP A 1 45 ? -12.511 0.251   -5.994  1.00 11.22 ? 375 TRP A CD2 1 
ATOM   308 N NE1 . TRP A 1 45 ? -13.998 -1.424  -5.974  1.00 13.39 ? 375 TRP A NE1 1 
ATOM   309 C CE2 . TRP A 1 45 ? -13.192 -0.659  -5.165  1.00 15.84 ? 375 TRP A CE2 1 
ATOM   310 C CE3 . TRP A 1 45 ? -11.618 1.157   -5.412  1.00 13.19 ? 375 TRP A CE3 1 
ATOM   311 C CZ2 . TRP A 1 45 ? -13.024 -0.678  -3.774  1.00 15.38 ? 375 TRP A CZ2 1 
ATOM   312 C CZ3 . TRP A 1 45 ? -11.442 1.133   -4.024  1.00 11.55 ? 375 TRP A CZ3 1 
ATOM   313 C CH2 . TRP A 1 45 ? -12.119 0.205   -3.232  1.00 14.69 ? 375 TRP A CH2 1 
ATOM   314 N N   . THR A 1 46 ? -9.350  0.648   -10.597 1.00 8.97  ? 376 THR A N   1 
ATOM   315 C CA  . THR A 1 46 ? -8.867  1.024   -11.931 1.00 9.93  ? 376 THR A CA  1 
ATOM   316 C C   . THR A 1 46 ? -8.757  -0.186  -12.873 1.00 9.18  ? 376 THR A C   1 
ATOM   317 O O   . THR A 1 46 ? -8.660  -0.003  -14.093 1.00 11.17 ? 376 THR A O   1 
ATOM   318 C CB  . THR A 1 46 ? -7.474  1.702   -11.819 1.00 10.29 ? 376 THR A CB  1 
ATOM   319 O OG1 . THR A 1 46 ? -7.496  2.678   -10.750 1.00 11.04 ? 376 THR A OG1 1 
ATOM   320 C CG2 . THR A 1 46 ? -7.069  2.433   -13.145 1.00 11.93 ? 376 THR A CG2 1 
ATOM   321 N N   . GLY A 1 47 ? -8.708  -1.409  -12.335 1.00 9.10  ? 377 GLY A N   1 
ATOM   322 C CA  . GLY A 1 47 ? -8.562  -2.604  -13.156 1.00 10.60 ? 377 GLY A CA  1 
ATOM   323 C C   . GLY A 1 47 ? -7.137  -3.052  -13.389 1.00 9.30  ? 377 GLY A C   1 
ATOM   324 O O   . GLY A 1 47 ? -6.908  -4.008  -14.151 1.00 9.98  ? 377 GLY A O   1 
ATOM   325 N N   . VAL A 1 48 ? -6.174  -2.406  -12.740 1.00 8.59  ? 378 VAL A N   1 
ATOM   326 C CA  . VAL A 1 48 ? -4.753  -2.675  -12.920 1.00 8.79  ? 378 VAL A CA  1 
ATOM   327 C C   . VAL A 1 48 ? -4.288  -3.535  -11.756 1.00 8.66  ? 378 VAL A C   1 
ATOM   328 O O   . VAL A 1 48 ? -4.418  -3.138  -10.606 1.00 10.21 ? 378 VAL A O   1 
ATOM   329 C CB  . VAL A 1 48 ? -4.004  -1.337  -12.966 1.00 11.54 ? 378 VAL A CB  1 
ATOM   330 C CG1 . VAL A 1 48 ? -2.501  -1.566  -12.989 1.00 10.97 ? 378 VAL A CG1 1 
ATOM   331 C CG2 . VAL A 1 48 ? -4.418  -0.541  -14.189 1.00 10.57 ? 378 VAL A CG2 1 
ATOM   332 N N   . ALA A 1 49 ? -3.768  -4.727  -12.031 1.00 9.69  ? 379 ALA A N   1 
ATOM   333 C CA  . ALA A 1 49 ? -3.286  -5.572  -10.946 1.00 11.31 ? 379 ALA A CA  1 
ATOM   334 C C   . ALA A 1 49 ? -2.053  -4.970  -10.283 1.00 11.10 ? 379 ALA A C   1 
ATOM   335 O O   . ALA A 1 49 ? -1.191  -4.384  -10.950 1.00 11.99 ? 379 ALA A O   1 
ATOM   336 C CB  . ALA A 1 49 ? -2.905  -6.939  -11.504 1.00 13.10 ? 379 ALA A CB  1 
ATOM   337 N N   . SER A 1 50 ? -1.958  -5.125  -8.959  1.00 9.38  ? 380 SER A N   1 
ATOM   338 C CA  . SER A 1 50 ? -0.817  -4.601  -8.210  1.00 8.65  ? 380 SER A CA  1 
ATOM   339 C C   . SER A 1 50 ? -0.379  -5.559  -7.104  1.00 9.44  ? 380 SER A C   1 
ATOM   340 O O   . SER A 1 50 ? -1.126  -6.451  -6.695  1.00 11.23 ? 380 SER A O   1 
ATOM   341 C CB  . SER A 1 50 ? -1.145  -3.203  -7.624  1.00 9.46  ? 380 SER A CB  1 
ATOM   342 O OG  . SER A 1 50 ? -2.262  -3.263  -6.748  1.00 8.77  ? 380 SER A OG  1 
ATOM   343 N N   . SER A 1 51 ? 0.854   -5.380  -6.619  1.00 8.96  ? 381 SER A N   1 
ATOM   344 C CA  . SER A 1 51 ? 1.346   -6.169  -5.490  1.00 10.04 ? 381 SER A CA  1 
ATOM   345 C C   . SER A 1 51 ? 2.205   -5.303  -4.575  1.00 10.28 ? 381 SER A C   1 
ATOM   346 O O   . SER A 1 51 ? 2.782   -4.306  -5.013  1.00 10.66 ? 381 SER A O   1 
ATOM   347 C CB  . SER A 1 51 ? 2.097   -7.420  -5.930  1.00 13.96 ? 381 SER A CB  1 
ATOM   348 O OG  . SER A 1 51 ? 3.346   -7.104  -6.511  1.00 17.90 ? 381 SER A OG  1 
ATOM   349 N N   . TYR A 1 52 ? 2.302   -5.719  -3.301  1.00 9.06  ? 382 TYR A N   1 
ATOM   350 C CA  . TYR A 1 52 ? 2.887   -4.909  -2.236  1.00 9.99  ? 382 TYR A CA  1 
ATOM   351 C C   . TYR A 1 52 ? 3.661   -5.753  -1.233  1.00 11.24 ? 382 TYR A C   1 
ATOM   352 O O   . TYR A 1 52 ? 3.334   -6.922  -0.980  1.00 10.01 ? 382 TYR A O   1 
ATOM   353 C CB  . TYR A 1 52 ? 1.772   -4.227  -1.388  1.00 13.27 ? 382 TYR A CB  1 
ATOM   354 C CG  . TYR A 1 52 ? 0.726   -3.505  -2.224  1.00 9.64  ? 382 TYR A CG  1 
ATOM   355 C CD1 . TYR A 1 52 ? 0.803   -2.114  -2.440  1.00 9.96  ? 382 TYR A CD1 1 
ATOM   356 C CD2 . TYR A 1 52 ? -0.300  -4.221  -2.875  1.00 8.16  ? 382 TYR A CD2 1 
ATOM   357 C CE1 . TYR A 1 52 ? -0.128  -1.460  -3.243  1.00 9.64  ? 382 TYR A CE1 1 
ATOM   358 C CE2 . TYR A 1 52 ? -1.232  -3.560  -3.716  1.00 8.86  ? 382 TYR A CE2 1 
ATOM   359 C CZ  . TYR A 1 52 ? -1.150  -2.169  -3.851  1.00 9.10  ? 382 TYR A CZ  1 
ATOM   360 O OH  . TYR A 1 52 ? -2.050  -1.498  -4.684  1.00 10.46 ? 382 TYR A OH  1 
ATOM   361 N N   . ASN A 1 53 ? 4.666   -5.133  -0.633  1.00 10.54 ? 383 ASN A N   1 
ATOM   362 C CA  . ASN A 1 53 ? 5.363   -5.665  0.545   1.00 10.12 ? 383 ASN A CA  1 
ATOM   363 C C   . ASN A 1 53 ? 5.324   -4.616  1.648   1.00 11.73 ? 383 ASN A C   1 
ATOM   364 O O   . ASN A 1 53 ? 5.656   -3.448  1.401   1.00 12.20 ? 383 ASN A O   1 
ATOM   365 C CB  . ASN A 1 53 ? 6.853   -5.938  0.273   1.00 10.84 ? 383 ASN A CB  1 
ATOM   366 C CG  . ASN A 1 53 ? 7.097   -7.097  -0.680  1.00 11.88 ? 383 ASN A CG  1 
ATOM   367 O OD1 . ASN A 1 53 ? 6.258   -7.978  -0.832  1.00 14.20 ? 383 ASN A OD1 1 
ATOM   368 N ND2 . ASN A 1 53 ? 8.295   -7.124  -1.297  1.00 15.24 ? 383 ASN A ND2 1 
ATOM   369 N N   . ILE A 1 54 ? 4.974   -5.029  2.874   1.00 9.99  ? 384 ILE A N   1 
ATOM   370 C CA  . ILE A 1 54 ? 4.988   -4.128  4.029   1.00 9.68  ? 384 ILE A CA  1 
ATOM   371 C C   . ILE A 1 54 ? 6.300   -4.326  4.771   1.00 10.74 ? 384 ILE A C   1 
ATOM   372 O O   . ILE A 1 54 ? 6.670   -5.469  5.093   1.00 11.15 ? 384 ILE A O   1 
ATOM   373 C CB  . ILE A 1 54 ? 3.800   -4.411  4.967   1.00 10.98 ? 384 ILE A CB  1 
ATOM   374 C CG1 . ILE A 1 54 ? 2.497   -4.121  4.238   1.00 11.33 ? 384 ILE A CG1 1 
ATOM   375 C CG2 . ILE A 1 54 ? 3.930   -3.602  6.265   1.00 11.45 ? 384 ILE A CG2 1 
ATOM   376 C CD1 . ILE A 1 54 ? 1.230   -4.399  5.044   1.00 14.17 ? 384 ILE A CD1 1 
ATOM   377 N N   . THR A 1 55 ? 7.017   -3.232  5.049   1.00 11.31 ? 385 THR A N   1 
ATOM   378 C CA  . THR A 1 55 ? 8.324   -3.372  5.708   1.00 10.81 ? 385 THR A CA  1 
ATOM   379 C C   . THR A 1 55 ? 8.152   -4.015  7.078   1.00 12.82 ? 385 THR A C   1 
ATOM   380 O O   . THR A 1 55 ? 7.317   -3.593  7.881   1.00 13.02 ? 385 THR A O   1 
ATOM   381 C CB  . THR A 1 55 ? 8.996   -2.013  5.821   1.00 13.46 ? 385 THR A CB  1 
ATOM   382 O OG1 . THR A 1 55 ? 9.087   -1.488  4.486   1.00 16.52 ? 385 THR A OG1 1 
ATOM   383 C CG2 . THR A 1 55 ? 10.433  -2.144  6.417   1.00 15.00 ? 385 THR A CG2 1 
ATOM   384 N N   . SER A 1 56 ? 8.906   -5.089  7.308   1.00 13.29 ? 386 SER A N   1 
ATOM   385 C CA  . SER A 1 56 ? 8.838   -5.866  8.552   1.00 12.10 ? 386 SER A CA  1 
ATOM   386 C C   . SER A 1 56 ? 7.463   -6.457  8.790   1.00 14.76 ? 386 SER A C   1 
ATOM   387 O O   . SER A 1 56 ? 7.117   -6.788  9.934   1.00 15.35 ? 386 SER A O   1 
ATOM   388 C CB  . SER A 1 56 ? 9.285   -5.049  9.762   1.00 13.76 ? 386 SER A CB  1 
ATOM   389 O OG  . SER A 1 56 ? 10.605  -4.555  9.587   1.00 19.20 ? 386 SER A OG  1 
ATOM   390 N N   . GLY A 1 57 ? 6.700   -6.670  7.718   1.00 13.73 ? 387 GLY A N   1 
ATOM   391 C CA  . GLY A 1 57 ? 5.356   -7.200  7.838   1.00 12.86 ? 387 GLY A CA  1 
ATOM   392 C C   . GLY A 1 57 ? 4.984   -8.051  6.643   1.00 11.66 ? 387 GLY A C   1 
ATOM   393 O O   . GLY A 1 57 ? 5.852   -8.588  5.946   1.00 13.85 ? 387 GLY A O   1 
ATOM   394 N N   . PRO A 1 58 ? 3.689   -8.184  6.378   1.00 12.56 ? 388 PRO A N   1 
ATOM   395 C CA  . PRO A 1 58 ? 3.232   -9.103  5.322   1.00 14.18 ? 388 PRO A CA  1 
ATOM   396 C C   . PRO A 1 58 ? 3.845   -8.795  3.957   1.00 13.03 ? 388 PRO A C   1 
ATOM   397 O O   . PRO A 1 58 ? 3.996   -7.633  3.563   1.00 13.21 ? 388 PRO A O   1 
ATOM   398 C CB  . PRO A 1 58 ? 1.713   -8.899  5.319   1.00 18.35 ? 388 PRO A CB  1 
ATOM   399 C CG  . PRO A 1 58 ? 1.395   -8.550  6.719   1.00 15.73 ? 388 PRO A CG  1 
ATOM   400 C CD  . PRO A 1 58 ? 2.559   -7.658  7.166   1.00 14.72 ? 388 PRO A CD  1 
ATOM   401 N N   . GLN A 1 59 ? 4.203   -9.863  3.234   1.00 14.93 ? 389 GLN A N   1 
ATOM   402 C CA  . GLN A 1 59 ? 4.886   -9.788  1.945   1.00 13.65 ? 389 GLN A CA  1 
ATOM   403 C C   . GLN A 1 59 ? 4.031   -10.428 0.862   1.00 15.65 ? 389 GLN A C   1 
ATOM   404 O O   . GLN A 1 59 ? 3.234   -11.340 1.131   1.00 16.91 ? 389 GLN A O   1 
ATOM   405 C CB  . GLN A 1 59 ? 6.213   -10.547 2.003   1.00 15.55 ? 389 GLN A CB  1 
ATOM   406 C CG  . GLN A 1 59 ? 7.147   -10.114 3.118   1.00 13.96 ? 389 GLN A CG  1 
ATOM   407 C CD  . GLN A 1 59 ? 7.811   -8.788  2.781   1.00 16.19 ? 389 GLN A CD  1 
ATOM   408 O OE1 . GLN A 1 59 ? 8.597   -8.665  1.819   1.00 16.79 ? 389 GLN A OE1 1 
ATOM   409 N NE2 . GLN A 1 59 ? 7.516   -7.782  3.577   1.00 13.51 ? 389 GLN A NE2 1 
ATOM   410 N N   . GLY A 1 60 ? 4.189   -9.951  -0.370  1.00 12.74 ? 390 GLY A N   1 
ATOM   411 C CA  . GLY A 1 60 ? 3.475   -10.557 -1.486  1.00 13.84 ? 390 GLY A CA  1 
ATOM   412 C C   . GLY A 1 60 ? 1.969   -10.362 -1.466  1.00 12.86 ? 390 GLY A C   1 
ATOM   413 O O   . GLY A 1 60 ? 1.230   -11.244 -1.938  1.00 15.76 ? 390 GLY A O   1 
ATOM   414 N N   . ILE A 1 61 ? 1.486   -9.242  -0.923  1.00 11.16 ? 391 ILE A N   1 
ATOM   415 C CA  . ILE A 1 61 ? 0.071   -8.890  -0.979  1.00 10.02 ? 391 ILE A CA  1 
ATOM   416 C C   . ILE A 1 61 ? -0.307  -8.590  -2.422  1.00 11.00 ? 391 ILE A C   1 
ATOM   417 O O   . ILE A 1 61 ? 0.429   -7.898  -3.116  1.00 12.51 ? 391 ILE A O   1 
ATOM   418 C CB  . ILE A 1 61 ? -0.152  -7.628  -0.116  1.00 10.25 ? 391 ILE A CB  1 
ATOM   419 C CG1 . ILE A 1 61 ? 0.294   -7.834  1.341   1.00 11.24 ? 391 ILE A CG1 1 
ATOM   420 C CG2 . ILE A 1 61 ? -1.601  -7.124  -0.203  1.00 11.76 ? 391 ILE A CG2 1 
ATOM   421 C CD1 . ILE A 1 61 ? 0.713   -6.528  1.986   1.00 13.90 ? 391 ILE A CD1 1 
ATOM   422 N N   . THR A 1 62 ? -1.476  -9.045  -2.872  1.00 9.92  ? 392 THR A N   1 
ATOM   423 C CA  . THR A 1 62 ? -1.920  -8.759  -4.234  1.00 10.26 ? 392 THR A CA  1 
ATOM   424 C C   . THR A 1 62 ? -3.295  -8.107  -4.232  1.00 11.76 ? 392 THR A C   1 
ATOM   425 O O   . THR A 1 62 ? -4.127  -8.357  -3.349  1.00 11.50 ? 392 THR A O   1 
ATOM   426 C CB  . THR A 1 62 ? -1.968  -10.028 -5.118  1.00 10.06 ? 392 THR A CB  1 
ATOM   427 O OG1 . THR A 1 62 ? -2.859  -11.014 -4.539  1.00 15.61 ? 392 THR A OG1 1 
ATOM   428 C CG2 . THR A 1 62 ? -0.583  -10.621 -5.247  1.00 12.58 ? 392 THR A CG2 1 
ATOM   429 N N   . ASN A 1 63 ? -3.555  -7.302  -5.270  1.00 9.93  ? 393 ASN A N   1 
ATOM   430 C CA  . ASN A 1 63 ? -4.876  -6.728  -5.496  1.00 9.27  ? 393 ASN A CA  1 
ATOM   431 C C   . ASN A 1 63 ? -5.186  -6.767  -6.989  1.00 9.46  ? 393 ASN A C   1 
ATOM   432 O O   . ASN A 1 63 ? -4.316  -6.462  -7.826  1.00 11.27 ? 393 ASN A O   1 
ATOM   433 C CB  . ASN A 1 63 ? -4.896  -5.277  -4.978  1.00 8.56  ? 393 ASN A CB  1 
ATOM   434 C CG  . ASN A 1 63 ? -6.260  -4.599  -5.172  1.00 9.10  ? 393 ASN A CG  1 
ATOM   435 O OD1 . ASN A 1 63 ? -6.560  -4.011  -6.224  1.00 9.68  ? 393 ASN A OD1 1 
ATOM   436 N ND2 . ASN A 1 63 ? -7.117  -4.698  -4.146  1.00 10.77 ? 393 ASN A ND2 1 
ATOM   437 N N   . THR A 1 64 ? -6.413  -7.167  -7.337  1.00 11.13 ? 394 THR A N   1 
ATOM   438 C CA  . THR A 1 64 ? -6.819  -7.328  -8.741  1.00 10.26 ? 394 THR A CA  1 
ATOM   439 C C   . THR A 1 64 ? -7.145  -6.024  -9.465  1.00 11.00 ? 394 THR A C   1 
ATOM   440 O O   . THR A 1 64 ? -7.252  -6.048  -10.699 1.00 13.66 ? 394 THR A O   1 
ATOM   441 C CB  . THR A 1 64 ? -8.099  -8.167  -8.827  1.00 16.27 ? 394 THR A CB  1 
ATOM   442 O OG1 . THR A 1 64 ? -9.146  -7.518  -8.063  1.00 22.71 ? 394 THR A OG1 1 
ATOM   443 C CG2 . THR A 1 64 ? -7.859  -9.549  -8.264  1.00 17.05 ? 394 THR A CG2 1 
ATOM   444 N N   . GLY A 1 65 ? -7.307  -4.900  -8.753  1.00 9.90  ? 395 GLY A N   1 
ATOM   445 C CA  . GLY A 1 65 ? -7.822  -3.692  -9.358  1.00 10.71 ? 395 GLY A CA  1 
ATOM   446 C C   . GLY A 1 65 ? -9.327  -3.600  -9.415  1.00 9.97  ? 395 GLY A C   1 
ATOM   447 O O   . GLY A 1 65 ? -9.847  -2.711  -10.090 1.00 10.67 ? 395 GLY A O   1 
ATOM   448 N N   . ASN A 1 66 ? -10.060 -4.492  -8.719  1.00 10.77 ? 396 ASN A N   1 
ATOM   449 C CA  . ASN A 1 66 ? -11.527 -4.489  -8.791  1.00 11.77 ? 396 ASN A CA  1 
ATOM   450 C C   . ASN A 1 66 ? -12.160 -4.638  -7.406  1.00 11.41 ? 396 ASN A C   1 
ATOM   451 O O   . ASN A 1 66 ? -13.270 -5.182  -7.286  1.00 15.37 ? 396 ASN A O   1 
ATOM   452 C CB  . ASN A 1 66 ? -12.036 -5.594  -9.730  1.00 15.04 ? 396 ASN A CB  1 
ATOM   453 C CG  . ASN A 1 66 ? -11.456 -5.473  -11.144 1.00 29.00 ? 396 ASN A CG  1 
ATOM   454 O OD1 . ASN A 1 66 ? -10.677 -6.325  -11.589 1.00 41.68 ? 396 ASN A OD1 1 
ATOM   455 N ND2 . ASN A 1 66 ? -11.801 -4.395  -11.826 1.00 25.92 ? 396 ASN A ND2 1 
ATOM   456 N N   . GLY A 1 67 ? -11.491 -4.169  -6.353  1.00 10.25 ? 397 GLY A N   1 
ATOM   457 C CA  . GLY A 1 67 ? -12.070 -4.255  -5.020  1.00 12.52 ? 397 GLY A CA  1 
ATOM   458 C C   . GLY A 1 67 ? -10.986 -4.166  -3.947  1.00 10.58 ? 397 GLY A C   1 
ATOM   459 O O   . GLY A 1 67 ? -9.891  -3.667  -4.205  1.00 11.01 ? 397 GLY A O   1 
ATOM   460 N N   . TRP A 1 68 ? -11.298 -4.701  -2.768  1.00 11.20 ? 398 TRP A N   1 
ATOM   461 C CA  . TRP A 1 68 ? -10.425 -4.589  -1.599  1.00 11.42 ? 398 TRP A CA  1 
ATOM   462 C C   . TRP A 1 68 ? -9.665  -5.881  -1.336  1.00 10.83 ? 398 TRP A C   1 
ATOM   463 O O   . TRP A 1 68 ? -10.222 -6.985  -1.425  1.00 15.37 ? 398 TRP A O   1 
ATOM   464 C CB  . TRP A 1 68 ? -11.283 -4.367  -0.350  1.00 12.28 ? 398 TRP A CB  1 
ATOM   465 C CG  . TRP A 1 68 ? -11.980 -3.028  -0.258  1.00 10.89 ? 398 TRP A CG  1 
ATOM   466 C CD1 . TRP A 1 68 ? -13.294 -2.767  -0.547  1.00 12.11 ? 398 TRP A CD1 1 
ATOM   467 C CD2 . TRP A 1 68 ? -11.411 -1.793  0.192   1.00 11.13 ? 398 TRP A CD2 1 
ATOM   468 N NE1 . TRP A 1 68 ? -13.575 -1.442  -0.307  1.00 14.72 ? 398 TRP A NE1 1 
ATOM   469 C CE2 . TRP A 1 68 ? -12.439 -0.822  0.152   1.00 12.66 ? 398 TRP A CE2 1 
ATOM   470 C CE3 . TRP A 1 68 ? -10.142 -1.423  0.633   1.00 12.73 ? 398 TRP A CE3 1 
ATOM   471 C CZ2 . TRP A 1 68 ? -12.231 0.508   0.535   1.00 13.07 ? 398 TRP A CZ2 1 
ATOM   472 C CZ3 . TRP A 1 68 ? -9.924  -0.086  1.031   1.00 15.28 ? 398 TRP A CZ3 1 
ATOM   473 C CH2 . TRP A 1 68 ? -10.969 0.857   0.973   1.00 13.32 ? 398 TRP A CH2 1 
ATOM   474 N N   . THR A 1 69 ? -8.415  -5.729  -0.912  1.00 12.42 ? 399 THR A N   1 
ATOM   475 C CA  . THR A 1 69 ? -7.625  -6.810  -0.334  1.00 12.22 ? 399 THR A CA  1 
ATOM   476 C C   . THR A 1 69 ? -7.528  -6.570  1.162   1.00 12.61 ? 399 THR A C   1 
ATOM   477 O O   . THR A 1 69 ? -7.054  -5.512  1.593   1.00 12.54 ? 399 THR A O   1 
ATOM   478 C CB  . THR A 1 69 ? -6.224  -6.797  -0.946  1.00 11.03 ? 399 THR A CB  1 
ATOM   479 O OG1 . THR A 1 69 ? -6.332  -7.026  -2.356  1.00 11.23 ? 399 THR A OG1 1 
ATOM   480 C CG2 . THR A 1 69 ? -5.393  -7.907  -0.334  1.00 11.97 ? 399 THR A CG2 1 
ATOM   481 N N   . THR A 1 70 ? -7.938  -7.560  1.956   1.00 12.77 ? 400 THR A N   1 
ATOM   482 C CA  . THR A 1 70 ? -7.747  -7.518  3.401   1.00 12.64 ? 400 THR A CA  1 
ATOM   483 C C   . THR A 1 70 ? -6.356  -8.054  3.733   1.00 13.19 ? 400 THR A C   1 
ATOM   484 O O   . THR A 1 70 ? -5.952  -9.106  3.208   1.00 15.82 ? 400 THR A O   1 
ATOM   485 C CB  . THR A 1 70 ? -8.831  -8.355  4.087   1.00 12.50 ? 400 THR A CB  1 
ATOM   486 O OG1 . THR A 1 70 ? -10.102 -7.786  3.778   1.00 14.85 ? 400 THR A OG1 1 
ATOM   487 C CG2 . THR A 1 70 ? -8.646  -8.383  5.583   1.00 14.86 ? 400 THR A CG2 1 
ATOM   488 N N   . VAL A 1 71 ? -5.600  -7.320  4.560   1.00 11.84 ? 401 VAL A N   1 
ATOM   489 C CA  . VAL A 1 71 ? -4.242  -7.736  4.936   1.00 13.23 ? 401 VAL A CA  1 
ATOM   490 C C   . VAL A 1 71 ? -4.233  -8.045  6.433   1.00 14.54 ? 401 VAL A C   1 
ATOM   491 O O   . VAL A 1 71 ? -4.069  -7.145  7.276   1.00 16.01 ? 401 VAL A O   1 
ATOM   492 C CB  . VAL A 1 71 ? -3.205  -6.663  4.582   1.00 14.04 ? 401 VAL A CB  1 
ATOM   493 C CG1 . VAL A 1 71 ? -1.786  -7.158  4.921   1.00 14.61 ? 401 VAL A CG1 1 
ATOM   494 C CG2 . VAL A 1 71 ? -3.297  -6.281  3.096   1.00 13.91 ? 401 VAL A CG2 1 
ATOM   495 N N   . ALA A 1 72 ? -4.398  -9.318  6.790   1.00 18.27 ? 402 ALA A N   1 
ATOM   496 C CA  . ALA A 1 72 ? -4.297  -9.706  8.186   1.00 22.31 ? 402 ALA A CA  1 
ATOM   497 C C   . ALA A 1 72 ? -2.854  -9.572  8.672   1.00 22.04 ? 402 ALA A C   1 
ATOM   498 O O   . ALA A 1 72 ? -1.894  -9.612  7.889   1.00 22.13 ? 402 ALA A O   1 
ATOM   499 C CB  . ALA A 1 72 ? -4.783  -11.152 8.385   1.00 24.42 ? 402 ALA A CB  1 
ATOM   500 N N   . ASN A 1 73 ? -2.709  -9.331  9.959   1.00 27.02 ? 403 ASN A N   1 
ATOM   501 C CA  . ASN A 1 73 ? -1.401  -9.356  10.602  1.00 26.07 ? 403 ASN A CA  1 
ATOM   502 C C   . ASN A 1 73 ? -0.522  -8.158  10.247  1.00 25.17 ? 403 ASN A C   1 
ATOM   503 O O   . ASN A 1 73 ? 0.698   -8.226  10.397  1.00 23.48 ? 403 ASN A O   1 
ATOM   504 C CB  . ASN A 1 73 ? -0.648  -10.671 10.335  1.00 29.51 ? 403 ASN A CB  1 
ATOM   505 C CG  . ASN A 1 73 ? -1.487  -11.903 10.636  1.00 36.56 ? 403 ASN A CG  1 
ATOM   506 O OD1 . ASN A 1 73 ? -2.207  -11.958 11.640  1.00 37.13 ? 403 ASN A OD1 1 
ATOM   507 N ND2 . ASN A 1 73 ? -1.404  -12.898 9.757   1.00 38.61 ? 403 ASN A ND2 1 
ATOM   508 N N   . ALA A 1 74 ? -1.093  -7.053  9.784   1.00 21.12 ? 404 ALA A N   1 
ATOM   509 C CA  . ALA A 1 74 ? -0.352  -5.802  9.674   1.00 18.98 ? 404 ALA A CA  1 
ATOM   510 C C   . ALA A 1 74 ? -0.418  -5.067  11.010  1.00 18.72 ? 404 ALA A C   1 
ATOM   511 O O   . ALA A 1 74 ? -1.492  -4.941  11.607  1.00 21.39 ? 404 ALA A O   1 
ATOM   512 C CB  . ALA A 1 74 ? -0.933  -4.942  8.551   1.00 18.88 ? 404 ALA A CB  1 
ATOM   513 N N   . ALA A 1 75 ? 0.733   -4.581  11.473  1.00 17.39 ? 405 ALA A N   1 
ATOM   514 C CA  . ALA A 1 75 ? 0.829   -3.913  12.768  1.00 19.76 ? 405 ALA A CA  1 
ATOM   515 C C   . ALA A 1 75 ? 0.010   -2.625  12.788  1.00 14.90 ? 405 ALA A C   1 
ATOM   516 O O   . ALA A 1 75 ? -0.240  -2.000  11.754  1.00 15.26 ? 405 ALA A O   1 
ATOM   517 C CB  . ALA A 1 75 ? 2.295   -3.577  13.061  1.00 24.79 ? 405 ALA A CB  1 
ATOM   518 N N   . ASN A 1 76 ? -0.431  -2.237  13.983  1.00 17.86 ? 406 ASN A N   1 
ATOM   519 C CA  . ASN A 1 76 ? -0.895  -0.874  14.175  1.00 17.27 ? 406 ASN A CA  1 
ATOM   520 C C   . ASN A 1 76 ? 0.312   0.061   14.192  1.00 19.23 ? 406 ASN A C   1 
ATOM   521 O O   . ASN A 1 76 ? 1.454   -0.363  14.384  1.00 23.62 ? 406 ASN A O   1 
ATOM   522 C CB  . ASN A 1 76 ? -1.697  -0.732  15.466  1.00 17.71 ? 406 ASN A CB  1 
ATOM   523 C CG  . ASN A 1 76 ? -3.035  -1.468  15.409  1.00 20.16 ? 406 ASN A CG  1 
ATOM   524 O OD1 . ASN A 1 76 ? -3.639  -1.586  14.338  1.00 20.97 ? 406 ASN A OD1 1 
ATOM   525 N ND2 . ASN A 1 76 ? -3.507  -1.965  16.549  1.00 21.84 ? 406 ASN A ND2 1 
ATOM   526 N N   . GLY A 1 77 ? 0.048   1.346   14.020  1.00 16.03 ? 407 GLY A N   1 
ATOM   527 C CA  . GLY A 1 77 ? 1.118   2.334   13.923  1.00 16.67 ? 407 GLY A CA  1 
ATOM   528 C C   . GLY A 1 77 ? 1.480   2.686   12.493  1.00 14.15 ? 407 GLY A C   1 
ATOM   529 O O   . GLY A 1 77 ? 0.711   2.476   11.546  1.00 14.16 ? 407 GLY A O   1 
ATOM   530 N N   . ASP A 1 78 ? 2.693   3.223   12.336  1.00 13.05 ? 408 ASP A N   1 
ATOM   531 C CA  . ASP A 1 78 ? 3.154   3.633   11.012  1.00 14.86 ? 408 ASP A CA  1 
ATOM   532 C C   . ASP A 1 78 ? 3.607   2.408   10.235  1.00 15.30 ? 408 ASP A C   1 
ATOM   533 O O   . ASP A 1 78 ? 4.469   1.648   10.704  1.00 18.90 ? 408 ASP A O   1 
ATOM   534 C CB  . ASP A 1 78 ? 4.349   4.577   11.104  1.00 14.13 ? 408 ASP A CB  1 
ATOM   535 C CG  . ASP A 1 78 ? 3.993   5.953   11.619  1.00 16.87 ? 408 ASP A CG  1 
ATOM   536 O OD1 . ASP A 1 78 ? 2.828   6.381   11.505  1.00 18.86 ? 408 ASP A OD1 1 
ATOM   537 O OD2 . ASP A 1 78 ? 4.931   6.642   12.094  1.00 19.49 ? 408 ASP A OD2 1 
ATOM   538 N N   . LEU A 1 79 ? 3.070   2.247   9.034   1.00 12.73 ? 409 LEU A N   1 
ATOM   539 C CA  . LEU A 1 79 ? 3.436   1.159   8.140   1.00 11.21 ? 409 LEU A CA  1 
ATOM   540 C C   . LEU A 1 79 ? 4.072   1.759   6.904   1.00 11.71 ? 409 LEU A C   1 
ATOM   541 O O   . LEU A 1 79 ? 3.678   2.835   6.466   1.00 12.10 ? 409 LEU A O   1 
ATOM   542 C CB  . LEU A 1 79 ? 2.163   0.417   7.678   1.00 10.60 ? 409 LEU A CB  1 
ATOM   543 C CG  . LEU A 1 79 ? 1.428   -0.341  8.792   1.00 10.29 ? 409 LEU A CG  1 
ATOM   544 C CD1 . LEU A 1 79 ? 0.124   -0.848  8.190   1.00 14.82 ? 409 LEU A CD1 1 
ATOM   545 C CD2 . LEU A 1 79 ? 2.228   -1.480  9.358   1.00 16.56 ? 409 LEU A CD2 1 
ATOM   546 N N   . TYR A 1 80 ? 5.049   1.054   6.330   1.00 9.35  ? 410 TYR A N   1 
ATOM   547 C CA  . TYR A 1 80 ? 5.676   1.450   5.072   1.00 9.13  ? 410 TYR A CA  1 
ATOM   548 C C   . TYR A 1 80 ? 5.401   0.369   4.035   1.00 11.22 ? 410 TYR A C   1 
ATOM   549 O O   . TYR A 1 80 ? 5.808   -0.789  4.211   1.00 11.61 ? 410 TYR A O   1 
ATOM   550 C CB  . TYR A 1 80 ? 7.176   1.753   5.290   1.00 10.53 ? 410 TYR A CB  1 
ATOM   551 C CG  . TYR A 1 80 ? 7.311   2.929   6.245   1.00 10.30 ? 410 TYR A CG  1 
ATOM   552 C CD1 . TYR A 1 80 ? 7.199   4.262   5.777   1.00 12.30 ? 410 TYR A CD1 1 
ATOM   553 C CD2 . TYR A 1 80 ? 7.340   2.735   7.632   1.00 10.78 ? 410 TYR A CD2 1 
ATOM   554 C CE1 . TYR A 1 80 ? 7.231   5.314   6.638   1.00 11.16 ? 410 TYR A CE1 1 
ATOM   555 C CE2 . TYR A 1 80 ? 7.358   3.816   8.498   1.00 11.39 ? 410 TYR A CE2 1 
ATOM   556 C CZ  . TYR A 1 80 ? 7.318   5.092   8.006   1.00 11.59 ? 410 TYR A CZ  1 
ATOM   557 O OH  . TYR A 1 80 ? 7.349   6.124   8.916   1.00 15.75 ? 410 TYR A OH  1 
ATOM   558 N N   . ILE A 1 81 ? 4.686   0.740   2.982   1.00 10.50 ? 411 ILE A N   1 
ATOM   559 C CA  A ILE A 1 81 ? 4.140   -0.197  2.005   0.57 10.04 ? 411 ILE A CA  1 
ATOM   560 C CA  B ILE A 1 81 ? 4.141   -0.199  1.998   0.43 9.93  ? 411 ILE A CA  1 
ATOM   561 C C   . ILE A 1 81 ? 4.777   0.093   0.643   1.00 8.97  ? 411 ILE A C   1 
ATOM   562 O O   . ILE A 1 81 ? 4.545   1.166   0.043   1.00 10.36 ? 411 ILE A O   1 
ATOM   563 C CB  A ILE A 1 81 ? 2.612   -0.099  1.965   0.57 10.12 ? 411 ILE A CB  1 
ATOM   564 C CB  B ILE A 1 81 ? 2.612   -0.118  1.911   0.43 10.49 ? 411 ILE A CB  1 
ATOM   565 C CG1 A ILE A 1 81 ? 2.089   -0.243  3.411   0.57 10.73 ? 411 ILE A CG1 1 
ATOM   566 C CG1 B ILE A 1 81 ? 1.988   -0.276  3.302   0.43 12.08 ? 411 ILE A CG1 1 
ATOM   567 C CG2 A ILE A 1 81 ? 2.040   -1.158  1.028   0.57 12.90 ? 411 ILE A CG2 1 
ATOM   568 C CG2 B ILE A 1 81 ? 2.088   -1.182  0.951   0.43 12.28 ? 411 ILE A CG2 1 
ATOM   569 C CD1 A ILE A 1 81 ? 0.580   -0.300  3.555   0.57 16.03 ? 411 ILE A CD1 1 
ATOM   570 C CD1 B ILE A 1 81 ? 1.597   1.028   3.933   0.43 9.42  ? 411 ILE A CD1 1 
ATOM   571 N N   . LYS A 1 82 ? 5.599   -0.848  0.155   1.00 10.69 ? 412 LYS A N   1 
ATOM   572 C CA  . LYS A 1 82 ? 6.217   -0.734  -1.170  1.00 9.77  ? 412 LYS A CA  1 
ATOM   573 C C   . LYS A 1 82 ? 5.287   -1.319  -2.228  1.00 10.38 ? 412 LYS A C   1 
ATOM   574 O O   . LYS A 1 82 ? 4.776   -2.445  -2.069  1.00 10.02 ? 412 LYS A O   1 
ATOM   575 C CB  . LYS A 1 82 ? 7.556   -1.476  -1.224  1.00 12.12 ? 412 LYS A CB  1 
ATOM   576 C CG  . LYS A 1 82 ? 8.208   -1.325  -2.610  1.00 14.87 ? 412 LYS A CG  1 
ATOM   577 C CD  . LYS A 1 82 ? 9.672   -1.681  -2.603  1.00 15.34 ? 412 LYS A CD  1 
ATOM   578 C CE  . LYS A 1 82 ? 10.268  -1.394  -3.998  1.00 17.03 ? 412 LYS A CE  1 
ATOM   579 N NZ  . LYS A 1 82 ? 11.591  -2.030  -4.100  1.00 25.09 ? 412 LYS A NZ  1 
ATOM   580 N N   . ILE A 1 83 ? 5.103   -0.581  -3.327  1.00 9.66  ? 413 ILE A N   1 
ATOM   581 C CA  . ILE A 1 83 ? 4.380   -1.088  -4.499  1.00 9.03  ? 413 ILE A CA  1 
ATOM   582 C C   . ILE A 1 83 ? 5.388   -1.855  -5.357  1.00 11.04 ? 413 ILE A C   1 
ATOM   583 O O   . ILE A 1 83 ? 6.264   -1.274  -6.003  1.00 11.83 ? 413 ILE A O   1 
ATOM   584 C CB  . ILE A 1 83 ? 3.663   0.020   -5.276  1.00 9.25  ? 413 ILE A CB  1 
ATOM   585 C CG1 . ILE A 1 83 ? 2.781   0.817   -4.310  1.00 13.56 ? 413 ILE A CG1 1 
ATOM   586 C CG2 . ILE A 1 83 ? 2.790   -0.608  -6.384  1.00 11.89 ? 413 ILE A CG2 1 
ATOM   587 C CD1 . ILE A 1 83 ? 1.889   1.842   -4.967  1.00 16.74 ? 413 ILE A CD1 1 
ATOM   588 N N   . VAL A 1 84 ? 5.278   -3.176  -5.331  1.00 11.28 ? 414 VAL A N   1 
ATOM   589 C CA  . VAL A 1 84 ? 6.272   -4.038  -5.955  1.00 9.91  ? 414 VAL A CA  1 
ATOM   590 C C   . VAL A 1 84 ? 6.074   -4.084  -7.455  1.00 11.95 ? 414 VAL A C   1 
ATOM   591 O O   . VAL A 1 84 ? 7.048   -4.081  -8.223  1.00 15.49 ? 414 VAL A O   1 
ATOM   592 C CB  . VAL A 1 84 ? 6.200   -5.440  -5.318  1.00 13.55 ? 414 VAL A CB  1 
ATOM   593 C CG1 . VAL A 1 84 ? 7.120   -6.390  -6.087  1.00 15.90 ? 414 VAL A CG1 1 
ATOM   594 C CG2 . VAL A 1 84 ? 6.637   -5.361  -3.847  1.00 14.18 ? 414 VAL A CG2 1 
ATOM   595 N N   . SER A 1 85 ? 4.822   -4.151  -7.908  1.00 11.74 ? 415 SER A N   1 
ATOM   596 C CA  . SER A 1 85 ? 4.560   -4.299  -9.332  1.00 12.58 ? 415 SER A CA  1 
ATOM   597 C C   . SER A 1 85 ? 3.211   -3.667  -9.632  1.00 12.23 ? 415 SER A C   1 
ATOM   598 O O   . SER A 1 85 ? 2.303   -3.669  -8.791  1.00 11.58 ? 415 SER A O   1 
ATOM   599 C CB  . SER A 1 85 ? 4.569   -5.775  -9.756  1.00 16.15 ? 415 SER A CB  1 
ATOM   600 O OG  . SER A 1 85 ? 3.540   -6.504  -9.112  1.00 19.63 ? 415 SER A OG  1 
ATOM   601 N N   . ALA A 1 86 ? 3.091   -3.140  -10.861 1.00 9.81  ? 416 ALA A N   1 
ATOM   602 C CA  . ALA A 1 86 ? 1.860   -2.600  -11.449 1.00 9.82  ? 416 ALA A CA  1 
ATOM   603 C C   . ALA A 1 86 ? 2.222   -2.132  -12.854 1.00 14.03 ? 416 ALA A C   1 
ATOM   604 O O   . ALA A 1 86 ? 3.245   -1.455  -13.023 1.00 14.63 ? 416 ALA A O   1 
ATOM   605 C CB  . ALA A 1 86 ? 1.328   -1.395  -10.635 1.00 10.49 ? 416 ALA A CB  1 
ATOM   606 N N   . SER A 1 87 ? 1.392   -2.446  -13.861 1.00 12.10 ? 417 SER A N   1 
ATOM   607 C CA  . SER A 1 87 ? 1.764   -2.135  -15.242 1.00 13.21 ? 417 SER A CA  1 
ATOM   608 C C   . SER A 1 87 ? 1.685   -0.654  -15.597 1.00 12.88 ? 417 SER A C   1 
ATOM   609 O O   . SER A 1 87 ? 2.336   -0.247  -16.577 1.00 14.34 ? 417 SER A O   1 
ATOM   610 C CB  . SER A 1 87 ? 0.914   -2.906  -16.254 1.00 13.50 ? 417 SER A CB  1 
ATOM   611 O OG  . SER A 1 87 ? -0.404  -2.363  -16.294 1.00 18.83 ? 417 SER A OG  1 
ATOM   612 N N   . ARG A 1 88 ? 0.928   0.147   -14.848 1.00 10.12 ? 418 ARG A N   1 
ATOM   613 C CA  . ARG A 1 88 ? 0.664   1.554   -15.160 1.00 9.05  ? 418 ARG A CA  1 
ATOM   614 C C   . ARG A 1 88 ? 0.127   2.220   -13.898 1.00 10.07 ? 418 ARG A C   1 
ATOM   615 O O   . ARG A 1 88 ? -0.260  1.543   -12.941 1.00 11.29 ? 418 ARG A O   1 
ATOM   616 C CB  . ARG A 1 88 ? -0.338  1.707   -16.311 1.00 9.28  ? 418 ARG A CB  1 
ATOM   617 C CG  . ARG A 1 88 ? -1.771  1.131   -16.041 1.00 8.45  ? 418 ARG A CG  1 
ATOM   618 C CD  . ARG A 1 88 ? -2.706  1.177   -17.292 1.00 8.06  ? 418 ARG A CD  1 
ATOM   619 N NE  . ARG A 1 88 ? -2.133  0.342   -18.376 1.00 10.96 ? 418 ARG A NE  1 
ATOM   620 C CZ  . ARG A 1 88 ? -2.699  -0.724  -18.926 1.00 9.61  ? 418 ARG A CZ  1 
ATOM   621 N NH1 . ARG A 1 88 ? -3.961  -1.102  -18.625 1.00 9.28  ? 418 ARG A NH1 1 
ATOM   622 N NH2 . ARG A 1 88 ? -1.972  -1.392  -19.809 1.00 11.16 ? 418 ARG A NH2 1 
ATOM   623 N N   . SER A 1 89 ? 0.141   3.549   -13.875 1.00 9.40  ? 419 SER A N   1 
ATOM   624 C CA  . SER A 1 89 ? -0.369  4.228   -12.685 1.00 9.72  ? 419 SER A CA  1 
ATOM   625 C C   . SER A 1 89 ? -1.848  3.911   -12.466 1.00 9.04  ? 419 SER A C   1 
ATOM   626 O O   . SER A 1 89 ? -2.626  3.690   -13.410 1.00 9.67  ? 419 SER A O   1 
ATOM   627 C CB  . SER A 1 89 ? -0.151  5.745   -12.772 1.00 11.50 ? 419 SER A CB  1 
ATOM   628 O OG  . SER A 1 89 ? -0.959  6.338   -13.810 1.00 12.23 ? 419 SER A OG  1 
ATOM   629 N N   . PHE A 1 90 ? -2.243  3.883   -11.198 1.00 9.52  ? 420 PHE A N   1 
ATOM   630 C CA  . PHE A 1 90 ? -3.603  3.484   -10.858 1.00 9.42  ? 420 PHE A CA  1 
ATOM   631 C C   . PHE A 1 90 ? -4.019  4.229   -9.599  1.00 9.47  ? 420 PHE A C   1 
ATOM   632 O O   . PHE A 1 90 ? -3.174  4.765   -8.875  1.00 11.41 ? 420 PHE A O   1 
ATOM   633 C CB  . PHE A 1 90 ? -3.708  1.943   -10.675 1.00 8.58  ? 420 PHE A CB  1 
ATOM   634 C CG  . PHE A 1 90 ? -2.833  1.388   -9.550  1.00 8.14  ? 420 PHE A CG  1 
ATOM   635 C CD1 . PHE A 1 90 ? -1.442  1.236   -9.691  1.00 9.04  ? 420 PHE A CD1 1 
ATOM   636 C CD2 . PHE A 1 90 ? -3.405  0.977   -8.381  1.00 10.04 ? 420 PHE A CD2 1 
ATOM   637 C CE1 . PHE A 1 90 ? -0.662  0.709   -8.626  1.00 9.29  ? 420 PHE A CE1 1 
ATOM   638 C CE2 . PHE A 1 90 ? -2.643  0.452   -7.334  1.00 8.45  ? 420 PHE A CE2 1 
ATOM   639 C CZ  . PHE A 1 90 ? -1.272  0.328   -7.439  1.00 9.75  ? 420 PHE A CZ  1 
ATOM   640 N N   . ASN A 1 91 ? -5.329  4.300   -9.328  1.00 9.23  ? 421 ASN A N   1 
ATOM   641 C CA  . ASN A 1 91 ? -5.796  4.986   -8.115  1.00 8.68  ? 421 ASN A CA  1 
ATOM   642 C C   . ASN A 1 91 ? -6.069  3.948   -7.030  1.00 11.38 ? 421 ASN A C   1 
ATOM   643 O O   . ASN A 1 91 ? -6.838  3.002   -7.244  1.00 11.91 ? 421 ASN A O   1 
ATOM   644 C CB  . ASN A 1 91 ? -7.077  5.780   -8.374  1.00 10.47 ? 421 ASN A CB  1 
ATOM   645 C CG  . ASN A 1 91 ? -6.845  6.993   -9.229  1.00 17.97 ? 421 ASN A CG  1 
ATOM   646 O OD1 . ASN A 1 91 ? -5.751  7.577   -9.240  1.00 18.99 ? 421 ASN A OD1 1 
ATOM   647 N ND2 . ASN A 1 91 ? -7.903  7.436   -9.902  1.00 24.90 ? 421 ASN A ND2 1 
ATOM   648 N N   . VAL A 1 92 ? -5.479  4.155   -5.851  1.00 8.78  ? 422 VAL A N   1 
ATOM   649 C CA  . VAL A 1 92 ? -5.564  3.187   -4.761  1.00 9.84  ? 422 VAL A CA  1 
ATOM   650 C C   . VAL A 1 92 ? -5.927  3.930   -3.488  1.00 11.36 ? 422 VAL A C   1 
ATOM   651 O O   . VAL A 1 92 ? -5.624  5.119   -3.349  1.00 11.38 ? 422 VAL A O   1 
ATOM   652 C CB  . VAL A 1 92 ? -4.226  2.427   -4.607  1.00 9.61  ? 422 VAL A CB  1 
ATOM   653 C CG1 . VAL A 1 92 ? -3.142  3.353   -4.076  1.00 12.79 ? 422 VAL A CG1 1 
ATOM   654 C CG2 . VAL A 1 92 ? -4.400  1.201   -3.710  1.00 11.76 ? 422 VAL A CG2 1 
ATOM   655 N N   . LYS A 1 93 ? -6.601  3.234   -2.550  1.00 9.78  ? 423 LYS A N   1 
ATOM   656 C CA  . LYS A 1 93 ? -6.757  3.772   -1.194  1.00 8.75  ? 423 LYS A CA  1 
ATOM   657 C C   . LYS A 1 93 ? -6.430  2.727   -0.145  1.00 11.50 ? 423 LYS A C   1 
ATOM   658 O O   . LYS A 1 93 ? -6.593  1.528   -0.368  1.00 11.62 ? 423 LYS A O   1 
ATOM   659 C CB  . LYS A 1 93 ? -8.116  4.409   -0.913  1.00 13.44 ? 423 LYS A CB  1 
ATOM   660 C CG  . LYS A 1 93 ? -9.302  3.536   -1.249  1.00 17.30 ? 423 LYS A CG  1 
ATOM   661 C CD  . LYS A 1 93 ? -10.553 4.364   -0.956  1.00 21.07 ? 423 LYS A CD  1 
ATOM   662 C CE  . LYS A 1 93 ? -11.803 3.760   -1.483  1.00 27.99 ? 423 LYS A CE  1 
ATOM   663 N NZ  . LYS A 1 93 ? -12.975 4.670   -1.162  1.00 27.20 ? 423 LYS A NZ  1 
ATOM   664 N N   . PHE A 1 94 ? -5.905  3.211   0.983   1.00 9.85  ? 424 PHE A N   1 
ATOM   665 C CA  A PHE A 1 94 ? -5.636  2.409   2.169   0.49 10.46 ? 424 PHE A CA  1 
ATOM   666 C CA  B PHE A 1 94 ? -5.649  2.394   2.162   0.51 10.27 ? 424 PHE A CA  1 
ATOM   667 C C   . PHE A 1 94 ? -6.662  2.772   3.239   1.00 11.90 ? 424 PHE A C   1 
ATOM   668 O O   . PHE A 1 94 ? -7.014  3.946   3.384   1.00 12.14 ? 424 PHE A O   1 
ATOM   669 C CB  A PHE A 1 94 ? -4.218  2.712   2.692   0.49 11.78 ? 424 PHE A CB  1 
ATOM   670 C CB  B PHE A 1 94 ? -4.237  2.638   2.721   0.51 12.61 ? 424 PHE A CB  1 
ATOM   671 C CG  A PHE A 1 94 ? -3.113  2.232   1.775   0.49 10.52 ? 424 PHE A CG  1 
ATOM   672 C CG  B PHE A 1 94 ? -3.106  2.286   1.770   0.51 11.03 ? 424 PHE A CG  1 
ATOM   673 C CD1 A PHE A 1 94 ? -2.764  2.955   0.628   0.49 11.47 ? 424 PHE A CD1 1 
ATOM   674 C CD1 B PHE A 1 94 ? -3.316  1.545   0.602   0.51 8.56  ? 424 PHE A CD1 1 
ATOM   675 C CD2 A PHE A 1 94 ? -2.423  1.070   2.058   0.49 12.50 ? 424 PHE A CD2 1 
ATOM   676 C CD2 B PHE A 1 94 ? -1.820  2.713   2.058   0.51 12.55 ? 424 PHE A CD2 1 
ATOM   677 C CE1 A PHE A 1 94 ? -1.763  2.510   -0.239  0.49 11.18 ? 424 PHE A CE1 1 
ATOM   678 C CE1 B PHE A 1 94 ? -2.239  1.237   -0.279  0.51 10.62 ? 424 PHE A CE1 1 
ATOM   679 C CE2 A PHE A 1 94 ? -1.416  0.621   1.203   0.49 14.07 ? 424 PHE A CE2 1 
ATOM   680 C CE2 B PHE A 1 94 ? -0.745  2.401   1.208   0.51 12.75 ? 424 PHE A CE2 1 
ATOM   681 C CZ  A PHE A 1 94 ? -1.076  1.343   0.053   0.49 12.22 ? 424 PHE A CZ  1 
ATOM   682 C CZ  B PHE A 1 94 ? -0.958  1.661   0.033   0.51 12.87 ? 424 PHE A CZ  1 
ATOM   683 N N   . ASP A 1 95 ? -7.138  1.771   3.997   1.00 11.22 ? 425 ASP A N   1 
ATOM   684 C CA  . ASP A 1 95 ? -8.139  1.980   5.041   1.00 10.39 ? 425 ASP A CA  1 
ATOM   685 C C   . ASP A 1 95 ? -7.915  0.919   6.118   1.00 13.30 ? 425 ASP A C   1 
ATOM   686 O O   . ASP A 1 95 ? -7.008  0.080   6.012   1.00 12.38 ? 425 ASP A O   1 
ATOM   687 C CB  . ASP A 1 95 ? -9.565  1.933   4.433   1.00 13.05 ? 425 ASP A CB  1 
ATOM   688 C CG  . ASP A 1 95 ? -10.590 2.828   5.168   1.00 14.36 ? 425 ASP A CG  1 
ATOM   689 O OD1 . ASP A 1 95 ? -10.514 3.010   6.399   1.00 14.68 ? 425 ASP A OD1 1 
ATOM   690 O OD2 . ASP A 1 95 ? -11.527 3.335   4.492   1.00 18.35 ? 425 ASP A OD2 1 
ATOM   691 N N   . ASN A 1 96 ? -8.747  0.948   7.158   1.00 14.09 ? 426 ASN A N   1 
ATOM   692 C CA  . ASN A 1 96 ? -8.628  -0.028  8.230   1.00 13.28 ? 426 ASN A CA  1 
ATOM   693 C C   . ASN A 1 96 ? -9.952  -0.060  8.956   1.00 15.87 ? 426 ASN A C   1 
ATOM   694 O O   . ASN A 1 96 ? -10.581 0.990   9.157   1.00 16.02 ? 426 ASN A O   1 
ATOM   695 C CB  . ASN A 1 96 ? -7.463  0.282   9.209   1.00 14.26 ? 426 ASN A CB  1 
ATOM   696 C CG  . ASN A 1 96 ? -7.553  1.671   9.823   1.00 16.08 ? 426 ASN A CG  1 
ATOM   697 O OD1 . ASN A 1 96 ? -7.147  2.638   9.195   1.00 16.81 ? 426 ASN A OD1 1 
ATOM   698 N ND2 . ASN A 1 96 ? -8.062  1.774   11.048  1.00 19.02 ? 426 ASN A ND2 1 
ATOM   699 N N   . TRP A 1 97 ? -10.380 -1.264  9.327   1.00 14.54 ? 427 TRP A N   1 
ATOM   700 C CA  . TRP A 1 97 ? -11.614 -1.439  10.096  1.00 14.67 ? 427 TRP A CA  1 
ATOM   701 C C   . TRP A 1 97 ? -11.689 -2.816  10.727  1.00 18.82 ? 427 TRP A C   1 
ATOM   702 O O   . TRP A 1 97 ? -10.805 -3.639  10.495  1.00 17.69 ? 427 TRP A O   1 
ATOM   703 C CB  . TRP A 1 97 ? -12.875 -1.176  9.245   1.00 15.54 ? 427 TRP A CB  1 
ATOM   704 C CG  . TRP A 1 97 ? -13.022 -2.066  8.013   1.00 14.10 ? 427 TRP A CG  1 
ATOM   705 C CD1 . TRP A 1 97 ? -13.328 -3.406  7.996   1.00 18.27 ? 427 TRP A CD1 1 
ATOM   706 C CD2 . TRP A 1 97 ? -12.912 -1.666  6.643   1.00 15.15 ? 427 TRP A CD2 1 
ATOM   707 N NE1 . TRP A 1 97 ? -13.412 -3.858  6.695   1.00 14.36 ? 427 TRP A NE1 1 
ATOM   708 C CE2 . TRP A 1 97 ? -13.164 -2.814  5.844   1.00 12.93 ? 427 TRP A CE2 1 
ATOM   709 C CE3 . TRP A 1 97 ? -12.632 -0.446  6.001   1.00 13.68 ? 427 TRP A CE3 1 
ATOM   710 C CZ2 . TRP A 1 97 ? -13.127 -2.785  4.451   1.00 16.11 ? 427 TRP A CZ2 1 
ATOM   711 C CZ3 . TRP A 1 97 ? -12.612 -0.414  4.612   1.00 15.22 ? 427 TRP A CZ3 1 
ATOM   712 C CH2 . TRP A 1 97 ? -12.858 -1.574  3.844   1.00 14.47 ? 427 TRP A CH2 1 
ATOM   713 O OXT . TRP A 1 97 ? -12.648 -3.122  11.485  1.00 20.38 ? 427 TRP A OXT 1 
HETATM 714 C C2  . BGC B 2 .  ? -17.200 -3.875  12.560  0.51 21.34 ? 1   BGC B C2  1 
HETATM 715 C C3  . BGC B 2 .  ? -16.648 -3.297  11.334  0.51 21.32 ? 1   BGC B C3  1 
HETATM 716 C C4  . BGC B 2 .  ? -17.230 -1.944  10.926  0.51 19.00 ? 1   BGC B C4  1 
HETATM 717 C C5  . BGC B 2 .  ? -17.116 -1.049  12.160  0.51 20.22 ? 1   BGC B C5  1 
HETATM 718 C C6  . BGC B 2 .  ? -17.906 0.205   12.101  0.51 19.53 ? 1   BGC B C6  1 
HETATM 719 C C1  . BGC B 2 .  ? -16.770 -2.919  13.607  0.51 24.57 ? 1   BGC B C1  1 
HETATM 720 O O1  . BGC B 2 .  ? -17.193 -3.516  14.749  0.51 29.56 ? 1   BGC B O1  1 
HETATM 721 O O2  . BGC B 2 .  ? -16.558 -5.124  12.860  0.51 22.02 ? 1   BGC B O2  1 
HETATM 722 O O3  . BGC B 2 .  ? -16.901 -4.299  10.458  0.51 23.31 ? 1   BGC B O3  1 
HETATM 723 O O4  . BGC B 2 .  ? -16.489 -1.498  9.838   0.51 21.76 ? 1   BGC B O4  1 
HETATM 724 O O5  . BGC B 2 .  ? -17.503 -1.737  13.362  0.51 21.04 ? 1   BGC B O5  1 
HETATM 725 O O6  . BGC B 2 .  ? -17.464 1.137   13.051  0.51 20.57 ? 1   BGC B O6  1 
HETATM 726 C C2  . BGC B 2 .  ? -16.515 -0.123  7.902   0.51 16.78 ? 2   BGC B C2  1 
HETATM 727 C C3  . BGC B 2 .  ? -17.035 -0.002  6.489   0.51 16.39 ? 2   BGC B C3  1 
HETATM 728 C C4  . BGC B 2 .  ? -16.752 -1.307  5.703   0.51 17.54 ? 2   BGC B C4  1 
HETATM 729 C C5  . BGC B 2 .  ? -17.252 -2.481  6.509   0.51 20.32 ? 2   BGC B C5  1 
HETATM 730 C C6  . BGC B 2 .  ? -16.980 -3.938  6.114   0.51 18.48 ? 2   BGC B C6  1 
HETATM 731 C C1  . BGC B 2 .  ? -17.051 -1.391  8.574   0.51 16.72 ? 2   BGC B C1  1 
HETATM 732 O O2  . BGC B 2 .  ? -16.917 0.997   8.655   0.51 18.88 ? 2   BGC B O2  1 
HETATM 733 O O3  . BGC B 2 .  ? -16.490 1.188   5.914   0.51 21.01 ? 2   BGC B O3  1 
HETATM 734 O O4  . BGC B 2 .  ? -17.441 -1.178  4.501   0.51 23.62 ? 2   BGC B O4  1 
HETATM 735 O O5  . BGC B 2 .  ? -16.749 -2.485  7.823   0.51 18.29 ? 2   BGC B O5  1 
HETATM 736 O O6  . BGC B 2 .  ? -17.540 -4.736  7.115   0.51 24.85 ? 2   BGC B O6  1 
HETATM 737 C C2  . BGC B 2 .  ? -17.537 -1.927  2.246   0.51 17.13 ? 3   BGC B C2  1 
HETATM 738 C C3  . BGC B 2 .  ? -16.955 -1.681  0.837   0.51 17.10 ? 3   BGC B C3  1 
HETATM 739 C C4  . BGC B 2 .  ? -16.799 -0.194  0.541   0.51 19.10 ? 3   BGC B C4  1 
HETATM 740 C C5  . BGC B 2 .  ? -16.125 0.486   1.710   0.51 20.33 ? 3   BGC B C5  1 
HETATM 741 C C6  . BGC B 2 .  ? -16.116 2.018   1.726   0.51 19.89 ? 3   BGC B C6  1 
HETATM 742 C C1  . BGC B 2 .  ? -16.761 -1.150  3.270   0.51 19.35 ? 3   BGC B C1  1 
HETATM 743 O O2  . BGC B 2 .  ? -17.391 -3.265  2.613   0.51 20.90 ? 3   BGC B O2  1 
HETATM 744 O O3  . BGC B 2 .  ? -17.801 -2.277  -0.115  0.51 21.38 ? 3   BGC B O3  1 
HETATM 745 O O4  . BGC B 2 .  ? -16.073 -0.059  -0.657  0.51 23.61 ? 3   BGC B O4  1 
HETATM 746 O O5  . BGC B 2 .  ? -16.746 0.160   2.907   0.51 19.82 ? 3   BGC B O5  1 
HETATM 747 O O6  . BGC B 2 .  ? -15.573 2.538   2.863   0.51 19.94 ? 3   BGC B O6  1 
HETATM 748 C C2  . BGC B 2 .  ? -15.361 1.800   -1.866  0.51 16.36 ? 4   BGC B C2  1 
HETATM 749 C C3  . BGC B 2 .  ? -15.643 2.651   -3.069  0.51 16.34 ? 4   BGC B C3  1 
HETATM 750 C C4  . BGC B 2 .  ? -15.923 1.764   -4.279  0.51 16.75 ? 4   BGC B C4  1 
HETATM 751 C C5  . BGC B 2 .  ? -17.015 0.827   -3.975  0.51 19.28 ? 4   BGC B C5  1 
HETATM 752 C C6  . BGC B 2 .  ? -17.164 -0.241  -5.030  0.51 22.82 ? 4   BGC B C6  1 
HETATM 753 C C1  . BGC B 2 .  ? -16.512 0.820   -1.652  0.51 18.85 ? 4   BGC B C1  1 
HETATM 754 O O2  . BGC B 2 .  ? -15.173 2.634   -0.733  0.51 20.51 ? 4   BGC B O2  1 
HETATM 755 O O3  . BGC B 2 .  ? -14.520 3.483   -3.297  0.51 19.37 ? 4   BGC B O3  1 
HETATM 756 O O4  . BGC B 2 .  ? -16.355 2.507   -5.317  0.51 20.08 ? 4   BGC B O4  1 
HETATM 757 O O5  . BGC B 2 .  ? -16.767 0.111   -2.796  0.51 19.19 ? 4   BGC B O5  1 
HETATM 758 O O6  . BGC B 2 .  ? -17.936 -1.268  -4.509  0.51 26.72 ? 4   BGC B O6  1 
HETATM 759 C C2  . BGC B 2 .  ? -16.460 2.601   -7.620  0.51 21.73 ? 5   BGC B C2  1 
HETATM 760 C C3  . BGC B 2 .  ? -15.577 2.958   -8.855  0.51 21.79 ? 5   BGC B C3  1 
HETATM 761 C C4  . BGC B 2 .  ? -14.724 4.122   -8.556  0.51 23.05 ? 5   BGC B C4  1 
HETATM 762 C C5  . BGC B 2 .  ? -13.958 3.989   -7.225  0.51 20.76 ? 5   BGC B C5  1 
HETATM 763 C C6  . BGC B 2 .  ? -13.226 5.286   -7.026  0.51 22.25 ? 5   BGC B C6  1 
HETATM 764 C C1  . BGC B 2 .  ? -15.572 2.516   -6.405  0.51 19.36 ? 5   BGC B C1  1 
HETATM 765 O O2  . BGC B 2 .  ? -17.212 1.429   -7.652  0.51 23.46 ? 5   BGC B O2  1 
HETATM 766 O O3  . BGC B 2 .  ? -16.403 3.497   -9.843  0.51 23.56 ? 5   BGC B O3  1 
HETATM 767 O O4  . BGC B 2 .  ? -13.839 4.449   -9.602  0.51 27.60 ? 5   BGC B O4  1 
HETATM 768 O O5  . BGC B 2 .  ? -14.916 3.724   -6.237  0.51 20.62 ? 5   BGC B O5  1 
HETATM 769 O O6  . BGC B 2 .  ? -12.928 5.440   -5.633  0.51 22.21 ? 5   BGC B O6  1 
HETATM 770 O O   . HOH C 3 .  ? -12.371 -2.657  -11.941 1.00 37.05 ? 601 HOH A O   1 
HETATM 771 O O   . HOH C 3 .  ? -1.477  -10.986 6.057   1.00 29.57 ? 602 HOH A O   1 
HETATM 772 O O   . HOH C 3 .  ? -8.912  4.410   12.543  1.00 30.96 ? 603 HOH A O   1 
HETATM 773 O O   . HOH C 3 .  ? 6.523   -7.090  12.250  1.00 41.51 ? 604 HOH A O   1 
HETATM 774 O O   . HOH C 3 .  ? 7.554   5.955   11.436  1.00 22.13 ? 605 HOH A O   1 
HETATM 775 O O   . HOH C 3 .  ? -17.031 -2.518  17.081  1.00 42.41 ? 606 HOH A O   1 
HETATM 776 O O   . HOH C 3 .  ? -13.769 -0.502  -12.000 1.00 36.77 ? 607 HOH A O   1 
HETATM 777 O O   . HOH C 3 .  ? -9.544  3.145   -7.667  1.00 14.02 ? 608 HOH A O   1 
HETATM 778 O O   . HOH C 3 .  ? 4.494   -0.800  -17.934 1.00 34.07 ? 609 HOH A O   1 
HETATM 779 O O   . HOH C 3 .  ? -10.571 6.927   -9.162  1.00 32.02 ? 610 HOH A O   1 
HETATM 780 O O   . HOH C 3 .  ? -15.376 -6.256  -8.404  1.00 33.90 ? 611 HOH A O   1 
HETATM 781 O O   . HOH C 3 .  ? 0.610   7.571   -15.501 1.00 15.75 ? 612 HOH A O   1 
HETATM 782 O O   . HOH C 3 .  ? -0.361  -4.601  -13.421 1.00 17.64 ? 613 HOH A O   1 
HETATM 783 O O   . HOH C 3 .  ? -13.890 -5.310  12.232  1.00 54.61 ? 614 HOH A O   1 
HETATM 784 O O   . HOH C 3 .  ? -4.638  -2.853  -7.840  1.00 9.04  ? 615 HOH A O   1 
HETATM 785 O O   . HOH C 3 .  ? 11.132  -1.985  9.945   1.00 23.03 ? 616 HOH A O   1 
HETATM 786 O O   . HOH C 3 .  ? -2.630  5.976   15.279  1.00 39.17 ? 617 HOH A O   1 
HETATM 787 O O   . HOH C 3 .  ? -10.412 0.387   12.973  1.00 41.82 ? 618 HOH A O   1 
HETATM 788 O O   . HOH C 3 .  ? -2.457  -13.635 -4.156  1.00 41.31 ? 619 HOH A O   1 
HETATM 789 O O   . HOH C 3 .  ? -11.237 3.975   -10.050 1.00 31.64 ? 620 HOH A O   1 
HETATM 790 O O   . HOH C 3 .  ? 7.711   6.226   -8.127  1.00 19.79 ? 621 HOH A O   1 
HETATM 791 O O   . HOH C 3 .  ? -4.638  9.087   -11.168 1.00 41.76 ? 622 HOH A O   1 
HETATM 792 O O   . HOH C 3 .  ? -9.512  4.427   -11.098 1.00 24.52 ? 623 HOH A O   1 
HETATM 793 O O   . HOH C 3 .  ? -10.068 -6.183  12.806  1.00 41.33 ? 624 HOH A O   1 
HETATM 794 O O   . HOH C 3 .  ? -15.171 6.206   -4.343  1.00 37.42 ? 625 HOH A O   1 
HETATM 795 O O   . HOH C 3 .  ? -4.986  -10.833 -2.697  1.00 29.32 ? 626 HOH A O   1 
HETATM 796 O O   . HOH C 3 .  ? 15.920  10.286  5.046   1.00 16.57 ? 627 HOH A O   1 
HETATM 797 O O   . HOH C 3 .  ? 1.862   -13.163 -3.755  1.00 38.26 ? 628 HOH A O   1 
HETATM 798 O O   . HOH C 3 .  ? -12.986 3.512   2.201   1.00 18.30 ? 629 HOH A O   1 
HETATM 799 O O   . HOH C 3 .  ? 10.849  -7.272  1.172   1.00 32.27 ? 630 HOH A O   1 
HETATM 800 O O   . HOH C 3 .  ? -4.054  -5.724  9.613   1.00 13.67 ? 631 HOH A O   1 
HETATM 801 O O   . HOH C 3 .  ? 8.927   4.183   -9.128  1.00 29.62 ? 632 HOH A O   1 
HETATM 802 O O   . HOH C 3 .  ? -5.136  12.196  -3.334  1.00 33.21 ? 633 HOH A O   1 
HETATM 803 O O   . HOH C 3 .  ? -5.183  -11.306 5.061   1.00 32.80 ? 634 HOH A O   1 
HETATM 804 O O   . HOH C 3 .  ? 8.224   -9.705  6.777   1.00 22.00 ? 635 HOH A O   1 
HETATM 805 O O   . HOH C 3 .  ? 0.903   9.336   -10.875 1.00 33.48 ? 636 HOH A O   1 
HETATM 806 O O   . HOH C 3 .  ? -18.705 -6.340  10.841  1.00 35.08 ? 637 HOH A O   1 
HETATM 807 O O   . HOH C 3 .  ? -6.097  -0.851  -10.264 1.00 10.37 ? 638 HOH A O   1 
HETATM 808 O O   . HOH C 3 .  ? -1.321  7.892   7.356   1.00 18.57 ? 639 HOH A O   1 
HETATM 809 O O   . HOH C 3 .  ? 3.023   -9.685  10.726  1.00 43.19 ? 640 HOH A O   1 
HETATM 810 O O   . HOH C 3 .  ? 7.918   9.026   9.346   1.00 34.75 ? 641 HOH A O   1 
HETATM 811 O O   . HOH C 3 .  ? -10.432 1.437   -15.655 1.00 11.98 ? 642 HOH A O   1 
HETATM 812 O O   . HOH C 3 .  ? 0.002   10.403  -5.593  1.00 24.02 ? 643 HOH A O   1 
HETATM 813 O O   . HOH C 3 .  ? 11.892  10.273  5.791   1.00 14.98 ? 644 HOH A O   1 
HETATM 814 O O   . HOH C 3 .  ? -2.788  8.028   -12.580 1.00 34.15 ? 645 HOH A O   1 
HETATM 815 O O   . HOH C 3 .  ? -1.950  12.310  2.575   1.00 27.01 ? 646 HOH A O   1 
HETATM 816 O O   . HOH C 3 .  ? -12.540 5.671   5.606   1.00 20.59 ? 647 HOH A O   1 
HETATM 817 O O   . HOH C 3 .  ? 4.162   12.373  5.966   1.00 22.33 ? 648 HOH A O   1 
HETATM 818 O O   . HOH C 3 .  ? -19.632 -4.091  4.037   1.00 38.35 ? 649 HOH A O   1 
HETATM 819 O O   . HOH C 3 .  ? -15.927 5.230   -0.077  1.00 26.43 ? 650 HOH A O   1 
HETATM 820 O O   . HOH C 3 .  ? 5.637   -0.914  -14.338 1.00 40.12 ? 651 HOH A O   1 
HETATM 821 O O   . HOH C 3 .  ? 7.331   2.718   -12.128 1.00 31.37 ? 652 HOH A O   1 
HETATM 822 O O   . HOH C 3 .  ? -4.117  7.391   12.030  1.00 31.79 ? 653 HOH A O   1 
HETATM 823 O O   . HOH C 3 .  ? 18.058  2.168   1.051   1.00 18.00 ? 654 HOH A O   1 
HETATM 824 O O   . HOH C 3 .  ? -12.397 -9.255  4.358   1.00 50.66 ? 655 HOH A O   1 
HETATM 825 O O   . HOH C 3 .  ? -5.349  6.060   1.136   1.00 12.87 ? 656 HOH A O   1 
HETATM 826 O O   . HOH C 3 .  ? 1.134   -6.842  -10.488 1.00 25.03 ? 657 HOH A O   1 
HETATM 827 O O   . HOH C 3 .  ? -12.034 -6.125  10.162  1.00 25.39 ? 658 HOH A O   1 
HETATM 828 O O   . HOH C 3 .  ? 6.409   -9.542  -3.144  1.00 25.48 ? 659 HOH A O   1 
HETATM 829 O O   . HOH C 3 .  ? 1.862   9.010   11.437  1.00 30.07 ? 660 HOH A O   1 
HETATM 830 O O   . HOH C 3 .  ? 8.370   -2.731  2.074   1.00 17.34 ? 661 HOH A O   1 
HETATM 831 O O   . HOH C 3 .  ? -8.804  10.606  6.048   1.00 23.74 ? 662 HOH A O   1 
HETATM 832 O O   . HOH C 3 .  ? 5.304   9.421   12.252  1.00 29.03 ? 663 HOH A O   1 
HETATM 833 O O   . HOH C 3 .  ? -13.102 2.432   9.137   1.00 26.07 ? 664 HOH A O   1 
HETATM 834 O O   . HOH C 3 .  ? 8.017   -4.222  -10.864 1.00 43.30 ? 665 HOH A O   1 
HETATM 835 O O   . HOH C 3 .  ? 11.814  7.272   11.436  1.00 17.25 ? 666 HOH A O   1 
HETATM 836 O O   . HOH C 3 .  ? 7.796   12.731  -3.054  1.00 25.61 ? 667 HOH A O   1 
HETATM 837 O O   . HOH C 3 .  ? -12.487 -5.821  2.825   1.00 24.91 ? 668 HOH A O   1 
HETATM 838 O O   . HOH C 3 .  ? -5.759  4.564   10.730  1.00 17.23 ? 669 HOH A O   1 
HETATM 839 O O   . HOH C 3 .  ? -8.659  11.641  -3.625  1.00 31.67 ? 670 HOH A O   1 
HETATM 840 O O   . HOH C 3 .  ? 6.259   -0.963  8.048   1.00 14.86 ? 671 HOH A O   1 
HETATM 841 O O   . HOH C 3 .  ? -10.888 9.300   -2.224  1.00 22.74 ? 672 HOH A O   1 
HETATM 842 O O   . HOH C 3 .  ? 13.234  -2.434  -6.393  1.00 37.82 ? 673 HOH A O   1 
HETATM 843 O O   . HOH C 3 .  ? 3.082   -5.169  9.967   1.00 18.27 ? 674 HOH A O   1 
HETATM 844 O O   . HOH C 3 .  ? 4.897   11.932  1.771   1.00 18.09 ? 675 HOH A O   1 
HETATM 845 O O   . HOH C 3 .  ? 2.770   9.954   -8.966  1.00 30.79 ? 676 HOH A O   1 
HETATM 846 O O   . HOH C 3 .  ? -5.313  9.117   7.825   1.00 22.59 ? 677 HOH A O   1 
HETATM 847 O O   . HOH C 3 .  ? 10.743  -6.061  5.340   1.00 16.60 ? 678 HOH A O   1 
HETATM 848 O O   . HOH C 3 .  ? 7.670   11.882  1.332   1.00 17.61 ? 679 HOH A O   1 
HETATM 849 O O   . HOH C 3 .  ? -6.604  -6.954  -13.341 1.00 17.62 ? 680 HOH A O   1 
HETATM 850 O O   . HOH C 3 .  ? -4.348  9.546   0.503   1.00 13.49 ? 681 HOH A O   1 
HETATM 851 O O   . HOH C 3 .  ? 9.772   -3.569  -7.485  1.00 38.02 ? 682 HOH A O   1 
HETATM 852 O O   . HOH C 3 .  ? 5.555   -3.597  10.143  1.00 18.33 ? 683 HOH A O   1 
HETATM 853 O O   . HOH C 3 .  ? -7.760  -8.290  -5.049  1.00 23.42 ? 684 HOH A O   1 
HETATM 854 O O   . HOH C 3 .  ? 9.523   -10.562 -0.146  1.00 35.74 ? 685 HOH A O   1 
HETATM 855 O O   . HOH C 3 .  ? 4.065   -0.176  13.173  1.00 28.25 ? 686 HOH A O   1 
HETATM 856 O O   . HOH C 3 .  ? 14.799  2.123   4.193   1.00 19.68 ? 687 HOH A O   1 
HETATM 857 O O   . HOH C 3 .  ? -15.846 -4.272  -6.308  1.00 38.90 ? 688 HOH A O   1 
HETATM 858 O O   . HOH C 3 .  ? -5.664  -10.570 -5.139  1.00 25.69 ? 689 HOH A O   1 
HETATM 859 O O   . HOH C 3 .  ? -1.925  10.423  -0.750  1.00 22.00 ? 690 HOH A O   1 
HETATM 860 O O   . HOH C 3 .  ? -5.401  -4.483  15.148  1.00 35.91 ? 691 HOH A O   1 
HETATM 861 O O   . HOH C 3 .  ? -13.850 -6.105  -2.616  1.00 19.69 ? 692 HOH A O   1 
HETATM 862 O O   . HOH C 3 .  ? 13.421  -5.324  9.592   1.00 42.46 ? 693 HOH A O   1 
HETATM 863 O O   . HOH C 3 .  ? -2.962  11.508  -6.564  1.00 25.37 ? 694 HOH A O   1 
HETATM 864 O O   . HOH C 3 .  ? 3.235   1.448   -12.296 1.00 16.61 ? 695 HOH A O   1 
HETATM 865 O O   . HOH C 3 .  ? -3.729  7.520   8.786   1.00 29.95 ? 696 HOH A O   1 
HETATM 866 O O   . HOH C 3 .  ? -8.831  -10.081 0.761   1.00 23.73 ? 697 HOH A O   1 
HETATM 867 O O   . HOH C 3 .  ? 12.012  -2.508  2.213   1.00 18.97 ? 698 HOH A O   1 
HETATM 868 O O   . HOH C 3 .  ? 10.557  -4.692  -4.793  1.00 46.09 ? 699 HOH A O   1 
HETATM 869 O O   . HOH C 3 .  ? -12.242 7.427   8.070   1.00 37.92 ? 700 HOH A O   1 
HETATM 870 O O   . HOH C 3 .  ? 4.380   3.571   14.734  1.00 28.94 ? 701 HOH A O   1 
HETATM 871 O O   . HOH C 3 .  ? 0.951   -1.272  -19.381 1.00 16.60 ? 702 HOH A O   1 
HETATM 872 O O   . HOH C 3 .  ? -13.681 -6.710  5.960   1.00 27.07 ? 703 HOH A O   1 
HETATM 873 O O   . HOH C 3 .  ? -11.449 -7.226  7.556   1.00 21.37 ? 704 HOH A O   1 
HETATM 874 O O   . HOH C 3 .  ? 0.589   -11.815 2.381   1.00 36.67 ? 705 HOH A O   1 
HETATM 875 O O   . HOH C 3 .  ? 1.675   11.931  -0.600  1.00 22.31 ? 706 HOH A O   1 
HETATM 876 O O   . HOH C 3 .  ? -1.113  -12.809 -0.977  1.00 34.77 ? 707 HOH A O   1 
HETATM 877 O O   . HOH C 3 .  ? 4.081   12.916  -2.001  1.00 31.43 ? 708 HOH A O   1 
HETATM 878 O O   . HOH C 3 .  ? -3.006  -10.763 -0.976  1.00 16.08 ? 709 HOH A O   1 
HETATM 879 O O   . HOH C 3 .  ? 5.426   -1.162  11.027  1.00 33.72 ? 710 HOH A O   1 
HETATM 880 O O   . HOH C 3 .  ? -6.446  6.531   11.994  1.00 21.83 ? 711 HOH A O   1 
HETATM 881 O O   . HOH C 3 .  ? 14.029  3.548   5.586   0.50 14.15 ? 712 HOH A O   1 
HETATM 882 O O   . HOH C 3 .  ? -3.522  -10.096 1.738   1.00 29.57 ? 713 HOH A O   1 
HETATM 883 O O   . HOH C 3 .  ? 4.895   -9.369  -5.271  1.00 31.19 ? 714 HOH A O   1 
HETATM 884 O O   . HOH C 3 .  ? -12.664 7.249   -3.239  1.00 38.99 ? 715 HOH A O   1 
HETATM 885 O O   . HOH C 3 .  ? -15.054 -6.538  9.629   1.00 35.97 ? 716 HOH A O   1 
HETATM 886 O O   . HOH C 3 .  ? 7.416   1.516   11.356  1.00 41.19 ? 717 HOH A O   1 
HETATM 887 O O   . HOH C 3 .  ? 10.583  -5.190  -0.875  1.00 33.78 ? 718 HOH A O   1 
HETATM 888 O O   . HOH C 3 .  ? -0.143  -4.041  16.396  1.00 34.66 ? 719 HOH A O   1 
HETATM 889 O O   . HOH C 3 .  ? 4.280   -12.517 4.688   1.00 25.86 ? 720 HOH A O   1 
HETATM 890 O O   . HOH C 3 .  ? 0.801   5.407   15.881  1.00 35.56 ? 721 HOH A O   1 
HETATM 891 O O   . HOH C 3 .  ? -2.173  -0.750  19.033  1.00 37.75 ? 722 HOH A O   1 
HETATM 892 O O   . HOH C 3 .  ? 9.442   -5.509  2.826   1.00 20.13 ? 723 HOH A O   1 
HETATM 893 O O   . HOH C 3 .  ? 5.729   -3.240  -12.432 1.00 18.98 ? 724 HOH A O   1 
HETATM 894 O O   . HOH C 3 .  ? -6.568  -2.921  16.921  1.00 34.06 ? 725 HOH A O   1 
HETATM 895 O O   . HOH C 3 .  ? -15.634 -3.573  -4.433  1.00 28.25 ? 726 HOH A O   1 
HETATM 896 O O   . HOH C 3 .  ? -11.383 2.039   11.982  1.00 42.26 ? 727 HOH A O   1 
HETATM 897 O O   . HOH C 3 .  ? -11.791 -7.925  1.155   1.00 27.62 ? 728 HOH A O   1 
HETATM 898 O O   . HOH C 3 .  ? -18.283 -7.738  13.102  1.00 29.10 ? 729 HOH A O   1 
HETATM 899 O O   . HOH C 3 .  ? -14.304 -2.936  -10.592 1.00 38.94 ? 730 HOH A O   1 
HETATM 900 O O   . HOH C 3 .  ? -5.466  -7.148  12.138  1.00 39.77 ? 731 HOH A O   1 
HETATM 901 O O   . HOH C 3 .  ? -12.115 8.134   5.924   1.00 42.61 ? 732 HOH A O   1 
HETATM 902 O O   . HOH C 3 .  ? -8.512  5.943   -12.761 1.00 32.30 ? 733 HOH A O   1 
HETATM 903 O O   . HOH C 3 .  ? -11.894 9.567   3.590   1.00 39.53 ? 734 HOH A O   1 
HETATM 904 O O   . HOH C 3 .  ? -5.920  10.622  -7.903  1.00 41.93 ? 735 HOH A O   1 
HETATM 905 O O   . HOH C 3 .  ? 6.386   -4.850  12.569  1.00 34.00 ? 736 HOH A O   1 
HETATM 906 O O   . HOH C 3 .  ? -9.904  8.487   -12.399 1.00 43.98 ? 737 HOH A O   1 
HETATM 907 O O   . HOH C 3 .  ? 4.138   -7.339  11.461  1.00 38.68 ? 738 HOH A O   1 
HETATM 908 O O   . HOH C 3 .  ? -14.868 -5.489  1.996   1.00 36.58 ? 739 HOH A O   1 
HETATM 909 O O   . HOH C 3 .  ? -11.981 10.383  0.146   1.00 42.66 ? 740 HOH A O   1 
HETATM 910 O O   . HOH C 3 .  ? -12.827 6.532   -12.165 1.00 47.66 ? 741 HOH A O   1 
HETATM 911 O O   . HOH C 3 .  ? 8.739   -9.826  9.537   1.00 35.24 ? 742 HOH A O   1 
HETATM 912 O O   . HOH C 3 .  ? 4.451   -10.485 9.093   1.00 39.36 ? 743 HOH A O   1 
HETATM 913 O O   . HOH C 3 .  ? 9.926   -0.361  -9.622  1.00 37.69 ? 744 HOH A O   1 
HETATM 914 O O   . HOH C 3 .  ? -0.388  9.478   12.206  1.00 42.42 ? 745 HOH A O   1 
HETATM 915 O O   . HOH C 3 .  ? 13.760  -0.590  -6.910  1.00 48.86 ? 746 HOH A O   1 
HETATM 916 O O   . HOH C 3 .  ? -12.167 3.097   -13.914 1.00 44.07 ? 747 HOH A O   1 
HETATM 917 O O   . HOH C 3 .  ? 3.668   4.895   -14.673 1.00 42.94 ? 748 HOH A O   1 
HETATM 918 O O   . HOH C 3 .  ? -1.150  10.649  -13.179 1.00 42.45 ? 749 HOH A O   1 
HETATM 919 O O   . HOH C 3 .  ? -0.702  -13.105 1.058   1.00 48.14 ? 750 HOH A O   1 
HETATM 920 O O   . HOH C 3 .  ? 0.531   13.953  0.451   1.00 41.48 ? 751 HOH A O   1 
HETATM 921 O O   . HOH C 3 .  ? 5.649   -2.573  -16.771 1.00 39.62 ? 752 HOH A O   1 
HETATM 922 O O   . HOH C 3 .  ? -11.805 8.353   -10.628 1.00 29.17 ? 753 HOH A O   1 
HETATM 923 O O   . HOH C 3 .  ? 5.086   1.198   15.482  1.00 44.85 ? 754 HOH A O   1 
HETATM 924 O O   . HOH C 3 .  ? -14.095 -1.199  -14.177 1.00 21.56 ? 755 HOH A O   1 
HETATM 925 O O   . HOH C 3 .  ? 7.988   10.383  12.402  1.00 36.85 ? 756 HOH A O   1 
HETATM 926 O O   . HOH C 3 .  ? -4.537  12.372  0.965   1.00 29.50 ? 757 HOH A O   1 
HETATM 927 O O   . HOH C 3 .  ? 17.528  -3.764  -9.373  1.00 35.97 ? 758 HOH A O   1 
HETATM 928 O O   . HOH C 3 .  ? 3.274   -11.443 -6.258  1.00 42.12 ? 759 HOH A O   1 
HETATM 929 O O   . HOH C 3 .  ? 7.940   -12.392 6.265   1.00 32.83 ? 760 HOH A O   1 
HETATM 930 O O   . HOH C 3 .  ? 0.582   9.590   8.511   1.00 31.24 ? 761 HOH A O   1 
HETATM 931 O O   . HOH C 3 .  ? -3.806  10.012  -13.431 1.00 42.37 ? 762 HOH A O   1 
HETATM 932 O O   . HOH C 3 .  ? 8.856   8.403   13.075  1.00 45.63 ? 763 HOH A O   1 
HETATM 933 O O   . HOH C 3 .  ? 7.006   3.625   14.584  0.50 40.32 ? 764 HOH A O   1 
HETATM 934 O O   . HOH C 3 .  ? -7.758  -12.224 6.122   1.00 36.83 ? 765 HOH A O   1 
HETATM 935 O O   . HOH C 3 .  ? 2.219   -12.515 7.119   1.00 38.37 ? 766 HOH A O   1 
HETATM 936 O O   . HOH C 3 .  ? -2.180  12.838  5.073   1.00 43.41 ? 767 HOH A O   1 
HETATM 937 O O   . HOH C 3 .  ? -0.032  10.981  -2.785  1.00 24.72 ? 768 HOH A O   1 
HETATM 938 O O   . HOH C 3 .  ? 1.557   -13.142 5.015   1.00 41.91 ? 769 HOH A O   1 
HETATM 939 O O   . HOH C 3 .  ? 4.744   2.849   -14.176 1.00 28.90 ? 770 HOH A O   1 
HETATM 940 O O   . HOH C 3 .  ? 8.580   3.608   12.567  0.50 37.46 ? 771 HOH A O   1 
HETATM 941 O O   . HOH C 3 .  ? -1.379  -10.555 3.292   1.00 28.34 ? 772 HOH A O   1 
HETATM 942 O O   . HOH C 3 .  ? 6.332   13.953  5.658   1.00 35.49 ? 773 HOH A O   1 
HETATM 943 O O   . HOH C 3 .  ? -14.459 -9.500  2.891   1.00 46.61 ? 774 HOH A O   1 
HETATM 944 O O   . HOH C 3 .  ? -3.933  11.637  7.465   1.00 40.06 ? 775 HOH A O   1 
HETATM 945 O O   . HOH C 3 .  ? -10.930 -9.766  8.247   1.00 33.64 ? 776 HOH A O   1 
HETATM 946 O O   . HOH C 3 .  ? 0.445   -14.481 -5.438  1.00 40.95 ? 777 HOH A O   1 
HETATM 947 O O   . HOH C 3 .  ? 7.871   13.478  3.757   1.00 39.29 ? 778 HOH A O   1 
HETATM 948 O O   . HOH C 3 .  ? -6.900  8.280   10.481  1.00 33.14 ? 779 HOH A O   1 
HETATM 949 O O   . HOH C 3 .  ? 5.631   -3.398  15.114  1.00 44.11 ? 780 HOH A O   1 
HETATM 950 O O   . HOH C 3 .  ? -8.056  13.288  4.990   1.00 43.05 ? 781 HOH A O   1 
HETATM 951 O O   . HOH C 3 .  ? -6.078  13.871  2.676   1.00 31.44 ? 782 HOH A O   1 
# 
loop_
_atom_site_anisotrop.id 
_atom_site_anisotrop.type_symbol 
_atom_site_anisotrop.pdbx_label_atom_id 
_atom_site_anisotrop.pdbx_label_alt_id 
_atom_site_anisotrop.pdbx_label_comp_id 
_atom_site_anisotrop.pdbx_label_asym_id 
_atom_site_anisotrop.pdbx_label_seq_id 
_atom_site_anisotrop.pdbx_PDB_ins_code 
_atom_site_anisotrop.U[1][1] 
_atom_site_anisotrop.U[2][2] 
_atom_site_anisotrop.U[3][3] 
_atom_site_anisotrop.U[1][2] 
_atom_site_anisotrop.U[1][3] 
_atom_site_anisotrop.U[2][3] 
_atom_site_anisotrop.pdbx_auth_seq_id 
_atom_site_anisotrop.pdbx_auth_comp_id 
_atom_site_anisotrop.pdbx_auth_asym_id 
_atom_site_anisotrop.pdbx_auth_atom_id 
1   N N   . HIS A 3  ? 0.3385 0.2694 0.3447 0.0257  -0.0032 0.0097  333 HIS A N   
2   C CA  . HIS A 3  ? 0.3450 0.2727 0.3494 0.0242  -0.0050 0.0139  333 HIS A CA  
3   C C   . HIS A 3  ? 0.3154 0.2447 0.3177 0.0232  -0.0038 0.0177  333 HIS A C   
4   O O   . HIS A 3  ? 0.2813 0.2171 0.2870 0.0192  -0.0044 0.0210  333 HIS A O   
5   C CB  . HIS A 3  ? 0.3866 0.3133 0.3917 0.0226  -0.0044 0.0167  333 HIS A CB  
6   C CG  . HIS A 3  ? 0.2980 0.2248 0.2994 0.0218  -0.0051 0.0173  333 HIS A CG  
7   N ND1 . HIS A 3  ? 0.3147 0.2433 0.3181 0.0190  -0.0042 0.0220  333 HIS A ND1 
8   C CD2 . HIS A 3  ? 0.3001 0.2304 0.3039 0.0218  -0.0066 0.0146  333 HIS A CD2 
9   C CE1 . HIS A 3  ? 0.3180 0.2460 0.3173 0.0190  -0.0050 0.0213  333 HIS A CE1 
10  N NE2 . HIS A 3  ? 0.3673 0.2971 0.3680 0.0203  -0.0065 0.0173  333 HIS A NE2 
11  N N   . MET A 4  ? 0.2704 0.1997 0.2666 0.0244  -0.0035 0.0157  334 MET A N   
12  C CA  . MET A 4  ? 0.2672 0.1994 0.2590 0.0230  -0.0034 0.0177  334 MET A CA  
13  C C   . MET A 4  ? 0.2955 0.2344 0.2848 0.0229  -0.0042 0.0137  334 MET A C   
14  O O   . MET A 4  ? 0.3570 0.2942 0.3442 0.0258  -0.0046 0.0088  334 MET A O   
15  C CB  . MET A 4  ? 0.3131 0.2430 0.3000 0.0242  -0.0032 0.0166  334 MET A CB  
16  C CG  . MET A 4  ? 0.4144 0.3462 0.4072 0.0222  -0.0031 0.0178  334 MET A CG  
17  S SD  . MET A 4  ? 0.3534 0.2864 0.3421 0.0214  -0.0029 0.0184  334 MET A SD  
18  C CE  . MET A 4  ? 0.3947 0.3281 0.3815 0.0196  -0.0030 0.0235  334 MET A CE  
19  N N   . SER A 5  ? 0.2669 0.2140 0.2564 0.0195  -0.0045 0.0159  335 SER A N   
20  C CA  . SER A 5  ? 0.1584 0.1141 0.1462 0.0189  -0.0054 0.0122  335 SER A CA  
21  C C   . SER A 5  ? 0.1598 0.1180 0.1513 0.0187  -0.0057 0.0103  335 SER A C   
22  O O   . SER A 5  ? 0.2601 0.2219 0.2486 0.0204  -0.0064 0.0050  335 SER A O   
23  C CB  . SER A 5  ? 0.2111 0.1652 0.1915 0.0228  -0.0061 0.0062  335 SER A CB  
24  O OG  . SER A 5  ? 0.1946 0.1475 0.1719 0.0226  -0.0062 0.0078  335 SER A OG  
25  N N   . ALA A 6  ? 0.2794 0.2355 0.2773 0.0167  -0.0056 0.0143  336 ALA A N   
26  C CA  . ALA A 6  ? 0.2475 0.2061 0.2499 0.0158  -0.0062 0.0131  336 ALA A CA  
27  C C   . ALA A 6  ? 0.1777 0.1486 0.1831 0.0108  -0.0070 0.0155  336 ALA A C   
28  O O   . ALA A 6  ? 0.2085 0.1847 0.2145 0.0105  -0.0075 0.0125  336 ALA A O   
29  C CB  . ALA A 6  ? 0.3985 0.3503 0.4076 0.0155  -0.0064 0.0163  336 ALA A CB  
30  N N   . SER A 7  ? 0.1468 0.1232 0.1536 0.0069  -0.0069 0.0208  337 SER A N   
31  C CA  . SER A 7  ? 0.1211 0.1108 0.1295 0.0020  -0.0076 0.0230  337 SER A CA  
32  C C   . SER A 7  ? 0.1571 0.1541 0.1598 0.0042  -0.0076 0.0160  337 SER A C   
33  O O   . SER A 7  ? 0.1453 0.1367 0.1420 0.0091  -0.0073 0.0106  337 SER A O   
34  C CB  . SER A 7  ? 0.1614 0.1558 0.1708 -0.0017 -0.0074 0.0288  337 SER A CB  
35  O OG  . SER A 7  ? 0.2419 0.2363 0.2445 0.0011  -0.0067 0.0252  337 SER A OG  
36  N N   . CYS A 8  ? 0.1195 0.1296 0.1240 0.0004  -0.0083 0.0164  338 CYS A N   
37  C CA  . CYS A 8  ? 0.1055 0.1251 0.1054 0.0019  -0.0086 0.0098  338 CYS A CA  
38  C C   . CYS A 8  ? 0.1437 0.1789 0.1444 -0.0031 -0.0089 0.0126  338 CYS A C   
39  O O   . CYS A 8  ? 0.1379 0.1806 0.1443 -0.0089 -0.0094 0.0188  338 CYS A O   
40  C CB  . CYS A 8  ? 0.1060 0.1272 0.1077 0.0026  -0.0091 0.0063  338 CYS A CB  
41  S SG  . CYS A 8  ? 0.1106 0.1463 0.1082 0.0036  -0.0097 -0.0015 338 CYS A SG  
42  N N   . GLY A 9  ? 0.1040 0.1445 0.0996 -0.0011 -0.0089 0.0080  339 GLY A N   
43  C CA  . GLY A 9  ? 0.1027 0.1595 0.0990 -0.0056 -0.0091 0.0098  339 GLY A CA  
44  C C   . GLY A 9  ? 0.1029 0.1640 0.0934 -0.0020 -0.0095 0.0031  339 GLY A C   
45  O O   . GLY A 9  ? 0.1117 0.1639 0.0978 0.0039  -0.0099 -0.0034 339 GLY A O   
46  N N   . SER A 10 ? 0.1047 0.1798 0.0957 -0.0058 -0.0096 0.0048  340 SER A N   
47  C CA  . SER A 10 ? 0.1131 0.1949 0.0994 -0.0025 -0.0104 -0.0024 340 SER A CA  
48  C C   . SER A 10 ? 0.1336 0.2013 0.1158 0.0023  -0.0106 -0.0046 340 SER A C   
49  O O   . SER A 10 ? 0.1582 0.2283 0.1363 0.0061  -0.0119 -0.0116 340 SER A O   
50  C CB  . SER A 10 ? 0.1094 0.2100 0.0971 -0.0076 -0.0105 -0.0003 340 SER A CB  
51  O OG  . SER A 10 ? 0.1046 0.2022 0.0942 -0.0111 -0.0097 0.0077  340 SER A OG  
52  N N   . GLY A 11 ? 0.1194 0.1732 0.1026 0.0021  -0.0097 0.0013  341 GLY A N   
53  C CA  . GLY A 11 ? 0.1316 0.1725 0.1108 0.0063  -0.0100 -0.0004 341 GLY A CA  
54  C C   . GLY A 11 ? 0.1372 0.1628 0.1135 0.0118  -0.0104 -0.0042 341 GLY A C   
55  O O   . GLY A 11 ? 0.1476 0.1626 0.1202 0.0152  -0.0109 -0.0056 341 GLY A O   
56  N N   . ASN A 12 ? 0.1201 0.1443 0.0979 0.0126  -0.0102 -0.0059 342 ASN A N   
57  C CA  . ASN A 12 ? 0.1097 0.1196 0.0850 0.0175  -0.0105 -0.0089 342 ASN A CA  
58  C C   . ASN A 12 ? 0.1096 0.1217 0.0847 0.0197  -0.0110 -0.0145 342 ASN A C   
59  O O   . ASN A 12 ? 0.1275 0.1289 0.1021 0.0225  -0.0109 -0.0154 342 ASN A O   
60  C CB  . ASN A 12 ? 0.1135 0.1116 0.0913 0.0166  -0.0090 -0.0023 342 ASN A CB  
61  C CG  . ASN A 12 ? 0.1072 0.1094 0.0914 0.0121  -0.0081 0.0031  342 ASN A CG  
62  O OD1 . ASN A 12 ? 0.1363 0.1485 0.1224 0.0100  -0.0085 0.0018  342 ASN A OD1 
63  N ND2 . ASN A 12 ? 0.1544 0.1479 0.1417 0.0109  -0.0072 0.0089  342 ASN A ND2 
64  N N   . PHE A 13 ? 0.1194 0.1516 0.1020 0.0064  0.0134  -0.0001 343 PHE A N   
65  C CA  . PHE A 13 ? 0.1196 0.1443 0.1009 0.0058  0.0138  -0.0022 343 PHE A CA  
66  C C   . PHE A 13 ? 0.1186 0.1360 0.1011 0.0031  0.0091  -0.0059 343 PHE A C   
67  O O   . PHE A 13 ? 0.1162 0.1350 0.1019 0.0026  0.0052  -0.0094 343 PHE A O   
68  C CB  . PHE A 13 ? 0.1192 0.1514 0.1003 0.0083  0.0143  -0.0042 343 PHE A CB  
69  C CG  . PHE A 13 ? 0.1149 0.1549 0.0968 0.0089  0.0103  -0.0111 343 PHE A CG  
70  C CD1 . PHE A 13 ? 0.1126 0.1662 0.0931 0.0095  0.0096  -0.0114 343 PHE A CD1 
71  C CD2 . PHE A 13 ? 0.1249 0.1601 0.1103 0.0085  0.0073  -0.0178 343 PHE A CD2 
72  C CE1 . PHE A 13 ? 0.1256 0.1884 0.1072 0.0090  0.0066  -0.0207 343 PHE A CE1 
73  C CE2 . PHE A 13 ? 0.1403 0.1823 0.1295 0.0088  0.0048  -0.0266 343 PHE A CE2 
74  C CZ  . PHE A 13 ? 0.1254 0.1812 0.1121 0.0086  0.0047  -0.0294 343 PHE A CZ  
75  N N   . ASN A 14 ? 0.1099 0.1204 0.0908 0.0009  0.0094  -0.0047 344 ASN A N   
76  C CA  . ASN A 14 ? 0.1064 0.1115 0.0893 -0.0017 0.0047  -0.0045 344 ASN A CA  
77  C C   . ASN A 14 ? 0.1362 0.1398 0.1226 -0.0007 0.0015  -0.0062 344 ASN A C   
78  O O   . ASN A 14 ? 0.1463 0.1464 0.1380 -0.0020 -0.0031 -0.0044 344 ASN A O   
79  C CB  . ASN A 14 ? 0.1091 0.1112 0.0876 -0.0062 0.0061  -0.0003 344 ASN A CB  
80  C CG  . ASN A 14 ? 0.1348 0.1370 0.1088 -0.0080 0.0094  -0.0007 344 ASN A CG  
81  O OD1 . ASN A 14 ? 0.1381 0.1415 0.1128 -0.0057 0.0128  -0.0027 344 ASN A OD1 
82  N ND2 . ASN A 14 ? 0.1296 0.1320 0.0994 -0.0128 0.0086  0.0014  344 ASN A ND2 
83  N N   . LYS A 15 ? 0.1136 0.1209 0.0999 0.0017  0.0039  -0.0086 345 LYS A N   
84  C CA  . LYS A 15 ? 0.1181 0.1260 0.1096 0.0031  0.0015  -0.0109 345 LYS A CA  
85  C C   . LYS A 15 ? 0.1205 0.1355 0.1131 0.0065  0.0045  -0.0154 345 LYS A C   
86  O O   . LYS A 15 ? 0.1437 0.1632 0.1317 0.0071  0.0088  -0.0139 345 LYS A O   
87  C CB  . LYS A 15 ? 0.1233 0.1305 0.1121 0.0002  0.0017  -0.0079 345 LYS A CB  
88  C CG  . LYS A 15 ? 0.1298 0.1344 0.1160 -0.0042 -0.0017 -0.0029 345 LYS A CG  
89  C CD  . LYS A 15 ? 0.1214 0.1294 0.1033 -0.0083 -0.0014 -0.0016 345 LYS A CD  
90  C CE  . LYS A 15 ? 0.1188 0.1282 0.0971 -0.0130 -0.0056 0.0043  345 LYS A CE  
91  N NZ  . LYS A 15 ? 0.1572 0.1739 0.1287 -0.0188 -0.0050 0.0041  345 LYS A NZ  
92  N N   . THR A 16 ? 0.1149 0.1323 0.1152 0.0088  0.0026  -0.0199 346 THR A N   
93  C CA  . THR A 16 ? 0.1127 0.1393 0.1140 0.0114  0.0059  -0.0248 346 THR A CA  
94  C C   . THR A 16 ? 0.1486 0.1764 0.1556 0.0121  0.0060  -0.0251 346 THR A C   
95  O O   . THR A 16 ? 0.1685 0.1929 0.1849 0.0128  0.0017  -0.0263 346 THR A O   
96  C CB  . THR A 16 ? 0.1268 0.1587 0.1338 0.0133  0.0049  -0.0333 346 THR A CB  
97  O OG1 . THR A 16 ? 0.1631 0.1961 0.1652 0.0121  0.0044  -0.0332 346 THR A OG1 
98  C CG2 . THR A 16 ? 0.1581 0.2030 0.1647 0.0153  0.0090  -0.0389 346 THR A CG2 
99  N N   . ALA A 17 ? 0.1272 0.1604 0.1308 0.0118  0.0107  -0.0235 347 ALA A N   
100 C CA  . ALA A 17 ? 0.1225 0.1585 0.1322 0.0117  0.0111  -0.0242 347 ALA A CA  
101 C C   . ALA A 17 ? 0.1288 0.1748 0.1449 0.0150  0.0132  -0.0308 347 ALA A C   
102 O O   . ALA A 17 ? 0.1606 0.2151 0.1723 0.0161  0.0169  -0.0331 347 ALA A O   
103 C CB  . ALA A 17 ? 0.1454 0.1821 0.1509 0.0090  0.0160  -0.0198 347 ALA A CB  
104 N N   . ALA A 18 ? 0.1346 0.1819 0.1620 0.0165  0.0109  -0.0338 348 ALA A N   
105 C CA  . ALA A 18 ? 0.1249 0.1830 0.1605 0.0194  0.0140  -0.0409 348 ALA A CA  
106 C C   . ALA A 18 ? 0.1112 0.1757 0.1486 0.0178  0.0175  -0.0380 348 ALA A C   
107 O O   . ALA A 18 ? 0.1386 0.1983 0.1770 0.0152  0.0150  -0.0330 348 ALA A O   
108 C CB  . ALA A 18 ? 0.1645 0.2207 0.2166 0.0228  0.0100  -0.0467 348 ALA A CB  
109 N N   . LYS A 19 ? 0.1510 0.2279 0.1886 0.0188  0.0236  -0.0415 349 LYS A N   
110 C CA  . LYS A 19 ? 0.1314 0.2153 0.1715 0.0168  0.0281  -0.0383 349 LYS A CA  
111 C C   . LYS A 19 ? 0.1101 0.1929 0.1629 0.0167  0.0242  -0.0390 349 LYS A C   
112 O O   . LYS A 19 ? 0.1536 0.2399 0.2189 0.0204  0.0219  -0.0450 349 LYS A O   
113 C CB  . LYS A 19 ? 0.1115 0.2123 0.1522 0.0182  0.0349  -0.0429 349 LYS A CB  
114 C CG  . LYS A 19 ? 0.1251 0.2347 0.1695 0.0158  0.0406  -0.0388 349 LYS A CG  
115 C CD  . LYS A 19 ? 0.1232 0.2519 0.1658 0.0169  0.0475  -0.0428 349 LYS A CD  
116 C CE  . LYS A 19 ? 0.1550 0.2947 0.2010 0.0140  0.0545  -0.0366 349 LYS A CE  
117 N NZ  . LYS A 19 ? 0.1463 0.2851 0.2071 0.0134  0.0534  -0.0392 349 LYS A NZ  
118 N N   . GLY A 20 ? 0.1203 0.1990 0.1716 0.0125  0.0235  -0.0333 350 GLY A N   
119 C CA  . GLY A 20 ? 0.1189 0.2004 0.1813 0.0110  0.0196  -0.0332 350 GLY A CA  
120 C C   . GLY A 20 ? 0.1212 0.1969 0.1877 0.0117  0.0107  -0.0314 350 GLY A C   
121 O O   . GLY A 20 ? 0.1399 0.2211 0.2165 0.0107  0.0065  -0.0301 350 GLY A O   
122 N N   . VAL A 21 ? 0.1420 0.2084 0.2017 0.0130  0.0074  -0.0301 351 VAL A N   
123 C CA  . VAL A 21 ? 0.1346 0.1963 0.2001 0.0140  -0.0008 -0.0266 351 VAL A CA  
124 C C   . VAL A 21 ? 0.1347 0.1900 0.1870 0.0084  -0.0036 -0.0208 351 VAL A C   
125 O O   . VAL A 21 ? 0.1444 0.1924 0.1848 0.0073  -0.0008 -0.0206 351 VAL A O   
126 C CB  . VAL A 21 ? 0.1460 0.2024 0.2169 0.0191  -0.0019 -0.0301 351 VAL A CB  
127 C CG1 . VAL A 21 ? 0.1641 0.2143 0.2423 0.0197  -0.0099 -0.0237 351 VAL A CG1 
128 C CG2 . VAL A 21 ? 0.1715 0.2361 0.2572 0.0242  0.0018  -0.0386 351 VAL A CG2 
129 N N   . GLU A 22 ? 0.1355 0.1954 0.1902 0.0048  -0.0092 -0.0164 352 GLU A N   
130 C CA  A GLU A 22 ? 0.1089 0.1665 0.1511 -0.0015 -0.0113 -0.0128 352 GLU A CA  
131 C CA  B GLU A 22 ? 0.1113 0.1689 0.1534 -0.0015 -0.0112 -0.0128 352 GLU A CA  
132 C C   . GLU A 22 ? 0.1585 0.2084 0.1958 -0.0005 -0.0152 -0.0080 352 GLU A C   
133 O O   . GLU A 22 ? 0.1675 0.2157 0.2157 0.0042  -0.0197 -0.0049 352 GLU A O   
134 C CB  A GLU A 22 ? 0.1385 0.2074 0.1839 -0.0066 -0.0170 -0.0099 352 GLU A CB  
135 C CB  B GLU A 22 ? 0.1363 0.2054 0.1817 -0.0067 -0.0168 -0.0100 352 GLU A CB  
136 C CG  A GLU A 22 ? 0.1551 0.2313 0.2024 -0.0109 -0.0125 -0.0152 352 GLU A CG  
137 C CG  B GLU A 22 ? 0.1261 0.2017 0.1839 -0.0037 -0.0262 -0.0022 352 GLU A CG  
138 C CD  A GLU A 22 ? 0.2156 0.3037 0.2607 -0.0188 -0.0176 -0.0143 352 GLU A CD  
139 C CD  B GLU A 22 ? 0.2483 0.3380 0.3045 -0.0104 -0.0333 0.0030  352 GLU A CD  
140 O OE1 A GLU A 22 ? 0.1996 0.2905 0.2421 -0.0251 -0.0127 -0.0204 352 GLU A OE1 
141 O OE1 B GLU A 22 ? 0.2061 0.3014 0.2536 -0.0175 -0.0304 -0.0024 352 GLU A OE1 
142 O OE2 A GLU A 22 ? 0.2740 0.3696 0.3207 -0.0194 -0.0264 -0.0073 352 GLU A OE2 
143 O OE2 B GLU A 22 ? 0.2872 0.3836 0.3524 -0.0086 -0.0419 0.0127  352 GLU A OE2 
144 N N   . PHE A 23 ? 0.1666 0.1802 0.1652 0.0205  -0.0293 -0.0347 353 PHE A N   
145 C CA  . PHE A 23 ? 0.1593 0.1623 0.1589 0.0154  -0.0336 -0.0323 353 PHE A CA  
146 C C   . PHE A 23 ? 0.1527 0.1542 0.1461 0.0087  -0.0291 -0.0233 353 PHE A C   
147 O O   . PHE A 23 ? 0.1367 0.1453 0.1272 0.0081  -0.0233 -0.0225 353 PHE A O   
148 C CB  . PHE A 23 ? 0.1692 0.1756 0.1715 0.0173  -0.0354 -0.0388 353 PHE A CB  
149 C CG  . PHE A 23 ? 0.1534 0.1716 0.1486 0.0175  -0.0280 -0.0368 353 PHE A CG  
150 C CD1 . PHE A 23 ? 0.1712 0.2046 0.1625 0.0250  -0.0227 -0.0382 353 PHE A CD1 
151 C CD2 . PHE A 23 ? 0.1978 0.2130 0.1919 0.0108  -0.0252 -0.0309 353 PHE A CD2 
152 C CE1 . PHE A 23 ? 0.1726 0.2171 0.1603 0.0259  -0.0153 -0.0328 353 PHE A CE1 
153 C CE2 . PHE A 23 ? 0.2118 0.2372 0.2021 0.0112  -0.0188 -0.0283 353 PHE A CE2 
154 C CZ  . PHE A 23 ? 0.1809 0.2201 0.1683 0.0187  -0.0139 -0.0284 353 PHE A CZ  
155 N N   . SER A 24 ? 0.1370 0.1306 0.1316 0.0044  -0.0316 -0.0167 354 SER A N   
156 C CA  . SER A 24 ? 0.1372 0.1331 0.1240 0.0002  -0.0271 -0.0087 354 SER A CA  
157 C C   . SER A 24 ? 0.1390 0.1386 0.1255 -0.0034 -0.0218 -0.0086 354 SER A C   
158 O O   . SER A 24 ? 0.1646 0.1610 0.1592 -0.0047 -0.0239 -0.0096 354 SER A O   
159 C CB  . SER A 24 ? 0.2283 0.2181 0.2174 -0.0014 -0.0299 0.0023  354 SER A CB  
160 O OG  . SER A 24 ? 0.2324 0.2295 0.2106 -0.0029 -0.0250 0.0097  354 SER A OG  
161 N N   . ALA A 25 ? 0.1393 0.1461 0.1200 -0.0045 -0.0160 -0.0089 355 ALA A N   
162 C CA  . ALA A 25 ? 0.1333 0.1448 0.1153 -0.0069 -0.0105 -0.0089 355 ALA A CA  
163 C C   . ALA A 25 ? 0.1208 0.1367 0.0980 -0.0097 -0.0060 -0.0054 355 ALA A C   
164 O O   . ALA A 25 ? 0.1296 0.1488 0.1009 -0.0080 -0.0067 -0.0062 355 ALA A O   
165 C CB  . ALA A 25 ? 0.1671 0.1854 0.1528 -0.0038 -0.0068 -0.0133 355 ALA A CB  
166 N N   . VAL A 26 ? 0.1277 0.1459 0.1074 -0.0127 -0.0020 -0.0028 356 VAL A N   
167 C CA  . VAL A 26 ? 0.1706 0.1954 0.1462 -0.0141 0.0033  -0.0005 356 VAL A CA  
168 C C   . VAL A 26 ? 0.1216 0.1507 0.1040 -0.0156 0.0083  -0.0027 356 VAL A C   
169 O O   . VAL A 26 ? 0.1362 0.1638 0.1247 -0.0159 0.0074  -0.0027 356 VAL A O   
170 C CB  . VAL A 26 ? 0.2375 0.2632 0.2105 -0.0162 0.0048  0.0101  356 VAL A CB  
171 C CG1 . VAL A 26 ? 0.2543 0.2796 0.2200 -0.0132 0.0013  0.0160  356 VAL A CG1 
172 C CG2 . VAL A 26 ? 0.1673 0.1868 0.1529 -0.0199 0.0033  0.0142  356 VAL A CG2 
173 N N   . ALA A 27 ? 0.1424 0.1788 0.1241 -0.0151 0.0129  -0.0057 357 ALA A N   
174 C CA  . ALA A 27 ? 0.1455 0.1862 0.1360 -0.0162 0.0180  -0.0068 357 ALA A CA  
175 C C   . ALA A 27 ? 0.1076 0.1477 0.1011 -0.0195 0.0187  0.0000  357 ALA A C   
176 O O   . ALA A 27 ? 0.1324 0.1727 0.1232 -0.0217 0.0191  0.0064  357 ALA A O   
177 C CB  . ALA A 27 ? 0.1582 0.2080 0.1484 -0.0144 0.0221  -0.0125 357 ALA A CB  
178 N N   . GLY A 28 ? 0.1009 0.1422 0.1029 -0.0192 0.0191  -0.0004 358 GLY A N   
179 C CA  . GLY A 28 ? 0.1010 0.1435 0.1098 -0.0215 0.0176  0.0027  358 GLY A CA  
180 C C   . GLY A 28 ? 0.1206 0.1593 0.1312 -0.0200 0.0099  0.0004  358 GLY A C   
181 O O   . GLY A 28 ? 0.1096 0.1518 0.1286 -0.0199 0.0065  -0.0011 358 GLY A O   
182 N N   . ASP A 29 ? 0.1047 0.1381 0.1089 -0.0176 0.0061  -0.0018 359 ASP A N   
183 C CA  . ASP A 29 ? 0.1065 0.1386 0.1131 -0.0144 -0.0017 -0.0070 359 ASP A CA  
184 C C   . ASP A 29 ? 0.1031 0.1461 0.1089 -0.0079 -0.0021 -0.0102 359 ASP A C   
185 O O   . ASP A 29 ? 0.1109 0.1598 0.1153 -0.0057 0.0044  -0.0062 359 ASP A O   
186 C CB  . ASP A 29 ? 0.1089 0.1352 0.1088 -0.0119 -0.0045 -0.0089 359 ASP A CB  
187 C CG  . ASP A 29 ? 0.1163 0.1331 0.1184 -0.0158 -0.0073 -0.0052 359 ASP A CG  
188 O OD1 . ASP A 29 ? 0.1247 0.1387 0.1369 -0.0203 -0.0078 -0.0004 359 ASP A OD1 
189 O OD2 . ASP A 29 ? 0.1285 0.1415 0.1247 -0.0138 -0.0088 -0.0054 359 ASP A OD2 
190 N N   . CYS A 30 ? 0.0889 0.1267 0.1019 0.0040  -0.0021 -0.0020 360 CYS A N   
191 C CA  . CYS A 30 ? 0.0799 0.1138 0.0900 0.0035  -0.0030 -0.0017 360 CYS A CA  
192 C C   . CYS A 30 ? 0.0955 0.1308 0.1038 0.0026  -0.0039 -0.0047 360 CYS A C   
193 O O   . CYS A 30 ? 0.1013 0.1369 0.1135 0.0029  -0.0053 -0.0059 360 CYS A O   
194 C CB  . CYS A 30 ? 0.0821 0.1166 0.0954 0.0047  -0.0055 0.0019  360 CYS A CB  
195 S SG  . CYS A 30 ? 0.0990 0.1371 0.1078 0.0033  -0.0081 0.0044  360 CYS A SG  
196 N N   . ILE A 31 ? 0.0983 0.1342 0.1023 0.0011  -0.0020 -0.0066 361 ILE A N   
197 C CA  . ILE A 31 ? 0.1091 0.1480 0.1131 0.0007  -0.0011 -0.0103 361 ILE A CA  
198 C C   . ILE A 31 ? 0.1142 0.1541 0.1120 -0.0016 -0.0012 -0.0119 361 ILE A C   
199 O O   . ILE A 31 ? 0.1367 0.1767 0.1293 -0.0031 -0.0006 -0.0085 361 ILE A O   
200 C CB  . ILE A 31 ? 0.1278 0.1710 0.1314 -0.0004 0.0014  -0.0112 361 ILE A CB  
201 C CG1 . ILE A 31 ? 0.2066 0.2543 0.2134 -0.0005 0.0014  -0.0098 361 ILE A CG1 
202 C CG2 . ILE A 31 ? 0.1564 0.2048 0.1636 0.0008  0.0031  -0.0140 361 ILE A CG2 
203 C CD1 . ILE A 31 ? 0.1863 0.2379 0.1996 0.0030  -0.0002 -0.0068 361 ILE A CD1 
204 N N   . LYS A 32 ? 0.1053 0.1469 0.1039 -0.0023 -0.0009 -0.0173 362 LYS A N   
205 C CA  . LYS A 32 ? 0.1083 0.1556 0.0992 -0.0059 -0.0003 -0.0212 362 LYS A CA  
206 C C   . LYS A 32 ? 0.1414 0.1912 0.1318 -0.0058 0.0042  -0.0247 362 LYS A C   
207 O O   . LYS A 32 ? 0.1414 0.1896 0.1406 -0.0029 0.0069  -0.0276 362 LYS A O   
208 C CB  . LYS A 32 ? 0.1063 0.1550 0.0988 -0.0085 -0.0004 -0.0292 362 LYS A CB  
209 C CG  . LYS A 32 ? 0.1299 0.1891 0.1125 -0.0140 0.0006  -0.0356 362 LYS A CG  
210 C CD  . LYS A 32 ? 0.1722 0.2328 0.1575 -0.0188 0.0020  -0.0479 362 LYS A CD  
211 C CE  . LYS A 32 ? 0.2364 0.3118 0.2098 -0.0260 0.0033  -0.0563 362 LYS A CE  
212 N NZ  . LYS A 32 ? 0.2750 0.3532 0.2509 -0.0330 0.0045  -0.0702 362 LYS A NZ  
213 N N   . TYR A 33 ? 0.1308 0.1863 0.1129 -0.0088 0.0054  -0.0229 363 TYR A N   
214 C CA  . TYR A 33 ? 0.1094 0.1699 0.0909 -0.0096 0.0101  -0.0265 363 TYR A CA  
215 C C   . TYR A 33 ? 0.1438 0.2141 0.1141 -0.0143 0.0113  -0.0273 363 TYR A C   
216 O O   . TYR A 33 ? 0.1603 0.2333 0.1243 -0.0161 0.0093  -0.0184 363 TYR A O   
217 C CB  . TYR A 33 ? 0.1268 0.1864 0.1111 -0.0094 0.0113  -0.0212 363 TYR A CB  
218 C CG  . TYR A 33 ? 0.1206 0.1879 0.1060 -0.0108 0.0160  -0.0242 363 TYR A CG  
219 C CD1 . TYR A 33 ? 0.1355 0.2068 0.1296 -0.0075 0.0189  -0.0298 363 TYR A CD1 
220 C CD2 . TYR A 33 ? 0.1524 0.2237 0.1322 -0.0151 0.0186  -0.0202 363 TYR A CD2 
221 C CE1 . TYR A 33 ? 0.1207 0.2015 0.1177 -0.0081 0.0238  -0.0323 363 TYR A CE1 
222 C CE2 . TYR A 33 ? 0.1597 0.2402 0.1412 -0.0170 0.0235  -0.0230 363 TYR A CE2 
223 C CZ  . TYR A 33 ? 0.1432 0.2292 0.1329 -0.0133 0.0259  -0.0295 363 TYR A CZ  
224 O OH  . TYR A 33 ? 0.1430 0.2401 0.1370 -0.0142 0.0312  -0.0320 363 TYR A OH  
225 N N   . ASN A 34 ? 0.1554 0.2325 0.1246 -0.0159 0.0158  -0.0370 364 ASN A N   
226 C CA  . ASN A 34 ? 0.1405 0.2311 0.0973 -0.0213 0.0180  -0.0385 364 ASN A CA  
227 C C   . ASN A 34 ? 0.1585 0.2540 0.1149 -0.0219 0.0227  -0.0351 364 ASN A C   
228 O O   . ASN A 34 ? 0.1624 0.2572 0.1273 -0.0194 0.0275  -0.0413 364 ASN A O   
229 C CB  . ASN A 34 ? 0.1522 0.2493 0.1068 -0.0245 0.0217  -0.0537 364 ASN A CB  
230 C CG  . ASN A 34 ? 0.1792 0.2953 0.1186 -0.0315 0.0237  -0.0562 364 ASN A CG  
231 O OD1 . ASN A 34 ? 0.2274 0.3506 0.1645 -0.0326 0.0299  -0.0590 364 ASN A OD1 
232 N ND2 . ASN A 34 ? 0.2148 0.3427 0.1436 -0.0368 0.0185  -0.0544 364 ASN A ND2 
233 N N   . LYS A 35 ? 0.1668 0.2675 0.1154 -0.0249 0.0219  -0.0239 365 LYS A N   
234 C CA  . LYS A 35 ? 0.1557 0.2625 0.1033 -0.0274 0.0270  -0.0197 365 LYS A CA  
235 C C   . LYS A 35 ? 0.2192 0.3444 0.1541 -0.0327 0.0304  -0.0215 365 LYS A C   
236 O O   . LYS A 35 ? 0.2300 0.3648 0.1546 -0.0357 0.0274  -0.0127 365 LYS A O   
237 C CB  . LYS A 35 ? 0.1696 0.2687 0.1199 -0.0281 0.0261  -0.0056 365 LYS A CB  
238 C CG  . LYS A 35 ? 0.1970 0.3028 0.1465 -0.0324 0.0322  -0.0007 365 LYS A CG  
239 C CD  . LYS A 35 ? 0.2093 0.3031 0.1673 -0.0339 0.0340  0.0085  365 LYS A CD  
240 C CE  . LYS A 35 ? 0.1907 0.2789 0.1471 -0.0337 0.0328  0.0236  365 LYS A CE  
241 N NZ  . LYS A 35 ? 0.2016 0.3027 0.1509 -0.0376 0.0366  0.0359  365 LYS A NZ  
242 N N   . SER A 36 ? 0.2311 0.3097 0.1410 -0.0084 0.0213  -0.0274 366 SER A N   
243 C CA  . SER A 36 ? 0.2728 0.3661 0.1682 -0.0086 0.0243  -0.0353 366 SER A CA  
244 C C   . SER A 36 ? 0.2779 0.4071 0.1830 -0.0126 0.0306  -0.0260 366 SER A C   
245 O O   . SER A 36 ? 0.2725 0.4180 0.1673 -0.0196 0.0315  -0.0253 366 SER A O   
246 C CB  . SER A 36 ? 0.2891 0.3710 0.1717 0.0066  0.0257  -0.0539 366 SER A CB  
247 O OG  . SER A 36 ? 0.4858 0.5811 0.3840 0.0184  0.0309  -0.0543 366 SER A OG  
248 N N   . SER A 37 ? 0.1984 0.3391 0.1215 -0.0103 0.0337  -0.0178 367 SER A N   
249 C CA  . SER A 37 ? 0.1928 0.3653 0.1240 -0.0156 0.0384  -0.0082 367 SER A CA  
250 C C   . SER A 37 ? 0.1976 0.3698 0.1469 -0.0153 0.0385  0.0013  367 SER A C   
251 O O   . SER A 37 ? 0.1992 0.3507 0.1543 -0.0092 0.0362  -0.0016 367 SER A O   
252 C CB  . SER A 37 ? 0.2313 0.4240 0.1594 -0.0082 0.0429  -0.0180 367 SER A CB  
253 O OG  . SER A 37 ? 0.2977 0.4915 0.2315 0.0053  0.0460  -0.0266 367 SER A OG  
254 N N   . GLY A 38 ? 0.1999 0.3883 0.1591 -0.0227 0.0379  0.0127  368 GLY A N   
255 C CA  . GLY A 38 ? 0.1746 0.3628 0.1470 -0.0237 0.0373  0.0199  368 GLY A CA  
256 C C   . GLY A 38 ? 0.1848 0.3517 0.1618 -0.0277 0.0336  0.0293  368 GLY A C   
257 O O   . GLY A 38 ? 0.1783 0.3345 0.1516 -0.0317 0.0303  0.0346  368 GLY A O   
258 N N   . THR A 39 ? 0.1310 0.2906 0.1170 -0.0252 0.0332  0.0303  369 THR A N   
259 C CA  . THR A 39 ? 0.1188 0.2551 0.1097 -0.0273 0.0285  0.0376  369 THR A CA  
260 C C   . THR A 39 ? 0.1255 0.2427 0.1185 -0.0183 0.0276  0.0291  369 THR A C   
261 O O   . THR A 39 ? 0.1400 0.2618 0.1360 -0.0123 0.0293  0.0220  369 THR A O   
262 C CB  . THR A 39 ? 0.1189 0.2591 0.1160 -0.0351 0.0265  0.0473  369 THR A CB  
263 O OG1 . THR A 39 ? 0.1632 0.3157 0.1578 -0.0440 0.0243  0.0553  369 THR A OG1 
264 C CG2 . THR A 39 ? 0.1818 0.2942 0.1805 -0.0351 0.0215  0.0523  369 THR A CG2 
265 N N   . LEU A 40 ? 0.1173 0.2159 0.1087 -0.0173 0.0247  0.0308  370 LEU A N   
266 C CA  . LEU A 40 ? 0.1086 0.1904 0.1006 -0.0110 0.0232  0.0248  370 LEU A CA  
267 C C   . LEU A 40 ? 0.1494 0.2250 0.1483 -0.0093 0.0223  0.0255  370 LEU A C   
268 O O   . LEU A 40 ? 0.1521 0.2261 0.1539 -0.0138 0.0211  0.0325  370 LEU A O   
269 C CB  . LEU A 40 ? 0.1104 0.1817 0.1004 -0.0119 0.0205  0.0290  370 LEU A CB  
270 C CG  . LEU A 40 ? 0.1211 0.1786 0.1112 -0.0081 0.0186  0.0257  370 LEU A CG  
271 C CD1 . LEU A 40 ? 0.1694 0.2222 0.1521 -0.0071 0.0175  0.0175  370 LEU A CD1 
272 C CD2 . LEU A 40 ? 0.1279 0.1838 0.1191 -0.0088 0.0170  0.0322  370 LEU A CD2 
273 N N   . GLN A 41 ? 0.1322 0.2019 0.1319 -0.0034 0.0220  0.0187  371 GLN A N   
274 C CA  . GLN A 41 ? 0.1055 0.1702 0.1106 -0.0020 0.0205  0.0188  371 GLN A CA  
275 C C   . GLN A 41 ? 0.1030 0.1519 0.1058 0.0023  0.0180  0.0153  371 GLN A C   
276 O O   . GLN A 41 ? 0.1357 0.1796 0.1334 0.0056  0.0172  0.0105  371 GLN A O   
277 C CB  . GLN A 41 ? 0.1082 0.1896 0.1181 0.0011  0.0221  0.0150  371 GLN A CB  
278 C CG  . GLN A 41 ? 0.1154 0.2204 0.1264 -0.0027 0.0254  0.0173  371 GLN A CG  
279 C CD  . GLN A 41 ? 0.1253 0.2365 0.1393 -0.0140 0.0241  0.0274  371 GLN A CD  
280 O OE1 . GLN A 41 ? 0.1533 0.2540 0.1696 -0.0177 0.0208  0.0307  371 GLN A OE1 
281 N NE2 . GLN A 41 ? 0.1293 0.2570 0.1415 -0.0204 0.0259  0.0323  371 GLN A NE2 
282 N N   . ILE A 42 ? 0.1115 0.1511 0.1156 0.0013  0.0163  0.0179  372 ILE A N   
283 C CA  . ILE A 42 ? 0.1124 0.1410 0.1140 0.0037  0.0140  0.0164  372 ILE A CA  
284 C C   . ILE A 42 ? 0.1396 0.1671 0.1445 0.0045  0.0123  0.0154  372 ILE A C   
285 O O   . ILE A 42 ? 0.1616 0.1890 0.1676 0.0013  0.0121  0.0178  372 ILE A O   
286 C CB  . ILE A 42 ? 0.1155 0.1394 0.1144 0.0026  0.0141  0.0201  372 ILE A CB  
287 C CG1 . ILE A 42 ? 0.1668 0.1958 0.1636 0.0009  0.0151  0.0226  372 ILE A CG1 
288 C CG2 . ILE A 42 ? 0.1435 0.1617 0.1399 0.0035  0.0120  0.0195  372 ILE A CG2 
289 C CD1 . ILE A 42 ? 0.1911 0.2222 0.1878 0.0017  0.0155  0.0275  372 ILE A CD1 
290 N N   . GLY A 43 ? 0.1242 0.1494 0.1290 0.0082  0.0099  0.0126  373 GLY A N   
291 C CA  . GLY A 43 ? 0.1276 0.1556 0.1363 0.0091  0.0075  0.0126  373 GLY A CA  
292 C C   . GLY A 43 ? 0.1265 0.1447 0.1315 0.0103  0.0035  0.0129  373 GLY A C   
293 O O   . GLY A 43 ? 0.1448 0.1543 0.1453 0.0124  0.0013  0.0124  373 GLY A O   
294 N N   . SER A 44 ? 0.1067 0.1253 0.1119 0.0075  0.0016  0.0144  374 SER A N   
295 C CA  . SER A 44 ? 0.1114 0.1245 0.1131 0.0077  -0.0026 0.0159  374 SER A CA  
296 C C   . SER A 44 ? 0.1349 0.1542 0.1389 0.0056  -0.0053 0.0167  374 SER A C   
297 O O   . SER A 44 ? 0.1247 0.1473 0.1291 0.0011  -0.0040 0.0162  374 SER A O   
298 C CB  . SER A 44 ? 0.1170 0.1242 0.1111 0.0042  -0.0017 0.0175  374 SER A CB  
299 O OG  . SER A 44 ? 0.1186 0.1232 0.1083 0.0024  -0.0060 0.0203  374 SER A OG  
300 N N   . TRP A 45 ? 0.1010 0.1348 0.1121 0.0108  0.0051  0.0095  375 TRP A N   
301 C CA  . TRP A 45 ? 0.0920 0.1323 0.1069 0.0098  0.0034  0.0120  375 TRP A CA  
302 C C   . TRP A 45 ? 0.0952 0.1315 0.1065 0.0073  0.0014  0.0109  375 TRP A C   
303 O O   . TRP A 45 ? 0.1299 0.1707 0.1427 0.0064  -0.0007 0.0129  375 TRP A O   
304 C CB  . TRP A 45 ? 0.1052 0.1540 0.1230 0.0151  0.0040  0.0148  375 TRP A CB  
305 C CG  . TRP A 45 ? 0.1392 0.1982 0.1613 0.0155  0.0062  0.0169  375 TRP A CG  
306 C CD1 . TRP A 45 ? 0.1404 0.2116 0.1691 0.0113  0.0050  0.0215  375 TRP A CD1 
307 C CD2 . TRP A 45 ? 0.1162 0.1751 0.1351 0.0186  0.0089  0.0152  375 TRP A CD2 
308 N NE1 . TRP A 45 ? 0.1328 0.2130 0.1630 0.0110  0.0071  0.0239  375 TRP A NE1 
309 C CE2 . TRP A 45 ? 0.1683 0.2414 0.1923 0.0159  0.0099  0.0196  375 TRP A CE2 
310 C CE3 . TRP A 45 ? 0.1472 0.1953 0.1588 0.0223  0.0099  0.0109  375 TRP A CE3 
311 C CZ2 . TRP A 45 ? 0.1613 0.2401 0.1831 0.0174  0.0125  0.0196  375 TRP A CZ2 
312 C CZ3 . TRP A 45 ? 0.1260 0.1778 0.1351 0.0243  0.0123  0.0100  375 TRP A CZ3 
313 C CH2 . TRP A 45 ? 0.1589 0.2264 0.1728 0.0219  0.0139  0.0142  375 TRP A CH2 
314 N N   . THR A 46 ? 0.1013 0.1318 0.1078 0.0055  0.0018  0.0085  376 THR A N   
315 C CA  . THR A 46 ? 0.1146 0.1456 0.1171 0.0021  0.0002  0.0084  376 THR A CA  
316 C C   . THR A 46 ? 0.1028 0.1396 0.1066 -0.0007 -0.0006 0.0052  376 THR A C   
317 O O   . THR A 46 ? 0.1278 0.1687 0.1280 -0.0035 -0.0019 0.0052  376 THR A O   
318 C CB  . THR A 46 ? 0.1221 0.1493 0.1196 -0.0002 0.0008  0.0078  376 THR A CB  
319 O OG1 . THR A 46 ? 0.1354 0.1537 0.1305 0.0026  0.0004  0.0092  376 THR A OG1 
320 C CG2 . THR A 46 ? 0.1437 0.1737 0.1359 -0.0051 -0.0013 0.0105  376 THR A CG2 
321 N N   . GLY A 47 ? 0.1005 0.1371 0.1083 -0.0003 -0.0008 0.0024  377 GLY A N   
322 C CA  . GLY A 47 ? 0.1190 0.1570 0.1269 -0.0017 -0.0033 -0.0023 377 GLY A CA  
323 C C   . GLY A 47 ? 0.1028 0.1421 0.1085 -0.0005 -0.0024 -0.0085 377 GLY A C   
324 O O   . GLY A 47 ? 0.1112 0.1518 0.1160 0.0003  -0.0049 -0.0146 377 GLY A O   
325 N N   . VAL A 48 ? 0.0939 0.1336 0.0991 0.0001  0.0004  -0.0078 378 VAL A N   
326 C CA  . VAL A 48 ? 0.0947 0.1402 0.0990 0.0014  0.0018  -0.0127 378 VAL A CA  
327 C C   . VAL A 48 ? 0.0934 0.1331 0.1026 0.0044  0.0008  -0.0148 378 VAL A C   
328 O O   . VAL A 48 ? 0.1143 0.1489 0.1248 0.0038  0.0016  -0.0104 378 VAL A O   
329 C CB  . VAL A 48 ? 0.1292 0.1797 0.1297 -0.0018 0.0042  -0.0087 378 VAL A CB  
330 C CG1 . VAL A 48 ? 0.1184 0.1789 0.1195 -0.0012 0.0059  -0.0124 378 VAL A CG1 
331 C CG2 . VAL A 48 ? 0.1168 0.1727 0.1123 -0.0058 0.0037  -0.0055 378 VAL A CG2 
332 N N   . ALA A 49 ? 0.1056 0.1456 0.1169 0.0080  -0.0018 -0.0215 379 ALA A N   
333 C CA  . ALA A 49 ? 0.1269 0.1600 0.1430 0.0109  -0.0043 -0.0226 379 ALA A CA  
334 C C   . ALA A 49 ? 0.1218 0.1610 0.1388 0.0114  -0.0011 -0.0216 379 ALA A C   
335 O O   . ALA A 49 ? 0.1297 0.1812 0.1446 0.0113  0.0019  -0.0235 379 ALA A O   
336 C CB  . ALA A 49 ? 0.1501 0.1801 0.1676 0.0162  -0.0093 -0.0314 379 ALA A CB  
337 N N   . SER A 50 ? 0.1014 0.1340 0.1212 0.0110  -0.0022 -0.0180 380 SER A N   
338 C CA  . SER A 50 ? 0.0903 0.1276 0.1108 0.0108  -0.0002 -0.0166 380 SER A CA  
339 C C   . SER A 50 ? 0.1006 0.1320 0.1260 0.0133  -0.0041 -0.0166 380 SER A C   
340 O O   . SER A 50 ? 0.1259 0.1474 0.1533 0.0134  -0.0083 -0.0152 380 SER A O   
341 C CB  . SER A 50 ? 0.1028 0.1383 0.1186 0.0060  0.0027  -0.0103 380 SER A CB  
342 O OG  . SER A 50 ? 0.0971 0.1240 0.1123 0.0051  0.0020  -0.0065 380 SER A OG  
343 N N   . SER A 51 ? 0.0916 0.1296 0.1192 0.0144  -0.0035 -0.0169 381 SER A N   
344 C CA  . SER A 51 ? 0.1056 0.1384 0.1376 0.0164  -0.0076 -0.0155 381 SER A CA  
345 C C   . SER A 51 ? 0.1071 0.1454 0.1382 0.0131  -0.0056 -0.0115 381 SER A C   
346 O O   . SER A 51 ? 0.1096 0.1574 0.1379 0.0106  -0.0021 -0.0113 381 SER A O   
347 C CB  . SER A 51 ? 0.1527 0.1867 0.1910 0.0242  -0.0124 -0.0226 381 SER A CB  
348 O OG  . SER A 51 ? 0.1962 0.2472 0.2368 0.0280  -0.0095 -0.0271 381 SER A OG  
349 N N   . TYR A 52 ? 0.0932 0.1252 0.1257 0.0122  -0.0088 -0.0075 382 TYR A N   
350 C CA  . TYR A 52 ? 0.1052 0.1395 0.1347 0.0081  -0.0079 -0.0032 382 TYR A CA  
351 C C   . TYR A 52 ? 0.1195 0.1532 0.1542 0.0098  -0.0129 -0.0013 382 TYR A C   
352 O O   . TYR A 52 ? 0.1051 0.1312 0.1438 0.0123  -0.0181 -0.0007 382 TYR A O   
353 C CB  . TYR A 52 ? 0.1519 0.1783 0.1738 0.0035  -0.0061 0.0014  382 TYR A CB  
354 C CG  . TYR A 52 ? 0.1081 0.1327 0.1253 0.0028  -0.0025 0.0004  382 TYR A CG  
355 C CD1 . TYR A 52 ? 0.1142 0.1391 0.1251 0.0002  0.0002  0.0006  382 TYR A CD1 
356 C CD2 . TYR A 52 ? 0.0895 0.1112 0.1093 0.0044  -0.0031 -0.0005 382 TYR A CD2 
357 C CE1 . TYR A 52 ? 0.1121 0.1348 0.1196 0.0001  0.0023  0.0001  382 TYR A CE1 
358 C CE2 . TYR A 52 ? 0.0996 0.1211 0.1160 0.0040  -0.0003 -0.0010 382 TYR A CE2 
359 C CZ  . TYR A 52 ? 0.1045 0.1265 0.1149 0.0023  0.0025  -0.0007 382 TYR A CZ  
360 O OH  . TYR A 52 ? 0.1231 0.1440 0.1304 0.0023  0.0041  -0.0006 382 TYR A OH  
361 N N   . ASN A 53 ? 0.1087 0.1492 0.1426 0.0073  -0.0127 0.0007  383 ASN A N   
362 C CA  . ASN A 53 ? 0.1024 0.1427 0.1395 0.0071  -0.0175 0.0043  383 ASN A CA  
363 C C   . ASN A 53 ? 0.1264 0.1647 0.1545 0.0001  -0.0161 0.0090  383 ASN A C   
364 O O   . ASN A 53 ? 0.1328 0.1749 0.1560 -0.0035 -0.0132 0.0084  383 ASN A O   
365 C CB  . ASN A 53 ? 0.1040 0.1581 0.1497 0.0114  -0.0194 0.0018  383 ASN A CB  
366 C CG  . ASN A 53 ? 0.1134 0.1702 0.1680 0.0211  -0.0221 -0.0047 383 ASN A CG  
367 O OD1 . ASN A 53 ? 0.1467 0.1908 0.2019 0.0240  -0.0254 -0.0060 383 ASN A OD1 
368 N ND2 . ASN A 53 ? 0.1475 0.2224 0.2093 0.0264  -0.0214 -0.0090 383 ASN A ND2 
369 N N   . ILE A 54 ? 0.1072 0.1397 0.1326 -0.0021 -0.0193 0.0137  384 ILE A N   
370 C CA  . ILE A 54 ? 0.1069 0.1382 0.1227 -0.0078 -0.0187 0.0168  384 ILE A CA  
371 C C   . ILE A 54 ? 0.1172 0.1545 0.1365 -0.0093 -0.0234 0.0196  384 ILE A C   
372 O O   . ILE A 54 ? 0.1195 0.1576 0.1467 -0.0065 -0.0286 0.0222  384 ILE A O   
373 C CB  . ILE A 54 ? 0.1273 0.1533 0.1368 -0.0099 -0.0188 0.0207  384 ILE A CB  
374 C CG1 . ILE A 54 ? 0.1335 0.1567 0.1404 -0.0084 -0.0141 0.0183  384 ILE A CG1 
375 C CG2 . ILE A 54 ? 0.1366 0.1633 0.1351 -0.0144 -0.0188 0.0227  384 ILE A CG2 
376 C CD1 . ILE A 54 ? 0.1709 0.1945 0.1730 -0.0105 -0.0133 0.0224  384 ILE A CD1 
377 N N   . THR A 55 ? 0.1252 0.1659 0.1388 -0.0138 -0.0229 0.0196  385 THR A N   
378 C CA  . THR A 55 ? 0.1147 0.1636 0.1324 -0.0159 -0.0278 0.0227  385 THR A CA  
379 C C   . THR A 55 ? 0.1424 0.1876 0.1572 -0.0177 -0.0323 0.0278  385 THR A C   
380 O O   . THR A 55 ? 0.1508 0.1896 0.1541 -0.0212 -0.0309 0.0289  385 THR A O   
381 C CB  . THR A 55 ? 0.1500 0.2013 0.1602 -0.0227 -0.0278 0.0227  385 THR A CB  
382 O OG1 . THR A 55 ? 0.1863 0.2421 0.1994 -0.0221 -0.0242 0.0196  385 THR A OG1 
383 C CG2 . THR A 55 ? 0.1636 0.2268 0.1797 -0.0257 -0.0332 0.0267  385 THR A CG2 
384 N N   . SER A 56 ? 0.1431 0.1934 0.1686 -0.0147 -0.0379 0.0310  386 SER A N   
385 C CA  . SER A 56 ? 0.1295 0.1767 0.1537 -0.0170 -0.0440 0.0376  386 SER A CA  
386 C C   . SER A 56 ? 0.1676 0.2059 0.1875 -0.0175 -0.0433 0.0401  386 SER A C   
387 O O   . SER A 56 ? 0.1772 0.2145 0.1915 -0.0223 -0.0467 0.0467  386 SER A O   
388 C CB  . SER A 56 ? 0.1532 0.2030 0.1666 -0.0245 -0.0456 0.0409  386 SER A CB  
389 O OG  . SER A 56 ? 0.2171 0.2767 0.2354 -0.0256 -0.0476 0.0403  386 SER A OG  
390 N N   . GLY A 57 ? 0.1548 0.1888 0.1782 -0.0134 -0.0398 0.0360  387 GLY A N   
391 C CA  . GLY A 57 ? 0.1470 0.1746 0.1672 -0.0149 -0.0393 0.0390  387 GLY A CA  
392 C C   . GLY A 57 ? 0.1307 0.1523 0.1602 -0.0093 -0.0406 0.0358  387 GLY A C   
393 O O   . GLY A 57 ? 0.1550 0.1770 0.1943 -0.0029 -0.0440 0.0321  387 GLY A O   
394 N N   . PRO A 58 ? 0.1444 0.1620 0.1706 -0.0110 -0.0382 0.0367  388 PRO A N   
395 C CA  . PRO A 58 ? 0.1650 0.1749 0.1987 -0.0069 -0.0412 0.0343  388 PRO A CA  
396 C C   . PRO A 58 ? 0.1480 0.1600 0.1868 0.0005  -0.0377 0.0246  388 PRO A C   
397 O O   . PRO A 58 ? 0.1495 0.1685 0.1839 0.0004  -0.0304 0.0204  388 PRO A O   
398 C CB  . PRO A 58 ? 0.2198 0.2298 0.2475 -0.0117 -0.0372 0.0371  388 PRO A CB  
399 C CG  . PRO A 58 ? 0.1870 0.2040 0.2065 -0.0184 -0.0363 0.0443  388 PRO A CG  
400 C CD  . PRO A 58 ? 0.1741 0.1954 0.1900 -0.0170 -0.0340 0.0408  388 PRO A CD  
401 N N   . GLN A 59 ? 0.1712 0.1773 0.2187 0.0071  -0.0438 0.0209  389 GLN A N   
402 C CA  . GLN A 59 ? 0.1513 0.1629 0.2043 0.0155  -0.0414 0.0113  389 GLN A CA  
403 C C   . GLN A 59 ? 0.1793 0.1819 0.2335 0.0187  -0.0428 0.0066  389 GLN A C   
404 O O   . GLN A 59 ? 0.1995 0.1890 0.2538 0.0161  -0.0498 0.0109  389 GLN A O   
405 C CB  . GLN A 59 ? 0.1711 0.1858 0.2338 0.0233  -0.0481 0.0086  389 GLN A CB  
406 C CG  . GLN A 59 ? 0.1481 0.1714 0.2110 0.0200  -0.0489 0.0141  389 GLN A CG  
407 C CD  . GLN A 59 ? 0.1717 0.2115 0.2321 0.0181  -0.0404 0.0112  389 GLN A CD  
408 O OE1 . GLN A 59 ? 0.1731 0.2254 0.2394 0.0242  -0.0380 0.0047  389 GLN A OE1 
409 N NE2 . GLN A 59 ? 0.1408 0.1808 0.1916 0.0092  -0.0367 0.0162  389 GLN A NE2 
410 N N   . GLY A 60 ? 0.1399 0.1501 0.1942 0.0232  -0.0371 -0.0016 390 GLY A N   
411 C CA  . GLY A 60 ? 0.1562 0.1588 0.2108 0.0269  -0.0389 -0.0073 390 GLY A CA  
412 C C   . GLY A 60 ? 0.1481 0.1436 0.1968 0.0191  -0.0371 -0.0023 390 GLY A C   
413 O O   . GLY A 60 ? 0.1886 0.1725 0.2379 0.0195  -0.0429 -0.0032 390 GLY A O   
414 N N   . ILE A 61 ? 0.1109 0.1495 0.1638 -0.0093 -0.0106 0.0146  391 ILE A N   
415 C CA  . ILE A 61 ? 0.1004 0.1362 0.1439 -0.0119 -0.0094 0.0127  391 ILE A CA  
416 C C   . ILE A 61 ? 0.1168 0.1443 0.1569 -0.0099 -0.0058 0.0053  391 ILE A C   
417 O O   . ILE A 61 ? 0.1361 0.1637 0.1756 -0.0077 -0.0024 0.0012  391 ILE A O   
418 C CB  . ILE A 61 ? 0.1038 0.1480 0.1378 -0.0145 -0.0090 0.0113  391 ILE A CB  
419 C CG1 . ILE A 61 ? 0.1129 0.1682 0.1460 -0.0157 -0.0134 0.0173  391 ILE A CG1 
420 C CG2 . ILE A 61 ? 0.1261 0.1691 0.1517 -0.0156 -0.0063 0.0096  391 ILE A CG2 
421 C CD1 . ILE A 61 ? 0.1470 0.2088 0.1723 -0.0175 -0.0144 0.0113  391 ILE A CD1 
422 N N   . THR A 62 ? 0.1054 0.1277 0.1438 -0.0109 -0.0067 0.0044  392 THR A N   
423 C CA  . THR A 62 ? 0.1133 0.1304 0.1462 -0.0088 -0.0047 -0.0026 392 THR A CA  
424 C C   . THR A 62 ? 0.1331 0.1538 0.1601 -0.0114 -0.0045 -0.0022 392 THR A C   
425 O O   . THR A 62 ? 0.1274 0.1525 0.1571 -0.0149 -0.0064 0.0034  392 THR A O   
426 C CB  . THR A 62 ? 0.1128 0.1198 0.1498 -0.0067 -0.0076 -0.0071 392 THR A CB  
427 O OG1 . THR A 62 ? 0.1814 0.1851 0.2265 -0.0112 -0.0128 -0.0025 392 THR A OG1 
428 C CG2 . THR A 62 ? 0.1436 0.1471 0.1871 -0.0017 -0.0061 -0.0078 392 THR A CG2 
429 N N   . ASN A 63 ? 0.1122 0.1329 0.1321 -0.0089 -0.0017 -0.0065 393 ASN A N   
430 C CA  . ASN A 63 ? 0.1038 0.1287 0.1199 -0.0099 -0.0016 -0.0056 393 ASN A CA  
431 C C   . ASN A 63 ? 0.1087 0.1316 0.1192 -0.0067 -0.0024 -0.0107 393 ASN A C   
432 O O   . ASN A 63 ? 0.1339 0.1550 0.1392 -0.0021 0.0011  -0.0139 393 ASN A O   
433 C CB  . ASN A 63 ? 0.0946 0.1240 0.1067 -0.0090 0.0037  -0.0038 393 ASN A CB  
434 C CG  . ASN A 63 ? 0.1006 0.1351 0.1103 -0.0083 0.0049  -0.0017 393 ASN A CG  
435 O OD1 . ASN A 63 ? 0.1089 0.1439 0.1149 -0.0050 0.0066  -0.0026 393 ASN A OD1 
436 N ND2 . ASN A 63 ? 0.1189 0.1592 0.1312 -0.0104 0.0046  0.0025  393 ASN A ND2 
437 N N   . THR A 64 ? 0.1286 0.1541 0.1402 -0.0089 -0.0074 -0.0110 394 THR A N   
438 C CA  . THR A 64 ? 0.1199 0.1455 0.1246 -0.0063 -0.0107 -0.0168 394 THR A CA  
439 C C   . THR A 64 ? 0.1294 0.1630 0.1255 -0.0016 -0.0063 -0.0144 394 THR A C   
440 O O   . THR A 64 ? 0.1655 0.2011 0.1524 0.0023  -0.0082 -0.0186 394 THR A O   
441 C CB  . THR A 64 ? 0.1929 0.2206 0.2048 -0.0117 -0.0195 -0.0175 394 THR A CB  
442 O OG1 . THR A 64 ? 0.2689 0.3070 0.2869 -0.0144 -0.0180 -0.0088 394 THR A OG1 
443 C CG2 . THR A 64 ? 0.2023 0.2203 0.2252 -0.0164 -0.0244 -0.0190 394 THR A CG2 
444 N N   . GLY A 65 ? 0.1134 0.1509 0.1117 -0.0014 -0.0006 -0.0080 395 GLY A N   
445 C CA  . GLY A 65 ? 0.1230 0.1669 0.1169 0.0030  0.0033  -0.0038 395 GLY A CA  
446 C C   . GLY A 65 ? 0.1092 0.1626 0.1068 0.0021  -0.0007 0.0000  395 GLY A C   
447 O O   . GLY A 65 ? 0.1168 0.1771 0.1114 0.0067  0.0014  0.0043  395 GLY A O   
448 N N   . ASN A 66 ? 0.1156 0.1715 0.1220 -0.0037 -0.0062 0.0004  396 ASN A N   
449 C CA  . ASN A 66 ? 0.1218 0.1899 0.1356 -0.0053 -0.0104 0.0052  396 ASN A CA  
450 C C   . ASN A 66 ? 0.1118 0.1846 0.1370 -0.0090 -0.0083 0.0114  396 ASN A C   
451 O O   . ASN A 66 ? 0.1548 0.2378 0.1914 -0.0131 -0.0134 0.0158  396 ASN A O   
452 C CB  . ASN A 66 ? 0.1619 0.2324 0.1771 -0.0092 -0.0217 -0.0002 396 ASN A CB  
453 C CG  . ASN A 66 ? 0.3445 0.4128 0.3445 -0.0037 -0.0234 -0.0070 396 ASN A CG  
454 O OD1 . ASN A 66 ? 0.5104 0.5691 0.5043 -0.0041 -0.0267 -0.0160 396 ASN A OD1 
455 N ND2 . ASN A 66 ? 0.3045 0.3823 0.2981 0.0025  -0.0203 -0.0019 396 ASN A ND2 
456 N N   . GLY A 67 ? 0.0997 0.1674 0.1224 -0.0076 -0.0012 0.0123  397 GLY A N   
457 C CA  . GLY A 67 ? 0.1238 0.1985 0.1536 -0.0094 0.0019  0.0183  397 GLY A CA  
458 C C   . GLY A 67 ? 0.1037 0.1707 0.1274 -0.0093 0.0061  0.0161  397 GLY A C   
459 O O   . GLY A 67 ? 0.1150 0.1724 0.1311 -0.0072 0.0080  0.0106  397 GLY A O   
460 N N   . TRP A 68 ? 0.1080 0.1813 0.1362 -0.0118 0.0070  0.0216  398 TRP A N   
461 C CA  . TRP A 68 ? 0.1139 0.1844 0.1353 -0.0111 0.0101  0.0205  398 TRP A CA  
462 C C   . TRP A 68 ? 0.1066 0.1727 0.1323 -0.0161 0.0048  0.0222  398 TRP A C   
463 O O   . TRP A 68 ? 0.1594 0.2281 0.1965 -0.0205 0.0004  0.0279  398 TRP A O   
464 C CB  . TRP A 68 ? 0.1205 0.2041 0.1419 -0.0089 0.0155  0.0272  398 TRP A CB  
465 C CG  . TRP A 68 ? 0.1031 0.1907 0.1198 -0.0019 0.0227  0.0254  398 TRP A CG  
466 C CD1 . TRP A 68 ? 0.1119 0.2109 0.1371 0.0009  0.0255  0.0313  398 TRP A CD1 
467 C CD2 . TRP A 68 ? 0.1125 0.1929 0.1174 0.0034  0.0279  0.0171  398 TRP A CD2 
468 N NE1 . TRP A 68 ? 0.1474 0.2458 0.1662 0.0089  0.0331  0.0277  398 TRP A NE1 
469 C CE2 . TRP A 68 ? 0.1297 0.2152 0.1360 0.0102  0.0345  0.0182  398 TRP A CE2 
470 C CE3 . TRP A 68 ? 0.1395 0.2094 0.1349 0.0028  0.0269  0.0088  398 TRP A CE3 
471 C CZ2 . TRP A 68 ? 0.1405 0.2178 0.1383 0.0168  0.0405  0.0101  398 TRP A CZ2 
472 C CZ3 . TRP A 68 ? 0.1768 0.2398 0.1641 0.0078  0.0317  0.0004  398 TRP A CZ3 
473 C CH2 . TRP A 68 ? 0.1509 0.2160 0.1393 0.0149  0.0386  0.0005  398 TRP A CH2 
474 N N   . THR A 69 ? 0.1310 0.1910 0.1498 -0.0152 0.0051  0.0181  399 THR A N   
475 C CA  . THR A 69 ? 0.1277 0.1860 0.1505 -0.0181 0.0013  0.0216  399 THR A CA  
476 C C   . THR A 69 ? 0.1318 0.1997 0.1478 -0.0167 0.0040  0.0262  399 THR A C   
477 O O   . THR A 69 ? 0.1345 0.2024 0.1395 -0.0138 0.0066  0.0197  399 THR A O   
478 C CB  . THR A 69 ? 0.1169 0.1647 0.1377 -0.0173 -0.0006 0.0145  399 THR A CB  
479 O OG1 . THR A 69 ? 0.1208 0.1612 0.1445 -0.0171 -0.0025 0.0099  399 THR A OG1 
480 C CG2 . THR A 69 ? 0.1270 0.1740 0.1539 -0.0190 -0.0044 0.0194  399 THR A CG2 
481 N N   . THR A 70 ? 0.1288 0.2050 0.1515 -0.0187 0.0032  0.0373  400 THR A N   
482 C CA  . THR A 70 ? 0.1261 0.2141 0.1404 -0.0166 0.0052  0.0432  400 THR A CA  
483 C C   . THR A 70 ? 0.1343 0.2186 0.1483 -0.0174 0.0002  0.0434  400 THR A C   
484 O O   . THR A 70 ? 0.1659 0.2425 0.1926 -0.0200 -0.0039 0.0471  400 THR A O   
485 C CB  . THR A 70 ? 0.1168 0.2180 0.1399 -0.0179 0.0075  0.0585  400 THR A CB  
486 O OG1 . THR A 70 ? 0.1438 0.2512 0.1693 -0.0166 0.0123  0.0588  400 THR A OG1 
487 C CG2 . THR A 70 ? 0.1454 0.2617 0.1576 -0.0145 0.0102  0.0666  400 THR A CG2 
488 N N   . VAL A 71 ? 0.1201 0.2096 0.1204 -0.0148 -0.0001 0.0384  401 VAL A N   
489 C CA  . VAL A 71 ? 0.1374 0.2270 0.1383 -0.0153 -0.0057 0.0391  401 VAL A CA  
490 C C   . VAL A 71 ? 0.1513 0.2581 0.1432 -0.0132 -0.0064 0.0489  401 VAL A C   
491 O O   . VAL A 71 ? 0.1727 0.2879 0.1477 -0.0105 -0.0062 0.0422  401 VAL A O   
492 C CB  . VAL A 71 ? 0.1517 0.2347 0.1470 -0.0153 -0.0076 0.0254  401 VAL A CB  
493 C CG1 . VAL A 71 ? 0.1563 0.2424 0.1565 -0.0160 -0.0140 0.0276  401 VAL A CG1 
494 C CG2 . VAL A 71 ? 0.1525 0.2212 0.1547 -0.0162 -0.0053 0.0180  401 VAL A CG2 
495 N N   . ALA A 72 ? 0.2333 0.2282 0.2328 -0.0621 -0.0355 0.1013  402 ALA A N   
496 C CA  . ALA A 72 ? 0.2883 0.2839 0.2756 -0.0655 -0.0345 0.1085  402 ALA A CA  
497 C C   . ALA A 72 ? 0.2910 0.2769 0.2694 -0.0530 -0.0382 0.1072  402 ALA A C   
498 O O   . ALA A 72 ? 0.2962 0.2682 0.2765 -0.0424 -0.0440 0.1011  402 ALA A O   
499 C CB  . ALA A 72 ? 0.3250 0.2995 0.3032 -0.0764 -0.0402 0.1155  402 ALA A CB  
500 N N   . ASN A 73 ? 0.3530 0.3510 0.3224 -0.0537 -0.0348 0.1116  403 ASN A N   
501 C CA  . ASN A 73 ? 0.3466 0.3384 0.3057 -0.0428 -0.0396 0.1115  403 ASN A CA  
502 C C   . ASN A 73 ? 0.3282 0.3347 0.2935 -0.0323 -0.0376 0.1026  403 ASN A C   
503 O O   . ASN A 73 ? 0.3097 0.3121 0.2702 -0.0217 -0.0440 0.0995  403 ASN A O   
504 C CB  . ASN A 73 ? 0.4039 0.3629 0.3543 -0.0363 -0.0507 0.1136  403 ASN A CB  
505 C CG  . ASN A 73 ? 0.5024 0.4425 0.4442 -0.0478 -0.0529 0.1229  403 ASN A CG  
506 O OD1 . ASN A 73 ? 0.5083 0.4591 0.4433 -0.0583 -0.0480 0.1308  403 ASN A OD1 
507 N ND2 . ASN A 73 ? 0.5378 0.4501 0.4790 -0.0465 -0.0601 0.1214  403 ASN A ND2 
508 N N   . ALA A 74 ? 0.2671 0.2921 0.2431 -0.0341 -0.0289 0.0963  404 ALA A N   
509 C CA  . ALA A 74 ? 0.2336 0.2729 0.2148 -0.0253 -0.0235 0.0823  404 ALA A CA  
510 C C   . ALA A 74 ? 0.2256 0.2865 0.1992 -0.0272 -0.0167 0.0822  404 ALA A C   
511 O O   . ALA A 74 ? 0.2555 0.3299 0.2274 -0.0349 -0.0104 0.0879  404 ALA A O   
512 C CB  . ALA A 74 ? 0.2266 0.2700 0.2207 -0.0245 -0.0171 0.0732  404 ALA A CB  
513 N N   . ALA A 75 ? 0.2082 0.2755 0.1772 -0.0205 -0.0178 0.0745  405 ALA A N   
514 C CA  . ALA A 75 ? 0.2344 0.3221 0.1943 -0.0220 -0.0127 0.0724  405 ALA A CA  
515 C C   . ALA A 75 ? 0.1662 0.2684 0.1315 -0.0238 -0.0007 0.0633  405 ALA A C   
516 O O   . ALA A 75 ? 0.1695 0.2654 0.1450 -0.0213 0.0030  0.0557  405 ALA A O   
517 C CB  . ALA A 75 ? 0.2973 0.3908 0.2539 -0.0149 -0.0170 0.0628  405 ALA A CB  
518 N N   . ASN A 76 ? 0.2003 0.3216 0.1569 -0.0272 0.0052  0.0641  406 ASN A N   
519 C CA  . ASN A 76 ? 0.1878 0.3220 0.1465 -0.0251 0.0157  0.0514  406 ASN A CA  
520 C C   . ASN A 76 ? 0.2143 0.3460 0.1705 -0.0208 0.0159  0.0366  406 ASN A C   
521 O O   . ASN A 76 ? 0.2717 0.4021 0.2237 -0.0200 0.0086  0.0366  406 ASN A O   
522 C CB  . ASN A 76 ? 0.1883 0.3466 0.1381 -0.0293 0.0223  0.0544  406 ASN A CB  
523 C CG  . ASN A 76 ? 0.2159 0.3777 0.1726 -0.0351 0.0232  0.0646  406 ASN A CG  
524 O OD1 . ASN A 76 ? 0.2245 0.3798 0.1925 -0.0352 0.0235  0.0666  406 ASN A OD1 
525 N ND2 . ASN A 76 ? 0.2355 0.4087 0.1856 -0.0409 0.0233  0.0704  406 ASN A ND2 
526 N N   . GLY A 77 ? 0.1731 0.3048 0.1312 -0.0182 0.0240  0.0237  407 GLY A N   
527 C CA  . GLY A 77 ? 0.1843 0.3099 0.1392 -0.0174 0.0252  0.0090  407 GLY A CA  
528 C C   . GLY A 77 ? 0.1565 0.2615 0.1197 -0.0160 0.0245  0.0046  407 GLY A C   
529 O O   . GLY A 77 ? 0.1574 0.2521 0.1284 -0.0135 0.0247  0.0103  407 GLY A O   
530 N N   . ASP A 78 ? 0.1445 0.2459 0.1053 -0.0189 0.0236  -0.0058 408 ASP A N   
531 C CA  . ASP A 78 ? 0.1718 0.2553 0.1376 -0.0199 0.0239  -0.0102 408 ASP A CA  
532 C C   . ASP A 78 ? 0.1745 0.2577 0.1490 -0.0183 0.0157  -0.0019 408 ASP A C   
533 O O   . ASP A 78 ? 0.2161 0.3117 0.1905 -0.0179 0.0089  -0.0004 408 ASP A O   
534 C CB  . ASP A 78 ? 0.1645 0.2475 0.1247 -0.0269 0.0262  -0.0245 408 ASP A CB  
535 C CG  . ASP A 78 ? 0.2059 0.2795 0.1557 -0.0290 0.0344  -0.0357 408 ASP A CG  
536 O OD1 . ASP A 78 ? 0.2353 0.2976 0.1837 -0.0227 0.0390  -0.0337 408 ASP A OD1 
537 O OD2 . ASP A 78 ? 0.2403 0.3174 0.1830 -0.0369 0.0359  -0.0478 408 ASP A OD2 
538 N N   . LEU A 79 ? 0.1446 0.2135 0.1255 -0.0160 0.0157  0.0024  409 LEU A N   
539 C CA  . LEU A 79 ? 0.1240 0.1894 0.1124 -0.0139 0.0084  0.0082  409 LEU A CA  
540 C C   . LEU A 79 ? 0.1329 0.1887 0.1233 -0.0161 0.0106  0.0006  409 LEU A C   
541 O O   . LEU A 79 ? 0.1432 0.1869 0.1296 -0.0181 0.0172  -0.0034 409 LEU A O   
542 C CB  . LEU A 79 ? 0.1169 0.1752 0.1106 -0.0112 0.0064  0.0193  409 LEU A CB  
543 C CG  . LEU A 79 ? 0.1107 0.1785 0.1018 -0.0120 0.0044  0.0294  409 LEU A CG  
544 C CD1 . LEU A 79 ? 0.1677 0.2305 0.1649 -0.0125 0.0042  0.0379  409 LEU A CD1 
545 C CD2 . LEU A 79 ? 0.1902 0.2611 0.1780 -0.0111 -0.0044 0.0348  409 LEU A CD2 
546 N N   . TYR A 80 ? 0.0997 0.1605 0.0951 -0.0151 0.0050  -0.0013 410 TYR A N   
547 C CA  . TYR A 80 ? 0.0979 0.1539 0.0953 -0.0180 0.0071  -0.0078 410 TYR A CA  
548 C C   . TYR A 80 ? 0.1242 0.1741 0.1282 -0.0122 0.0012  -0.0021 410 TYR A C   
549 O O   . TYR A 80 ? 0.1254 0.1817 0.1339 -0.0064 -0.0069 0.0000  410 TYR A O   
550 C CB  . TYR A 80 ? 0.1095 0.1835 0.1070 -0.0232 0.0074  -0.0189 410 TYR A CB  
551 C CG  . TYR A 80 ? 0.1088 0.1847 0.0979 -0.0312 0.0137  -0.0257 410 TYR A CG  
552 C CD1 . TYR A 80 ? 0.1426 0.2016 0.1234 -0.0399 0.0224  -0.0311 410 TYR A CD1 
553 C CD2 . TYR A 80 ? 0.1113 0.2005 0.0979 -0.0293 0.0112  -0.0254 410 TYR A CD2 
554 C CE1 . TYR A 80 ? 0.1325 0.1878 0.1039 -0.0466 0.0277  -0.0381 410 TYR A CE1 
555 C CE2 . TYR A 80 ? 0.1217 0.2115 0.0994 -0.0362 0.0170  -0.0329 410 TYR A CE2 
556 C CZ  . TYR A 80 ? 0.1326 0.2047 0.1031 -0.0447 0.0252  -0.0401 410 TYR A CZ  
557 O OH  . TYR A 80 ? 0.1895 0.2590 0.1498 -0.0510 0.0303  -0.0489 410 TYR A OH  
558 N N   . ILE A 81 ? 0.1198 0.1560 0.1232 -0.0130 0.0043  0.0001  411 ILE A N   
559 C CA  A ILE A 81 ? 0.1147 0.1438 0.1231 -0.0084 -0.0010 0.0053  411 ILE A CA  
560 C CA  B ILE A 81 ? 0.1133 0.1424 0.1218 -0.0084 -0.0010 0.0052  411 ILE A CA  
561 C C   . ILE A 81 ? 0.1020 0.1295 0.1093 -0.0105 0.0010  -0.0011 411 ILE A C   
562 O O   . ILE A 81 ? 0.1251 0.1432 0.1254 -0.0150 0.0074  -0.0019 411 ILE A O   
563 C CB  A ILE A 81 ? 0.1189 0.1384 0.1273 -0.0071 0.0000  0.0136  411 ILE A CB  
564 C CB  B ILE A 81 ? 0.1235 0.1429 0.1320 -0.0071 -0.0001 0.0137  411 ILE A CB  
565 C CG1 A ILE A 81 ? 0.1245 0.1507 0.1324 -0.0072 0.0002  0.0187  411 ILE A CG1 
566 C CG1 B ILE A 81 ? 0.1418 0.1671 0.1500 -0.0070 0.0001  0.0192  411 ILE A CG1 
567 C CG2 A ILE A 81 ? 0.1540 0.1681 0.1678 -0.0044 -0.0065 0.0182  411 ILE A CG2 
568 C CG2 B ILE A 81 ? 0.1463 0.1602 0.1601 -0.0043 -0.0067 0.0178  411 ILE A CG2 
569 C CD1 A ILE A 81 ? 0.1909 0.2166 0.2013 -0.0064 0.0013  0.0264  411 ILE A CD1 
570 C CD1 B ILE A 81 ? 0.1100 0.1354 0.1124 -0.0082 0.0081  0.0164  411 ILE A CD1 
571 N N   . LYS A 82 ? 0.1191 0.1552 0.1317 -0.0067 -0.0046 -0.0056 412 LYS A N   
572 C CA  . LYS A 82 ? 0.1065 0.1461 0.1185 -0.0084 -0.0028 -0.0122 412 LYS A CA  
573 C C   . LYS A 82 ? 0.1182 0.1456 0.1306 -0.0047 -0.0065 -0.0077 412 LYS A C   
574 O O   . LYS A 82 ? 0.1137 0.1358 0.1312 0.0012  -0.0142 -0.0037 412 LYS A O   
575 C CB  . LYS A 82 ? 0.1274 0.1872 0.1459 -0.0039 -0.0070 -0.0219 412 LYS A CB  
576 C CG  . LYS A 82 ? 0.1596 0.2282 0.1770 -0.0066 -0.0036 -0.0300 412 LYS A CG  
577 C CD  . LYS A 82 ? 0.1538 0.2507 0.1782 -0.0038 -0.0049 -0.0423 412 LYS A CD  
578 C CE  . LYS A 82 ? 0.1718 0.2815 0.1938 -0.0091 0.0007  -0.0505 412 LYS A CE  
579 N NZ  . LYS A 82 ? 0.2599 0.4017 0.2916 -0.0023 -0.0020 -0.0640 412 LYS A NZ  
580 N N   . ILE A 83 ? 0.1131 0.1352 0.1187 -0.0089 -0.0016 -0.0082 413 ILE A N   
581 C CA  . ILE A 83 ? 0.1077 0.1228 0.1127 -0.0059 -0.0054 -0.0060 413 ILE A CA  
582 C C   . ILE A 83 ? 0.1282 0.1555 0.1357 -0.0031 -0.0082 -0.0158 413 ILE A C   
583 O O   . ILE A 83 ? 0.1364 0.1742 0.1388 -0.0082 -0.0023 -0.0223 413 ILE A O   
584 C CB  . ILE A 83 ? 0.1178 0.1217 0.1121 -0.0096 -0.0002 -0.0010 413 ILE A CB  
585 C CG1 . ILE A 83 ? 0.1763 0.1704 0.1687 -0.0095 0.0027  0.0062  413 ILE A CG1 
586 C CG2 . ILE A 83 ? 0.1523 0.1525 0.1469 -0.0057 -0.0059 0.0015  413 ILE A CG2 
587 C CD1 . ILE A 83 ? 0.2245 0.2049 0.2065 -0.0088 0.0057  0.0120  413 ILE A CD1 
588 N N   . VAL A 84 ? 0.1295 0.1551 0.1440 0.0047  -0.0171 -0.0176 414 VAL A N   
589 C CA  . VAL A 84 ? 0.1072 0.1442 0.1252 0.0112  -0.0210 -0.0289 414 VAL A CA  
590 C C   . VAL A 84 ? 0.1346 0.1721 0.1473 0.0103  -0.0204 -0.0333 414 VAL A C   
591 O O   . VAL A 84 ? 0.1742 0.2288 0.1857 0.0111  -0.0175 -0.0439 414 VAL A O   
592 C CB  . VAL A 84 ? 0.1543 0.1819 0.1785 0.0210  -0.0319 -0.0288 414 VAL A CB  
593 C CG1 . VAL A 84 ? 0.1803 0.2164 0.2074 0.0312  -0.0372 -0.0422 414 VAL A CG1 
594 C CG2 . VAL A 84 ? 0.1598 0.1918 0.1871 0.0225  -0.0325 -0.0253 414 VAL A CG2 
595 N N   . SER A 85 ? 0.1379 0.1609 0.1474 0.0087  -0.0231 -0.0261 415 SER A N   
596 C CA  . SER A 85 ? 0.1501 0.1743 0.1536 0.0085  -0.0240 -0.0302 415 SER A CA  
597 C C   . SER A 85 ? 0.1510 0.1645 0.1489 0.0041  -0.0235 -0.0193 415 SER A C   
598 O O   . SER A 85 ? 0.1441 0.1488 0.1468 0.0038  -0.0257 -0.0108 415 SER A O   
599 C CB  . SER A 85 ? 0.1953 0.2151 0.2033 0.0165  -0.0339 -0.0388 415 SER A CB  
600 O OG  . SER A 85 ? 0.2437 0.2458 0.2564 0.0168  -0.0414 -0.0314 415 SER A OG  
601 N N   . ALA A 86 ? 0.1229 0.1399 0.1101 0.0015  -0.0208 -0.0201 416 ALA A N   
602 C CA  . ALA A 86 ? 0.1276 0.1377 0.1078 0.0002  -0.0221 -0.0113 416 ALA A CA  
603 C C   . ALA A 86 ? 0.1837 0.2004 0.1491 -0.0023 -0.0188 -0.0144 416 ALA A C   
604 O O   . ALA A 86 ? 0.1921 0.2146 0.1494 -0.0072 -0.0108 -0.0169 416 ALA A O   
605 C CB  . ALA A 86 ? 0.1401 0.1413 0.1174 -0.0016 -0.0168 -0.0002 416 ALA A CB  
606 N N   . SER A 87 ? 0.1537 0.1648 0.1412 0.0123  -0.0055 0.0024  417 SER A N   
607 C CA  . SER A 87 ? 0.1661 0.1830 0.1526 0.0097  -0.0058 0.0016  417 SER A CA  
608 C C   . SER A 87 ? 0.1553 0.1834 0.1509 0.0027  -0.0099 0.0037  417 SER A C   
609 O O   . SER A 87 ? 0.1710 0.2078 0.1662 0.0006  -0.0101 0.0043  417 SER A O   
610 C CB  . SER A 87 ? 0.1777 0.1811 0.1540 0.0046  -0.0044 -0.0014 417 SER A CB  
611 O OG  . SER A 87 ? 0.2427 0.2486 0.2241 -0.0041 -0.0083 -0.0003 417 SER A OG  
612 N N   . ARG A 88 ? 0.1193 0.1449 0.1202 -0.0001 -0.0122 0.0050  418 ARG A N   
613 C CA  . ARG A 88 ? 0.1046 0.1308 0.1084 -0.0045 -0.0143 0.0075  418 ARG A CA  
614 C C   . ARG A 88 ? 0.1189 0.1390 0.1249 -0.0035 -0.0144 0.0074  418 ARG A C   
615 O O   . ARG A 88 ? 0.1341 0.1534 0.1415 -0.0007 -0.0138 0.0058  418 ARG A O   
616 C CB  . ARG A 88 ? 0.1079 0.1338 0.1109 -0.0062 -0.0159 0.0101  418 ARG A CB  
617 C CG  . ARG A 88 ? 0.0968 0.1232 0.1010 -0.0056 -0.0166 0.0102  418 ARG A CG  
618 C CD  . ARG A 88 ? 0.0888 0.1253 0.0922 -0.0089 -0.0186 0.0134  418 ARG A CD  
619 N NE  . ARG A 88 ? 0.1276 0.1647 0.1240 -0.0140 -0.0176 0.0102  418 ARG A NE  
620 C CZ  . ARG A 88 ? 0.1126 0.1510 0.1014 -0.0208 -0.0170 0.0069  418 ARG A CZ  
621 N NH1 . ARG A 88 ? 0.1063 0.1515 0.0947 -0.0260 -0.0181 0.0072  418 ARG A NH1 
622 N NH2 . ARG A 88 ? 0.1371 0.1703 0.1166 -0.0234 -0.0146 0.0028  418 ARG A NH2 
623 N N   . SER A 89 ? 0.1137 0.1265 0.1171 -0.0062 -0.0143 0.0091  419 SER A N   
624 C CA  . SER A 89 ? 0.1215 0.1246 0.1233 -0.0044 -0.0128 0.0077  419 SER A CA  
625 C C   . SER A 89 ? 0.1110 0.1154 0.1172 0.0029  -0.0130 0.0093  419 SER A C   
626 O O   . SER A 89 ? 0.1160 0.1268 0.1246 0.0051  -0.0144 0.0129  419 SER A O   
627 C CB  . SER A 89 ? 0.1532 0.1388 0.1449 -0.0083 -0.0107 0.0088  419 SER A CB  
628 O OG  . SER A 89 ? 0.1660 0.1437 0.1550 -0.0030 -0.0107 0.0147  419 SER A OG  
629 N N   . PHE A 90 ? 0.1172 0.1202 0.1243 0.0054  -0.0116 0.0068  420 PHE A N   
630 C CA  . PHE A 90 ? 0.1117 0.1228 0.1236 0.0108  -0.0117 0.0082  420 PHE A CA  
631 C C   . PHE A 90 ? 0.1154 0.1199 0.1246 0.0155  -0.0086 0.0061  420 PHE A C   
632 O O   . PHE A 90 ? 0.1456 0.1392 0.1488 0.0119  -0.0069 0.0021  420 PHE A O   
633 C CB  . PHE A 90 ? 0.0970 0.1173 0.1115 0.0069  -0.0129 0.0069  420 PHE A CB  
634 C CG  . PHE A 90 ? 0.0928 0.1108 0.1058 0.0055  -0.0119 0.0038  420 PHE A CG  
635 C CD1 . PHE A 90 ? 0.1051 0.1225 0.1157 0.0039  -0.0119 0.0029  420 PHE A CD1 
636 C CD2 . PHE A 90 ? 0.1154 0.1367 0.1292 0.0063  -0.0110 0.0030  420 PHE A CD2 
637 C CE1 . PHE A 90 ? 0.1071 0.1292 0.1165 0.0048  -0.0112 0.0020  420 PHE A CE1 
638 C CE2 . PHE A 90 ? 0.0959 0.1176 0.1075 0.0061  -0.0102 0.0018  420 PHE A CE2 
639 C CZ  . PHE A 90 ? 0.1125 0.1356 0.1221 0.0061  -0.0103 0.0017  420 PHE A CZ  
640 N N   . ASN A 91 ? 0.1080 0.1218 0.1207 0.0231  -0.0075 0.0085  421 ASN A N   
641 C CA  . ASN A 91 ? 0.1043 0.1124 0.1132 0.0296  -0.0035 0.0059  421 ASN A CA  
642 C C   . ASN A 91 ? 0.1318 0.1544 0.1460 0.0258  -0.0042 0.0032  421 ASN A C   
643 O O   . ASN A 91 ? 0.1304 0.1714 0.1508 0.0236  -0.0062 0.0061  421 ASN A O   
644 C CB  . ASN A 91 ? 0.1255 0.1386 0.1339 0.0441  -0.0005 0.0110  421 ASN A CB  
645 C CG  . ASN A 91 ? 0.2312 0.2223 0.2295 0.0510  0.0020  0.0147  421 ASN A CG  
646 O OD1 . ASN A 91 ? 0.2562 0.2216 0.2437 0.0437  0.0033  0.0112  421 ASN A OD1 
647 N ND2 . ASN A 91 ? 0.3147 0.3170 0.3145 0.0650  0.0033  0.0228  421 ASN A ND2 
648 N N   . VAL A 92 ? 0.1033 0.1180 0.1126 0.0231  -0.0022 -0.0019 422 VAL A N   
649 C CA  . VAL A 92 ? 0.1115 0.1384 0.1239 0.0191  -0.0028 -0.0034 422 VAL A CA  
650 C C   . VAL A 92 ? 0.1332 0.1579 0.1405 0.0232  0.0014  -0.0078 422 VAL A C   
651 O O   . VAL A 92 ? 0.1428 0.1492 0.1404 0.0258  0.0050  -0.0116 422 VAL A O   
652 C CB  . VAL A 92 ? 0.1095 0.1348 0.1205 0.0113  -0.0052 -0.0043 422 VAL A CB  
653 C CG1 . VAL A 92 ? 0.1551 0.1719 0.1590 0.0074  -0.0038 -0.0089 422 VAL A CG1 
654 C CG2 . VAL A 92 ? 0.1331 0.1684 0.1453 0.0090  -0.0057 -0.0028 422 VAL A CG2 
655 N N   . LYS A 93 ? 0.1066 0.1474 0.1174 0.0229  0.0018  -0.0075 423 LYS A N   
656 C CA  . LYS A 93 ? 0.0955 0.1362 0.1006 0.0250  0.0058  -0.0127 423 LYS A CA  
657 C C   . LYS A 93 ? 0.1259 0.1790 0.1323 0.0172  0.0040  -0.0125 423 LYS A C   
658 O O   . LYS A 93 ? 0.1228 0.1850 0.1337 0.0130  0.0010  -0.0073 423 LYS A O   
659 C CB  . LYS A 93 ? 0.1521 0.2012 0.1572 0.0373  0.0107  -0.0126 423 LYS A CB  
660 C CG  . LYS A 93 ? 0.1879 0.2656 0.2039 0.0383  0.0085  -0.0061 423 LYS A CG  
661 C CD  . LYS A 93 ? 0.2310 0.3227 0.2470 0.0539  0.0142  -0.0054 423 LYS A CD  
662 C CE  . LYS A 93 ? 0.3031 0.4308 0.3297 0.0553  0.0124  0.0019  423 LYS A CE  
663 N NZ  . LYS A 93 ? 0.2873 0.4329 0.3134 0.0744  0.0185  0.0037  423 LYS A NZ  
664 N N   . PHE A 94 ? 0.1084 0.1586 0.1072 0.0146  0.0063  -0.0180 424 PHE A N   
665 C CA  A PHE A 94 ? 0.1116 0.1760 0.1097 0.0089  0.0053  -0.0173 424 PHE A CA  
666 C CA  B PHE A 94 ? 0.1091 0.1738 0.1075 0.0089  0.0053  -0.0172 424 PHE A CA  
667 C C   . PHE A 94 ? 0.1274 0.2017 0.1231 0.0128  0.0098  -0.0209 424 PHE A C   
668 O O   . PHE A 94 ? 0.1363 0.1999 0.1250 0.0190  0.0150  -0.0271 424 PHE A O   
669 C CB  A PHE A 94 ? 0.1314 0.1936 0.1225 0.0014  0.0043  -0.0210 424 PHE A CB  
670 C CB  B PHE A 94 ? 0.1415 0.2047 0.1329 0.0014  0.0042  -0.0206 424 PHE A CB  
671 C CG  A PHE A 94 ? 0.1150 0.1758 0.1091 -0.0013 0.0003  -0.0166 424 PHE A CG  
672 C CG  B PHE A 94 ? 0.1216 0.1820 0.1156 -0.0014 0.0004  -0.0169 424 PHE A CG  
673 C CD1 A PHE A 94 ? 0.1321 0.1785 0.1253 -0.0015 0.0002  -0.0183 424 PHE A CD1 
674 C CD1 B PHE A 94 ? 0.0895 0.1457 0.0901 0.0024  -0.0019 -0.0110 424 PHE A CD1 
675 C CD2 A PHE A 94 ? 0.1350 0.2087 0.1313 -0.0019 -0.0026 -0.0100 424 PHE A CD2 
676 C CD2 B PHE A 94 ? 0.1413 0.2062 0.1293 -0.0090 -0.0005 -0.0197 424 PHE A CD2 
677 C CE1 A PHE A 94 ? 0.1266 0.1753 0.1227 -0.0035 -0.0031 -0.0143 424 PHE A CE1 
678 C CE1 B PHE A 94 ? 0.1158 0.1703 0.1175 0.0015  -0.0045 -0.0081 424 PHE A CE1 
679 C CE2 A PHE A 94 ? 0.1542 0.2283 0.1522 -0.0010 -0.0051 -0.0058 424 PHE A CE2 
680 C CE2 B PHE A 94 ? 0.1415 0.2106 0.1323 -0.0106 -0.0036 -0.0158 424 PHE A CE2 
681 C CZ  A PHE A 94 ? 0.1339 0.1977 0.1328 -0.0023 -0.0055 -0.0085 424 PHE A CZ  
682 C CZ  B PHE A 94 ? 0.1428 0.2056 0.1406 -0.0039 -0.0053 -0.0101 424 PHE A CZ  
683 N N   . ASP A 95 ? 0.1118 0.2042 0.1105 0.0096  0.0089  -0.0166 425 ASP A N   
684 C CA  . ASP A 95 ? 0.0965 0.2045 0.0936 0.0125  0.0131  -0.0192 425 ASP A CA  
685 C C   . ASP A 95 ? 0.1292 0.2516 0.1246 0.0042  0.0113  -0.0150 425 ASP A C   
686 O O   . ASP A 95 ? 0.1193 0.2374 0.1138 -0.0009 0.0074  -0.0096 425 ASP A O   
687 C CB  . ASP A 95 ? 0.1230 0.2452 0.1277 0.0194  0.0146  -0.0156 425 ASP A CB  
688 C CG  . ASP A 95 ? 0.1362 0.2712 0.1383 0.0303  0.0215  -0.0205 425 ASP A CG  
689 O OD1 . ASP A 95 ? 0.1409 0.2808 0.1361 0.0287  0.0247  -0.0255 425 ASP A OD1 
690 O OD2 . ASP A 95 ? 0.1826 0.3258 0.1889 0.0420  0.0242  -0.0187 425 ASP A OD2 
691 N N   . ASN A 96 ? 0.1338 0.2740 0.1274 0.0046  0.0147  -0.0166 426 ASN A N   
692 C CA  . ASN A 96 ? 0.1201 0.2742 0.1102 -0.0033 0.0135  -0.0116 426 ASN A CA  
693 C C   . ASN A 96 ? 0.1447 0.3223 0.1360 -0.0028 0.0174  -0.0117 426 ASN A C   
694 O O   . ASN A 96 ? 0.1448 0.3280 0.1357 0.0061  0.0225  -0.0193 426 ASN A O   
695 C CB  . ASN A 96 ? 0.1351 0.2893 0.1172 -0.0069 0.0131  -0.0154 426 ASN A CB  
696 C CG  . ASN A 96 ? 0.1613 0.3137 0.1360 -0.0043 0.0185  -0.0280 426 ASN A CG  
697 O OD1 . ASN A 96 ? 0.1784 0.3112 0.1493 -0.0016 0.0200  -0.0347 426 ASN A OD1 
698 N ND2 . ASN A 96 ? 0.1947 0.3641 0.1640 -0.0057 0.0222  -0.0313 426 ASN A ND2 
699 N N   . TRP A 97 ? 0.1239 0.3139 0.1144 -0.0117 0.0158  -0.0032 427 TRP A N   
700 C CA  . TRP A 97 ? 0.1168 0.3327 0.1081 -0.0144 0.0185  -0.0021 427 TRP A CA  
701 C C   . TRP A 97 ? 0.1705 0.3892 0.1555 -0.0275 0.0157  0.0075  427 TRP A C   
702 O O   . TRP A 97 ? 0.1643 0.3657 0.1421 -0.0322 0.0141  0.0143  427 TRP A O   
703 C CB  . TRP A 97 ? 0.1208 0.3492 0.1204 -0.0101 0.0188  -0.0019 427 TRP A CB  
704 C CG  . TRP A 97 ? 0.1034 0.3271 0.1054 -0.0187 0.0159  0.0052  427 TRP A CG  
705 C CD1 . TRP A 97 ? 0.1586 0.3814 0.1540 -0.0349 0.0134  0.0131  427 TRP A CD1 
706 C CD2 . TRP A 97 ? 0.1178 0.3320 0.1259 -0.0130 0.0150  0.0043  427 TRP A CD2 
707 N NE1 . TRP A 97 ? 0.1119 0.3260 0.1078 -0.0409 0.0119  0.0162  427 TRP A NE1 
708 C CE2 . TRP A 97 ? 0.0919 0.3024 0.0972 -0.0272 0.0120  0.0112  427 TRP A CE2 
709 C CE3 . TRP A 97 ? 0.1013 0.3045 0.1140 0.0020  0.0162  -0.0017 427 TRP A CE3 
710 C CZ2 . TRP A 97 ? 0.1343 0.3347 0.1431 -0.0266 0.0095  0.0118  427 TRP A CZ2 
711 C CZ3 . TRP A 97 ? 0.1224 0.3164 0.1396 0.0035  0.0135  0.0005  427 TRP A CZ3 
712 C CH2 . TRP A 97 ? 0.1127 0.3079 0.1292 -0.0106 0.0099  0.0069  427 TRP A CH2 
713 O OXT . TRP A 97 ? 0.1841 0.4206 0.1695 -0.0325 0.0155  0.0091  427 TRP A OXT 
# 
